data_7OT6
#
_entry.id   7OT6
#
_cell.length_a   89.447
_cell.length_b   132.679
_cell.length_c   139.717
_cell.angle_alpha   90.000
_cell.angle_beta   98.510
_cell.angle_gamma   90.000
#
_symmetry.space_group_name_H-M   'P 1 21 1'
#
loop_
_entity.id
_entity.type
_entity.pdbx_description
1 polymer 'Reverse transcriptase/ribonuclease H'
2 polymer 'Reverse transcriptase/ribonuclease H'
3 polymer "DNA (5'-D(*AP*TP*GP*GP*AP*AP*GP*GP*CP*GP*CP*CP*CP*GP*AP*AP*CP*AP*GP*GP*GP*AP*CP*TP*GP*TP*G)-3')"
4 polymer "DNA (5'-D(*CP*AP*GP*TP*CP*CP*CP*TP*GP*TP*TP*CP*GP*GP*(MRG)*CP*GP*CP*CP*(DDG))-3')"
5 non-polymer 'MAGNESIUM ION'
6 non-polymer (R)-N-(1-(6-amino-9H-purin-9-yl)propan-2-yl)-N-(2-phosphonoethyl)glycine
#
loop_
_entity_poly.entity_id
_entity_poly.type
_entity_poly.pdbx_seq_one_letter_code
_entity_poly.pdbx_strand_id
1 'polypeptide(L)'
;MVPISPIETVPVKLKPGMDGPKVKQWPLTEEKIKALVEICTEMEKEGKISKIGPENPYNTPVFAIKKKDSTKWRKLVDFR
ELNKRTQDFWEVQLGIPHPAGLKKKKSVTVLDVGDAYFSVPLDEDFRKYTAFTIPSINNETPGIRYQYNVLPQGWKGSPA
IFQSSMTKILEPFKKQNPDIVIYQYMDDLYVGSDLEIGQHRTKIEELRQHLLRWGLTTPDKKHQKEPPFLWMGYELHPDK
WTVQPIVLPEKDSWTVNDICKLVGKLNWASQIYPGIKVRQLSKLLRGTKALTEVIPLTEEAELELAENREILKEPVHGVY
YDPSKDLIAEIQKQGQGQWTYQIYQEPFKNLKTGKYARMRGAHTNDVKQLTEAVQKITTESIVIWGKTPKFKLPIQKETW
ETWWTEYWQATWIPEWEFVNTPPLVKLWYQLEKEPIVGAETFYVDGAANRETKLGKAGYVTNKGRQKVVPLTNTTNQKTE
LQAIYLALQDSGLEVNIVTNSQYALGIIQAQPDKSESELVNQIIEQLIKKEKVYLAWVPAHKGIGGNEQVDKLVSA
;
C,A
2 'polypeptide(L)'
;PISPIETVPVKLKPGMDGPKVKQWPLTEEKIKALVEICTEMEKEGKISKIGPENPYNTPVFAIKKKDSTKWRKLVDFREL
NKRTQDFWEVQLGIPHPAGLKKKKSVTVLDVGDAYFSVPLDEDFRKYTAFTIPSINNETPGIRYQYNVLPQGWKGSPAIF
QSSMTKILEPFKKQNPDIVIYQYMDDLYVGSDLEIGQHRTKIEELRQHLLRWGLTTPDKKHQKEPPFLWMGYELHPDKWT
VQPIVLPEKDSWTVNDIQKLVGKLNWASQIYPGIKVRQLSKLLRGTKALTEVIPLTEEAELELAENREILKEPVHGVYYD
PSKDLIAEIQKQGQGQWTYQIYQEPFKNLKTGKYARMRGAHTNDVKQLTEAVQKITTESIVIWGKTPKFKLPIQKETWET
WWTEYWQATWIPEWEFVNTPPLVKLWYQ
;
D,B
3 'polydeoxyribonucleotide'
;(DA)(DT)(DG)(DG)(DT)(DC)(DG)(DG)(DC)(DG)(DC)(DC)(DC)(DG)(DA)(DA)(DC)(DA)(DG)(DG)
(DG)(DA)(DC)(DT)(DG)(DT)(DG)
;
E,T
4 'polydeoxyribonucleotide'
;(DC)(DA)(DG)(DT)(DC)(DC)(DC)(DT)(DG)(DT)(DT)(DC)(DG)(DG)(MRG)(DC)(DG)(DC)(DC)
(DDG)
;
F,P
#
# COMPACT_ATOMS: atom_id res chain seq x y z
N VAL A 2 -16.64 50.73 26.59
CA VAL A 2 -15.25 50.56 26.98
C VAL A 2 -14.33 50.82 25.79
N PRO A 3 -13.32 51.66 25.99
CA PRO A 3 -12.39 51.97 24.89
C PRO A 3 -11.61 50.75 24.45
N ILE A 4 -10.92 50.91 23.32
CA ILE A 4 -10.16 49.83 22.70
C ILE A 4 -8.69 50.01 23.03
N SER A 5 -8.02 48.93 23.42
CA SER A 5 -6.61 48.99 23.74
C SER A 5 -5.77 49.13 22.46
N PRO A 6 -4.64 49.84 22.54
CA PRO A 6 -3.80 49.98 21.34
C PRO A 6 -3.17 48.68 20.88
N ILE A 7 -2.98 47.72 21.79
CA ILE A 7 -2.35 46.46 21.46
C ILE A 7 -3.40 45.50 20.91
N GLU A 8 -3.01 44.72 19.90
CA GLU A 8 -3.90 43.70 19.36
C GLU A 8 -4.19 42.63 20.40
N THR A 9 -5.37 42.06 20.33
CA THR A 9 -5.79 41.03 21.26
C THR A 9 -5.47 39.65 20.71
N VAL A 10 -5.33 38.69 21.63
CA VAL A 10 -4.99 37.31 21.30
C VAL A 10 -6.25 36.47 21.43
N PRO A 11 -6.76 35.89 20.34
CA PRO A 11 -8.00 35.11 20.44
C PRO A 11 -7.79 33.84 21.27
N VAL A 12 -8.69 33.64 22.23
CA VAL A 12 -8.61 32.52 23.17
C VAL A 12 -9.96 31.81 23.20
N LYS A 13 -9.92 30.48 23.24
CA LYS A 13 -11.11 29.66 23.33
C LYS A 13 -11.03 28.75 24.55
N LEU A 14 -12.18 28.24 24.95
CA LEU A 14 -12.21 27.15 25.91
C LEU A 14 -11.98 25.82 25.17
N LYS A 15 -11.63 24.79 25.93
CA LYS A 15 -11.54 23.47 25.36
C LYS A 15 -12.93 23.00 24.93
N PRO A 16 -13.03 22.33 23.77
CA PRO A 16 -14.36 22.02 23.23
C PRO A 16 -15.18 21.17 24.17
N GLY A 17 -16.45 21.53 24.31
CA GLY A 17 -17.38 20.76 25.13
C GLY A 17 -17.30 21.01 26.62
N MET A 18 -16.82 22.17 27.03
CA MET A 18 -16.73 22.52 28.44
C MET A 18 -17.11 23.98 28.63
N ASP A 19 -17.89 24.24 29.68
CA ASP A 19 -18.45 25.56 29.95
C ASP A 19 -17.62 26.28 31.02
N GLY A 20 -17.86 27.58 31.15
CA GLY A 20 -17.13 28.41 32.08
C GLY A 20 -17.28 27.99 33.53
N PRO A 21 -16.53 28.66 34.43
CA PRO A 21 -16.66 28.18 35.80
C PRO A 21 -17.70 28.94 36.61
N LYS A 22 -18.49 28.23 37.41
CA LYS A 22 -19.48 28.88 38.23
C LYS A 22 -19.15 28.86 39.73
N VAL A 23 -17.96 28.42 40.09
CA VAL A 23 -17.55 28.30 41.50
C VAL A 23 -17.79 29.50 42.39
N LYS A 24 -18.25 29.28 43.62
CA LYS A 24 -18.56 30.39 44.52
C LYS A 24 -17.37 31.17 45.05
N GLN A 25 -17.50 31.72 46.26
CA GLN A 25 -16.40 32.53 46.78
C GLN A 25 -16.01 32.11 48.19
N TRP A 26 -14.70 32.13 48.46
CA TRP A 26 -14.22 31.88 49.81
C TRP A 26 -14.69 32.97 50.76
N PRO A 27 -14.81 32.66 52.05
CA PRO A 27 -14.99 33.73 53.05
C PRO A 27 -13.69 34.49 53.24
N LEU A 28 -13.78 35.81 53.26
CA LEU A 28 -12.61 36.66 53.28
C LEU A 28 -12.55 37.49 54.56
N THR A 29 -11.34 37.65 55.09
CA THR A 29 -11.13 38.52 56.25
C THR A 29 -11.50 39.96 55.89
N GLU A 30 -11.88 40.73 56.90
CA GLU A 30 -12.32 42.10 56.68
C GLU A 30 -11.19 43.02 56.23
N GLU A 31 -9.93 42.68 56.53
CA GLU A 31 -8.81 43.50 56.11
C GLU A 31 -8.50 43.32 54.62
N LYS A 32 -8.80 42.15 54.06
CA LYS A 32 -8.60 41.93 52.64
C LYS A 32 -9.78 42.43 51.82
N ILE A 33 -10.98 42.45 52.41
CA ILE A 33 -12.15 42.97 51.71
C ILE A 33 -11.96 44.45 51.39
N LYS A 34 -11.37 45.20 52.33
CA LYS A 34 -11.08 46.60 52.07
C LYS A 34 -10.04 46.76 50.96
N ALA A 35 -9.00 45.93 50.98
CA ALA A 35 -7.95 46.02 49.96
C ALA A 35 -8.47 45.69 48.58
N LEU A 36 -9.48 44.82 48.48
CA LEU A 36 -10.01 44.43 47.19
C LEU A 36 -10.97 45.48 46.63
N VAL A 37 -11.94 45.90 47.45
CA VAL A 37 -12.90 46.92 47.01
C VAL A 37 -12.19 48.22 46.68
N GLU A 38 -11.09 48.51 47.37
CA GLU A 38 -10.28 49.68 47.02
C GLU A 38 -9.59 49.49 45.68
N ILE A 39 -9.13 48.28 45.39
CA ILE A 39 -8.48 48.01 44.11
C ILE A 39 -9.51 47.77 43.01
N CYS A 40 -10.65 47.17 43.35
CA CYS A 40 -11.67 46.89 42.34
C CYS A 40 -12.29 48.18 41.80
N THR A 41 -12.61 49.12 42.69
CA THR A 41 -13.20 50.38 42.23
C THR A 41 -12.21 51.25 41.49
N GLU A 42 -10.91 51.08 41.73
CA GLU A 42 -9.91 51.85 40.99
C GLU A 42 -9.65 51.23 39.61
N MET A 43 -9.55 49.91 39.52
CA MET A 43 -9.39 49.27 38.22
C MET A 43 -10.64 49.43 37.37
N GLU A 44 -11.81 49.57 37.99
CA GLU A 44 -13.03 49.84 37.25
C GLU A 44 -13.00 51.23 36.62
N LYS A 45 -12.34 52.19 37.29
CA LYS A 45 -12.26 53.55 36.75
C LYS A 45 -11.35 53.60 35.53
N GLU A 46 -10.26 52.84 35.54
CA GLU A 46 -9.28 52.86 34.46
C GLU A 46 -9.62 51.91 33.32
N GLY A 47 -10.81 51.32 33.34
CA GLY A 47 -11.24 50.46 32.26
C GLY A 47 -10.66 49.07 32.24
N LYS A 48 -10.28 48.55 33.41
CA LYS A 48 -9.68 47.23 33.48
C LYS A 48 -10.63 46.15 33.98
N ILE A 49 -11.68 46.51 34.71
CA ILE A 49 -12.76 45.58 35.07
C ILE A 49 -14.08 46.31 34.93
N SER A 50 -15.11 45.60 34.47
CA SER A 50 -16.44 46.15 34.30
C SER A 50 -17.45 45.33 35.08
N LYS A 51 -18.50 45.99 35.53
CA LYS A 51 -19.57 45.31 36.24
C LYS A 51 -20.30 44.34 35.31
N ILE A 52 -20.91 43.32 35.91
CA ILE A 52 -21.71 42.35 35.17
C ILE A 52 -22.99 42.08 35.94
N GLY A 53 -24.06 41.82 35.20
CA GLY A 53 -25.34 41.53 35.80
C GLY A 53 -25.58 40.04 35.93
N PRO A 54 -26.84 39.65 36.15
CA PRO A 54 -27.15 38.22 36.28
C PRO A 54 -27.10 37.46 34.97
N GLU A 55 -26.90 38.14 33.84
CA GLU A 55 -26.74 37.43 32.56
C GLU A 55 -25.45 36.65 32.49
N ASN A 56 -24.51 36.91 33.40
CA ASN A 56 -23.25 36.19 33.49
C ASN A 56 -23.40 35.06 34.51
N PRO A 57 -23.57 33.81 34.07
CA PRO A 57 -23.78 32.70 35.00
C PRO A 57 -22.51 32.14 35.62
N TYR A 58 -21.36 32.76 35.38
CA TYR A 58 -20.08 32.23 35.82
C TYR A 58 -19.60 32.94 37.08
N ASN A 59 -18.69 32.28 37.79
CA ASN A 59 -18.11 32.84 39.01
C ASN A 59 -16.87 32.04 39.38
N THR A 60 -15.90 32.72 39.98
CA THR A 60 -14.63 32.14 40.39
C THR A 60 -14.15 32.86 41.64
N PRO A 61 -13.42 32.19 42.53
CA PRO A 61 -12.98 32.84 43.77
C PRO A 61 -11.93 33.90 43.50
N VAL A 62 -11.65 34.68 44.55
CA VAL A 62 -10.67 35.75 44.49
C VAL A 62 -10.14 35.99 45.90
N PHE A 63 -8.89 36.46 45.97
CA PHE A 63 -8.26 36.80 47.25
C PHE A 63 -7.21 37.86 46.98
N ALA A 64 -6.38 38.14 47.99
CA ALA A 64 -5.35 39.16 47.87
C ALA A 64 -4.23 38.87 48.85
N ILE A 65 -2.99 38.92 48.35
CA ILE A 65 -1.82 38.72 49.19
C ILE A 65 -1.06 40.03 49.29
N LYS A 66 -0.20 40.12 50.30
CA LYS A 66 0.58 41.32 50.53
C LYS A 66 1.78 41.35 49.58
N LYS A 67 1.99 42.50 48.95
CA LYS A 67 3.21 42.70 48.18
C LYS A 67 4.41 42.79 49.10
N LYS A 68 5.56 42.36 48.61
CA LYS A 68 6.78 42.35 49.40
C LYS A 68 7.31 43.77 49.54
N ASP A 69 7.50 44.20 50.80
CA ASP A 69 8.12 45.49 51.13
C ASP A 69 7.31 46.65 50.55
N SER A 70 6.01 46.65 50.81
CA SER A 70 5.12 47.71 50.38
C SER A 70 3.78 47.56 51.10
N THR A 71 3.00 48.63 51.08
CA THR A 71 1.66 48.63 51.64
C THR A 71 0.58 48.34 50.60
N LYS A 72 0.93 48.34 49.33
CA LYS A 72 -0.04 48.01 48.29
C LYS A 72 -0.32 46.52 48.27
N TRP A 73 -1.56 46.17 47.95
CA TRP A 73 -1.98 44.77 47.83
C TRP A 73 -2.05 44.37 46.37
N ARG A 74 -1.87 43.08 46.12
CA ARG A 74 -1.98 42.51 44.78
C ARG A 74 -3.24 41.66 44.70
N LYS A 75 -3.91 41.72 43.55
CA LYS A 75 -5.17 41.00 43.34
C LYS A 75 -4.89 39.74 42.52
N LEU A 76 -5.21 38.59 43.10
CA LEU A 76 -5.03 37.29 42.46
C LEU A 76 -6.36 36.57 42.36
N VAL A 77 -6.51 35.75 41.32
CA VAL A 77 -7.73 35.00 41.07
C VAL A 77 -7.40 33.52 41.07
N ASP A 78 -8.14 32.74 41.86
CA ASP A 78 -7.97 31.29 41.93
C ASP A 78 -8.67 30.67 40.73
N PHE A 79 -8.01 30.75 39.58
CA PHE A 79 -8.57 30.30 38.31
C PHE A 79 -8.34 28.80 38.09
N ARG A 80 -8.22 28.04 39.17
CA ARG A 80 -7.90 26.62 39.04
C ARG A 80 -8.96 25.86 38.25
N GLU A 81 -10.23 26.26 38.36
CA GLU A 81 -11.27 25.61 37.57
C GLU A 81 -11.32 26.15 36.14
N LEU A 82 -11.07 27.45 35.96
CA LEU A 82 -11.04 28.00 34.62
C LEU A 82 -9.84 27.47 33.83
N ASN A 83 -8.67 27.40 34.47
CA ASN A 83 -7.48 26.92 33.78
C ASN A 83 -7.64 25.49 33.30
N LYS A 84 -8.46 24.69 33.98
CA LYS A 84 -8.69 23.31 33.55
C LYS A 84 -9.42 23.28 32.21
N ARG A 85 -10.42 24.14 32.03
CA ARG A 85 -11.27 24.11 30.85
C ARG A 85 -10.84 25.09 29.77
N THR A 86 -9.78 25.86 30.00
CA THR A 86 -9.24 26.72 28.96
C THR A 86 -8.34 25.92 28.03
N GLN A 87 -8.22 26.40 26.79
CA GLN A 87 -7.37 25.75 25.81
C GLN A 87 -5.92 25.71 26.27
N ASP A 88 -5.19 24.75 25.76
CA ASP A 88 -3.76 24.67 26.02
C ASP A 88 -3.01 25.70 25.20
N PHE A 89 -1.99 26.30 25.79
CA PHE A 89 -1.12 27.25 25.12
C PHE A 89 0.26 26.65 24.95
N TRP A 90 1.00 27.12 23.96
CA TRP A 90 2.39 26.76 23.78
C TRP A 90 3.25 27.90 24.31
N GLU A 91 3.85 27.69 25.49
CA GLU A 91 4.68 28.70 26.09
C GLU A 91 5.87 29.03 25.19
N VAL A 92 6.22 30.31 25.12
CA VAL A 92 7.32 30.75 24.28
C VAL A 92 8.62 30.95 25.06
N GLN A 93 8.56 31.05 26.38
CA GLN A 93 9.78 31.19 27.17
C GLN A 93 10.51 29.86 27.23
N LEU A 94 11.44 29.66 26.29
CA LEU A 94 12.14 28.38 26.17
C LEU A 94 13.22 28.18 27.22
N GLY A 95 13.50 29.19 28.02
CA GLY A 95 14.52 29.09 29.05
C GLY A 95 14.75 30.43 29.69
N ILE A 96 15.75 30.46 30.57
CA ILE A 96 16.12 31.65 31.31
C ILE A 96 17.45 32.16 30.79
N PRO A 97 17.58 33.44 30.47
CA PRO A 97 18.88 33.96 30.04
C PRO A 97 19.90 33.88 31.17
N HIS A 98 21.18 33.82 30.79
CA HIS A 98 22.24 33.77 31.77
C HIS A 98 23.25 34.85 31.48
N PRO A 99 23.78 35.52 32.51
CA PRO A 99 24.74 36.60 32.28
C PRO A 99 26.00 36.16 31.56
N ALA A 100 26.36 34.87 31.62
CA ALA A 100 27.56 34.40 30.94
C ALA A 100 27.44 34.50 29.43
N GLY A 101 26.22 34.56 28.90
CA GLY A 101 26.00 34.74 27.48
C GLY A 101 25.97 36.16 27.00
N LEU A 102 26.10 37.14 27.90
CA LEU A 102 26.08 38.54 27.51
C LEU A 102 27.44 38.97 26.99
N LYS A 103 27.44 39.75 25.92
CA LYS A 103 28.67 40.32 25.38
C LYS A 103 28.86 41.72 25.93
N LYS A 104 30.12 42.09 26.16
CA LYS A 104 30.44 43.41 26.70
C LYS A 104 29.92 44.50 25.77
N LYS A 105 29.01 45.32 26.27
CA LYS A 105 28.43 46.41 25.51
C LYS A 105 28.87 47.74 26.10
N LYS A 106 29.19 48.69 25.22
CA LYS A 106 29.65 50.01 25.65
C LYS A 106 28.69 50.64 26.66
N SER A 107 27.41 50.69 26.30
CA SER A 107 26.37 51.28 27.15
C SER A 107 25.31 50.23 27.45
N VAL A 108 24.82 50.25 28.68
CA VAL A 108 23.81 49.30 29.14
C VAL A 108 22.70 50.07 29.86
N THR A 109 21.45 49.70 29.59
CA THR A 109 20.31 50.30 30.25
C THR A 109 19.33 49.21 30.63
N VAL A 110 18.72 49.35 31.81
CA VAL A 110 17.74 48.39 32.31
C VAL A 110 16.50 49.17 32.72
N LEU A 111 15.33 48.69 32.29
CA LEU A 111 14.06 49.29 32.67
C LEU A 111 13.03 48.19 32.85
N ASP A 112 11.95 48.53 33.55
CA ASP A 112 10.90 47.57 33.89
C ASP A 112 9.56 48.29 33.83
N VAL A 113 8.63 47.74 33.04
CA VAL A 113 7.37 48.43 32.79
C VAL A 113 6.42 48.21 33.97
N GLY A 114 5.62 49.24 34.25
CA GLY A 114 4.74 49.22 35.42
C GLY A 114 3.40 48.58 35.11
N ASP A 115 3.03 47.61 35.94
CA ASP A 115 1.79 46.84 35.77
C ASP A 115 1.68 46.32 34.34
N ALA A 116 2.56 45.36 34.03
CA ALA A 116 2.69 44.85 32.67
C ALA A 116 1.42 44.11 32.24
N TYR A 117 0.88 43.27 33.11
CA TYR A 117 -0.29 42.48 32.75
C TYR A 117 -1.52 43.36 32.52
N PHE A 118 -1.56 44.53 33.16
CA PHE A 118 -2.70 45.42 33.09
C PHE A 118 -2.61 46.43 31.95
N SER A 119 -1.52 46.41 31.19
CA SER A 119 -1.39 47.21 29.99
C SER A 119 -1.71 46.42 28.72
N VAL A 120 -2.01 45.14 28.85
CA VAL A 120 -2.26 44.26 27.72
C VAL A 120 -3.70 43.76 27.81
N PRO A 121 -4.49 43.87 26.77
CA PRO A 121 -5.92 43.51 26.86
C PRO A 121 -6.13 42.01 26.83
N LEU A 122 -7.40 41.62 27.02
CA LEU A 122 -7.78 40.21 26.96
C LEU A 122 -8.83 40.11 25.88
N ASP A 123 -9.02 38.93 25.33
CA ASP A 123 -9.97 38.76 24.24
C ASP A 123 -11.34 39.10 24.69
N GLU A 124 -12.11 39.73 23.81
CA GLU A 124 -13.42 40.18 24.22
C GLU A 124 -14.33 39.06 24.60
N ASP A 125 -14.34 37.99 23.84
CA ASP A 125 -15.29 36.95 24.14
C ASP A 125 -15.01 36.32 25.47
N PHE A 126 -13.75 36.13 25.79
CA PHE A 126 -13.41 35.45 27.03
C PHE A 126 -13.73 36.22 28.27
N ARG A 127 -13.85 37.52 28.14
CA ARG A 127 -14.04 38.32 29.32
C ARG A 127 -15.28 37.85 30.04
N LYS A 128 -16.28 37.42 29.28
CA LYS A 128 -17.51 37.00 29.90
C LYS A 128 -17.25 35.83 30.83
N TYR A 129 -16.36 34.93 30.45
CA TYR A 129 -16.01 33.83 31.31
C TYR A 129 -15.33 34.29 32.57
N THR A 130 -14.58 35.38 32.51
CA THR A 130 -13.81 35.80 33.67
C THR A 130 -14.64 36.55 34.65
N ALA A 131 -15.52 35.84 35.32
CA ALA A 131 -16.42 36.49 36.23
C ALA A 131 -16.20 36.06 37.65
N PHE A 132 -16.30 36.99 38.58
CA PHE A 132 -16.05 36.69 39.99
C PHE A 132 -16.88 37.61 40.87
N THR A 133 -17.03 37.24 42.13
CA THR A 133 -17.83 38.05 43.04
C THR A 133 -17.01 38.64 44.18
N ILE A 134 -17.19 39.93 44.48
CA ILE A 134 -16.50 40.55 45.60
C ILE A 134 -17.39 40.51 46.85
N PRO A 135 -17.00 39.79 47.93
CA PRO A 135 -17.87 39.81 49.10
C PRO A 135 -17.73 41.11 49.88
N SER A 136 -18.85 41.62 50.37
CA SER A 136 -18.86 42.85 51.14
C SER A 136 -18.50 42.58 52.59
N ILE A 137 -18.49 43.63 53.40
CA ILE A 137 -18.22 43.47 54.81
C ILE A 137 -19.37 42.75 55.51
N ASN A 138 -20.57 42.81 54.94
CA ASN A 138 -21.72 42.08 55.44
C ASN A 138 -21.93 40.84 54.59
N ASN A 139 -22.20 39.71 55.25
CA ASN A 139 -22.46 38.47 54.52
C ASN A 139 -23.79 38.47 53.80
N GLU A 140 -24.68 39.42 54.11
CA GLU A 140 -25.99 39.49 53.48
C GLU A 140 -26.00 40.33 52.21
N THR A 141 -25.07 41.27 52.06
CA THR A 141 -25.00 42.09 50.86
C THR A 141 -24.75 41.20 49.65
N PRO A 142 -25.45 41.42 48.53
CA PRO A 142 -25.26 40.53 47.37
C PRO A 142 -23.84 40.49 46.85
N GLY A 143 -23.12 41.60 46.89
CA GLY A 143 -21.74 41.64 46.43
C GLY A 143 -21.62 42.21 45.03
N ILE A 144 -20.40 42.63 44.70
CA ILE A 144 -20.11 43.30 43.43
C ILE A 144 -19.48 42.28 42.50
N ARG A 145 -20.08 42.09 41.33
CA ARG A 145 -19.59 41.15 40.33
C ARG A 145 -18.95 41.92 39.19
N TYR A 146 -17.66 41.69 38.98
CA TYR A 146 -16.91 42.27 37.88
C TYR A 146 -16.50 41.19 36.89
N GLN A 147 -15.98 41.66 35.75
CA GLN A 147 -15.43 40.76 34.72
C GLN A 147 -14.15 41.45 34.24
N TYR A 148 -13.07 40.70 34.06
CA TYR A 148 -11.79 41.29 33.68
C TYR A 148 -11.74 41.74 32.25
N ASN A 149 -10.84 42.66 31.93
CA ASN A 149 -10.69 43.10 30.56
C ASN A 149 -9.23 43.00 30.16
N VAL A 150 -8.34 42.83 31.12
CA VAL A 150 -6.93 42.64 30.78
C VAL A 150 -6.52 41.22 31.13
N LEU A 151 -5.23 40.98 31.26
CA LEU A 151 -4.72 39.66 31.61
C LEU A 151 -4.76 39.46 33.12
N PRO A 152 -5.61 38.57 33.63
CA PRO A 152 -5.72 38.39 35.09
C PRO A 152 -4.51 37.63 35.63
N GLN A 153 -3.81 38.26 36.57
CA GLN A 153 -2.69 37.60 37.23
C GLN A 153 -3.20 36.38 37.98
N GLY A 154 -2.69 35.21 37.62
CA GLY A 154 -3.19 33.94 38.12
C GLY A 154 -3.82 33.07 37.06
N TRP A 155 -4.04 33.59 35.86
CA TRP A 155 -4.56 32.82 34.75
C TRP A 155 -3.40 32.25 33.94
N LYS A 156 -3.61 31.05 33.39
CA LYS A 156 -2.51 30.31 32.77
C LYS A 156 -2.12 30.84 31.41
N GLY A 157 -2.94 31.68 30.78
CA GLY A 157 -2.61 32.19 29.46
C GLY A 157 -1.90 33.53 29.48
N SER A 158 -1.98 34.23 30.61
CA SER A 158 -1.42 35.58 30.70
C SER A 158 0.08 35.63 30.41
N PRO A 159 0.94 34.79 31.01
CA PRO A 159 2.37 34.88 30.68
C PRO A 159 2.67 34.55 29.23
N ALA A 160 2.00 33.55 28.66
CA ALA A 160 2.21 33.23 27.26
C ALA A 160 1.73 34.35 26.34
N ILE A 161 0.67 35.06 26.74
CA ILE A 161 0.12 36.12 25.90
C ILE A 161 0.99 37.36 25.95
N PHE A 162 1.47 37.73 27.15
CA PHE A 162 2.25 38.96 27.28
C PHE A 162 3.55 38.88 26.49
N GLN A 163 4.27 37.77 26.61
CA GLN A 163 5.57 37.67 25.97
C GLN A 163 5.47 37.73 24.45
N SER A 164 4.42 37.13 23.89
CA SER A 164 4.22 37.21 22.44
C SER A 164 3.76 38.60 22.04
N SER A 165 2.86 39.21 22.81
CA SER A 165 2.44 40.58 22.54
C SER A 165 3.61 41.55 22.68
N MET A 166 4.45 41.35 23.69
CA MET A 166 5.59 42.23 23.91
C MET A 166 6.57 42.14 22.74
N THR A 167 6.86 40.93 22.27
CA THR A 167 7.80 40.76 21.17
C THR A 167 7.28 41.40 19.89
N LYS A 168 5.97 41.35 19.67
CA LYS A 168 5.40 41.98 18.48
C LYS A 168 5.54 43.49 18.51
N ILE A 169 5.54 44.08 19.70
CA ILE A 169 5.73 45.52 19.82
C ILE A 169 7.21 45.90 19.64
N LEU A 170 8.12 45.02 20.06
CA LEU A 170 9.54 45.32 19.97
C LEU A 170 10.12 45.06 18.58
N GLU A 171 9.47 44.22 17.77
CA GLU A 171 9.97 43.94 16.42
C GLU A 171 10.16 45.18 15.57
N PRO A 172 9.23 46.15 15.52
CA PRO A 172 9.50 47.35 14.71
C PRO A 172 10.71 48.14 15.19
N PHE A 173 10.91 48.26 16.51
CA PHE A 173 12.10 48.95 16.99
C PHE A 173 13.36 48.11 16.77
N LYS A 174 13.24 46.79 16.92
CA LYS A 174 14.38 45.93 16.65
C LYS A 174 14.71 45.87 15.16
N LYS A 175 13.69 46.04 14.31
CA LYS A 175 13.93 46.03 12.87
C LYS A 175 14.62 47.30 12.40
N GLN A 176 14.32 48.43 13.05
CA GLN A 176 14.96 49.69 12.71
C GLN A 176 16.33 49.84 13.37
N ASN A 177 16.52 49.21 14.54
CA ASN A 177 17.74 49.32 15.32
C ASN A 177 18.36 47.92 15.45
N PRO A 178 18.98 47.41 14.39
CA PRO A 178 19.46 46.02 14.43
C PRO A 178 20.62 45.80 15.38
N ASP A 179 21.51 46.79 15.52
CA ASP A 179 22.66 46.65 16.39
C ASP A 179 22.33 46.86 17.87
N ILE A 180 21.08 47.15 18.20
CA ILE A 180 20.66 47.29 19.59
C ILE A 180 20.25 45.91 20.11
N VAL A 181 20.97 45.43 21.13
CA VAL A 181 20.66 44.16 21.76
C VAL A 181 19.65 44.39 22.87
N ILE A 182 18.47 43.79 22.73
CA ILE A 182 17.39 43.92 23.71
C ILE A 182 17.09 42.52 24.23
N TYR A 183 17.65 42.18 25.38
CA TYR A 183 17.25 40.97 26.08
C TYR A 183 15.88 41.16 26.69
N GLN A 184 14.89 40.42 26.22
CA GLN A 184 13.50 40.58 26.62
C GLN A 184 13.05 39.34 27.37
N TYR A 185 12.97 39.44 28.69
CA TYR A 185 12.44 38.38 29.55
C TYR A 185 11.24 38.95 30.28
N MET A 186 10.03 38.56 29.92
CA MET A 186 8.80 39.11 30.50
C MET A 186 8.83 40.59 30.44
N ASP A 187 8.85 41.26 31.59
CA ASP A 187 8.77 42.70 31.60
C ASP A 187 10.07 43.45 31.70
N ASP A 188 11.18 42.76 31.65
CA ASP A 188 12.45 43.41 31.90
C ASP A 188 13.26 43.49 30.60
N LEU A 189 13.84 44.65 30.33
CA LEU A 189 14.52 44.91 29.06
C LEU A 189 15.97 45.32 29.32
N TYR A 190 16.89 44.39 29.10
CA TYR A 190 18.31 44.70 29.04
C TYR A 190 18.60 45.28 27.65
N VAL A 191 19.02 46.54 27.61
CA VAL A 191 19.26 47.24 26.34
C VAL A 191 20.74 47.62 26.31
N GLY A 192 21.49 47.01 25.39
CA GLY A 192 22.89 47.31 25.25
C GLY A 192 23.23 47.65 23.81
N SER A 193 24.26 48.49 23.66
CA SER A 193 24.69 48.92 22.35
C SER A 193 26.16 49.35 22.42
N ASP A 194 26.83 49.25 21.28
CA ASP A 194 28.18 49.77 21.13
C ASP A 194 28.20 51.18 20.56
N LEU A 195 27.04 51.85 20.50
CA LEU A 195 26.98 53.24 20.11
C LEU A 195 27.57 54.12 21.22
N GLU A 196 27.98 55.33 20.83
CA GLU A 196 28.50 56.26 21.81
C GLU A 196 27.40 56.66 22.79
N ILE A 197 27.80 56.92 24.04
CA ILE A 197 26.86 57.13 25.14
C ILE A 197 25.90 58.28 24.86
N GLY A 198 26.23 59.16 23.92
CA GLY A 198 25.29 60.20 23.53
C GLY A 198 24.15 59.66 22.68
N GLN A 199 24.50 58.91 21.63
CA GLN A 199 23.49 58.28 20.79
C GLN A 199 22.75 57.15 21.50
N HIS A 200 23.21 56.74 22.68
CA HIS A 200 22.57 55.65 23.41
C HIS A 200 21.34 56.12 24.17
N ARG A 201 21.47 57.18 24.96
CA ARG A 201 20.33 57.70 25.70
C ARG A 201 19.23 58.16 24.76
N THR A 202 19.58 58.54 23.53
CA THR A 202 18.58 58.89 22.53
C THR A 202 17.74 57.67 22.16
N LYS A 203 18.40 56.57 21.79
CA LYS A 203 17.68 55.33 21.50
C LYS A 203 16.89 54.84 22.71
N ILE A 204 17.40 55.11 23.92
CA ILE A 204 16.66 54.76 25.13
C ILE A 204 15.31 55.47 25.14
N GLU A 205 15.31 56.77 24.86
CA GLU A 205 14.05 57.51 24.86
C GLU A 205 13.21 57.20 23.64
N GLU A 206 13.84 56.85 22.51
CA GLU A 206 13.07 56.42 21.34
C GLU A 206 12.24 55.19 21.65
N LEU A 207 12.80 54.26 22.41
CA LEU A 207 12.06 53.05 22.77
C LEU A 207 11.08 53.31 23.90
N ARG A 208 11.46 54.10 24.91
CA ARG A 208 10.53 54.47 25.96
C ARG A 208 9.32 55.21 25.41
N GLN A 209 9.45 55.84 24.24
CA GLN A 209 8.30 56.41 23.54
C GLN A 209 7.64 55.41 22.60
N HIS A 210 8.42 54.52 21.99
CA HIS A 210 7.84 53.45 21.19
C HIS A 210 7.04 52.49 22.05
N LEU A 211 7.50 52.25 23.29
CA LEU A 211 6.72 51.46 24.22
C LEU A 211 5.51 52.22 24.72
N LEU A 212 5.63 53.55 24.85
CA LEU A 212 4.54 54.35 25.38
C LEU A 212 3.37 54.46 24.40
N ARG A 213 3.64 54.32 23.10
CA ARG A 213 2.58 54.42 22.10
C ARG A 213 1.56 53.31 22.22
N TRP A 214 1.88 52.21 22.89
CA TRP A 214 1.01 51.06 22.99
C TRP A 214 0.46 50.86 24.40
N GLY A 215 0.69 51.83 25.29
CA GLY A 215 0.23 51.71 26.66
C GLY A 215 1.21 51.07 27.62
N LEU A 216 2.50 51.08 27.30
CA LEU A 216 3.53 50.49 28.14
C LEU A 216 4.34 51.63 28.77
N THR A 217 4.23 51.76 30.09
CA THR A 217 4.89 52.84 30.81
C THR A 217 6.26 52.40 31.32
N THR A 218 7.27 53.23 31.07
CA THR A 218 8.64 52.98 31.53
C THR A 218 8.98 54.00 32.61
N PRO A 219 8.66 53.73 33.87
CA PRO A 219 8.87 54.73 34.92
C PRO A 219 10.35 55.00 35.16
N ASP A 220 10.67 56.26 35.43
CA ASP A 220 12.03 56.65 35.77
C ASP A 220 12.47 56.12 37.13
N LYS A 221 11.53 55.63 37.94
CA LYS A 221 11.90 54.99 39.20
C LYS A 221 12.65 53.68 38.94
N LYS A 222 12.13 52.86 38.03
CA LYS A 222 12.77 51.59 37.68
C LYS A 222 13.86 51.76 36.64
N HIS A 223 14.04 52.96 36.09
CA HIS A 223 15.10 53.21 35.12
C HIS A 223 16.47 53.04 35.78
N GLN A 224 17.40 52.44 35.05
CA GLN A 224 18.74 52.16 35.55
C GLN A 224 19.76 52.58 34.50
N LYS A 225 20.51 53.65 34.80
CA LYS A 225 21.52 54.17 33.89
C LYS A 225 22.94 53.91 34.36
N GLU A 226 23.15 53.72 35.67
CA GLU A 226 24.48 53.60 36.25
C GLU A 226 24.76 52.17 36.65
N PRO A 227 25.96 51.64 36.34
CA PRO A 227 26.35 50.36 36.92
C PRO A 227 26.61 50.52 38.41
N PRO A 228 26.40 49.47 39.21
CA PRO A 228 25.98 48.12 38.79
C PRO A 228 24.47 47.98 38.55
N PHE A 229 24.12 47.34 37.45
CA PHE A 229 22.73 47.05 37.14
C PHE A 229 22.26 45.80 37.88
N LEU A 230 20.98 45.79 38.22
CA LEU A 230 20.35 44.64 38.86
C LEU A 230 19.44 43.99 37.82
N TRP A 231 19.85 42.83 37.30
CA TRP A 231 19.19 42.19 36.18
C TRP A 231 19.11 40.70 36.44
N MET A 232 17.89 40.17 36.50
CA MET A 232 17.63 38.73 36.65
C MET A 232 18.26 38.17 37.91
N GLY A 233 18.34 38.97 38.97
CA GLY A 233 18.91 38.49 40.22
C GLY A 233 20.42 38.47 40.26
N TYR A 234 21.08 39.29 39.45
CA TYR A 234 22.54 39.40 39.44
C TYR A 234 22.93 40.86 39.68
N GLU A 235 24.23 41.13 39.56
CA GLU A 235 24.79 42.47 39.60
C GLU A 235 25.76 42.61 38.44
N LEU A 236 25.40 43.43 37.45
CA LEU A 236 26.21 43.59 36.25
C LEU A 236 27.10 44.82 36.39
N HIS A 237 28.40 44.60 36.46
CA HIS A 237 29.40 45.65 36.39
C HIS A 237 30.05 45.65 35.01
N PRO A 238 30.66 46.77 34.61
CA PRO A 238 31.22 46.85 33.24
C PRO A 238 32.15 45.71 32.86
N ASP A 239 32.84 45.11 33.83
CA ASP A 239 33.76 44.02 33.54
C ASP A 239 33.37 42.68 34.16
N LYS A 240 32.59 42.67 35.24
CA LYS A 240 32.28 41.42 35.94
C LYS A 240 30.83 41.42 36.37
N TRP A 241 30.37 40.24 36.76
CA TRP A 241 29.02 40.04 37.28
C TRP A 241 29.08 39.05 38.43
N THR A 242 28.01 39.04 39.23
CA THR A 242 27.87 38.06 40.30
C THR A 242 26.41 38.01 40.71
N VAL A 243 26.05 36.95 41.43
CA VAL A 243 24.67 36.78 41.86
C VAL A 243 24.37 37.75 43.00
N GLN A 244 23.10 38.12 43.13
CA GLN A 244 22.68 38.89 44.28
C GLN A 244 22.79 38.02 45.54
N PRO A 245 23.10 38.62 46.68
CA PRO A 245 23.54 37.83 47.85
C PRO A 245 22.59 36.71 48.21
N ILE A 246 23.16 35.53 48.46
CA ILE A 246 22.40 34.33 48.80
C ILE A 246 22.41 34.15 50.31
N VAL A 247 21.26 33.82 50.88
CA VAL A 247 21.07 33.75 52.32
C VAL A 247 20.62 32.33 52.67
N LEU A 248 21.51 31.55 53.33
CA LEU A 248 21.15 30.22 53.77
C LEU A 248 20.57 30.26 55.18
N PRO A 249 19.63 29.36 55.49
CA PRO A 249 19.10 29.29 56.86
C PRO A 249 20.15 28.79 57.84
N GLU A 250 20.08 29.29 59.06
CA GLU A 250 20.98 28.86 60.12
C GLU A 250 20.16 28.21 61.24
N LYS A 251 19.36 27.22 60.89
CA LYS A 251 18.52 26.55 61.87
C LYS A 251 19.36 25.70 62.82
N ASP A 252 18.96 25.65 64.08
CA ASP A 252 19.55 24.71 65.03
C ASP A 252 18.90 23.34 64.94
N SER A 253 17.64 23.28 64.56
CA SER A 253 16.91 22.02 64.35
C SER A 253 16.38 22.03 62.92
N TRP A 254 16.88 21.11 62.10
CA TRP A 254 16.56 21.09 60.67
C TRP A 254 15.39 20.15 60.40
N THR A 255 14.44 20.62 59.59
CA THR A 255 13.37 19.79 59.06
C THR A 255 13.71 19.41 57.62
N VAL A 256 12.81 18.64 57.00
CA VAL A 256 13.03 18.22 55.62
C VAL A 256 12.90 19.39 54.66
N ASN A 257 11.92 20.28 54.92
CA ASN A 257 11.73 21.43 54.04
C ASN A 257 12.91 22.39 54.11
N ASP A 258 13.53 22.52 55.28
CA ASP A 258 14.70 23.39 55.41
C ASP A 258 15.88 22.84 54.61
N ILE A 259 16.01 21.52 54.52
CA ILE A 259 17.04 20.94 53.66
C ILE A 259 16.71 21.20 52.19
N CYS A 260 15.43 21.08 51.83
CA CYS A 260 15.02 21.40 50.46
C CYS A 260 15.34 22.86 50.12
N LYS A 261 15.00 23.78 51.03
CA LYS A 261 15.34 25.18 50.82
C LYS A 261 16.85 25.38 50.81
N LEU A 262 17.58 24.60 51.60
CA LEU A 262 19.05 24.69 51.60
C LEU A 262 19.62 24.11 50.31
N VAL A 263 19.20 22.90 49.95
CA VAL A 263 19.67 22.28 48.71
C VAL A 263 19.35 23.16 47.51
N GLY A 264 18.18 23.80 47.52
CA GLY A 264 17.80 24.65 46.41
C GLY A 264 18.74 25.83 46.22
N LYS A 265 19.01 26.56 47.32
CA LYS A 265 19.90 27.71 47.24
C LYS A 265 21.34 27.30 46.96
N LEU A 266 21.74 26.11 47.43
CA LEU A 266 23.09 25.62 47.12
C LEU A 266 23.24 25.33 45.63
N ASN A 267 22.23 24.69 45.03
CA ASN A 267 22.24 24.48 43.58
C ASN A 267 22.28 25.81 42.84
N TRP A 268 21.52 26.79 43.33
CA TRP A 268 21.55 28.13 42.73
C TRP A 268 22.93 28.75 42.88
N ALA A 269 23.57 28.54 44.03
CA ALA A 269 24.91 29.09 44.25
C ALA A 269 25.97 28.38 43.42
N SER A 270 25.72 27.15 42.98
CA SER A 270 26.72 26.37 42.27
C SER A 270 27.00 26.87 40.86
N GLN A 271 26.29 27.90 40.38
CA GLN A 271 26.53 28.39 39.04
C GLN A 271 27.72 29.34 38.94
N ILE A 272 28.25 29.82 40.06
CA ILE A 272 29.42 30.69 40.04
C ILE A 272 30.34 30.30 41.18
N TYR A 273 29.78 29.94 42.33
CA TYR A 273 30.55 29.45 43.46
C TYR A 273 31.04 28.02 43.22
N PRO A 274 32.31 27.83 42.89
CA PRO A 274 32.78 26.49 42.51
C PRO A 274 32.98 25.60 43.72
N GLY A 275 32.72 24.32 43.53
CA GLY A 275 33.01 23.31 44.53
C GLY A 275 31.90 23.04 45.53
N ILE A 276 30.68 23.53 45.29
CA ILE A 276 29.59 23.25 46.20
C ILE A 276 29.16 21.79 46.05
N LYS A 277 29.12 21.08 47.16
CA LYS A 277 28.68 19.68 47.19
C LYS A 277 27.38 19.57 47.96
N VAL A 278 26.46 18.74 47.47
CA VAL A 278 25.15 18.59 48.08
C VAL A 278 24.87 17.08 48.16
N ARG A 279 25.91 16.28 47.96
CA ARG A 279 25.76 14.83 48.04
C ARG A 279 25.26 14.40 49.42
N GLN A 280 25.98 14.80 50.47
CA GLN A 280 25.63 14.38 51.82
C GLN A 280 24.38 15.08 52.34
N LEU A 281 24.03 16.23 51.77
CA LEU A 281 22.81 16.92 52.20
C LEU A 281 21.57 16.38 51.51
N SER A 282 21.69 15.92 50.26
CA SER A 282 20.58 15.27 49.59
C SER A 282 20.35 13.84 50.08
N LYS A 283 21.38 13.22 50.66
CA LYS A 283 21.19 11.92 51.30
C LYS A 283 20.25 12.01 52.49
N LEU A 284 20.02 13.21 53.01
CA LEU A 284 19.04 13.40 54.08
C LEU A 284 17.61 13.34 53.56
N LEU A 285 17.41 13.43 52.25
CA LEU A 285 16.08 13.52 51.67
C LEU A 285 15.57 12.20 51.12
N ARG A 286 16.36 11.14 51.18
CA ARG A 286 15.94 9.86 50.62
C ARG A 286 15.05 9.11 51.61
N GLY A 287 13.96 8.55 51.10
CA GLY A 287 13.08 7.71 51.90
C GLY A 287 12.33 8.40 53.01
N THR A 288 12.27 9.73 53.02
CA THR A 288 11.56 10.47 54.04
C THR A 288 10.17 10.86 53.52
N LYS A 289 9.22 10.98 54.45
CA LYS A 289 7.81 11.15 54.10
C LYS A 289 7.25 12.53 54.40
N ALA A 290 7.55 13.09 55.56
CA ALA A 290 6.94 14.36 55.94
C ALA A 290 7.88 15.52 55.84
N LEU A 291 7.45 16.58 55.17
CA LEU A 291 8.29 17.74 55.07
C LEU A 291 8.47 18.24 56.45
N THR A 292 7.38 18.22 57.21
CA THR A 292 7.43 18.80 58.53
C THR A 292 8.18 17.95 59.51
N GLU A 293 8.89 16.96 59.03
CA GLU A 293 9.59 16.05 59.94
C GLU A 293 11.01 16.56 60.20
N VAL A 294 11.36 16.65 61.49
CA VAL A 294 12.70 17.08 61.87
C VAL A 294 13.70 15.97 61.57
N ILE A 295 14.86 16.35 61.04
CA ILE A 295 15.91 15.39 60.74
C ILE A 295 17.24 15.90 61.31
N PRO A 296 17.96 15.07 62.07
CA PRO A 296 19.28 15.49 62.55
C PRO A 296 20.33 15.36 61.46
N LEU A 297 21.27 16.31 61.45
CA LEU A 297 22.33 16.31 60.45
C LEU A 297 23.35 15.22 60.76
N THR A 298 23.81 14.56 59.69
CA THR A 298 24.85 13.57 59.82
C THR A 298 26.22 14.26 59.88
N GLU A 299 27.22 13.51 60.37
CA GLU A 299 28.56 14.06 60.45
C GLU A 299 29.11 14.39 59.06
N GLU A 300 28.76 13.58 58.06
CA GLU A 300 29.15 13.88 56.69
C GLU A 300 28.35 15.03 56.11
N ALA A 301 27.18 15.33 56.66
CA ALA A 301 26.35 16.44 56.18
C ALA A 301 26.75 17.77 56.79
N GLU A 302 27.01 17.80 58.10
CA GLU A 302 27.47 19.03 58.73
C GLU A 302 28.79 19.50 58.14
N LEU A 303 29.69 18.55 57.85
CA LEU A 303 30.97 18.90 57.23
C LEU A 303 30.74 19.49 55.84
N GLU A 304 29.80 18.92 55.08
CA GLU A 304 29.49 19.46 53.77
C GLU A 304 28.85 20.84 53.87
N LEU A 305 28.07 21.09 54.92
CA LEU A 305 27.46 22.40 55.11
C LEU A 305 28.50 23.43 55.51
N ALA A 306 29.41 23.07 56.42
CA ALA A 306 30.44 24.00 56.85
C ALA A 306 31.36 24.39 55.70
N GLU A 307 31.69 23.44 54.83
CA GLU A 307 32.51 23.75 53.66
C GLU A 307 31.77 24.66 52.70
N ASN A 308 30.47 24.44 52.52
CA ASN A 308 29.69 25.31 51.65
C ASN A 308 29.55 26.71 52.22
N ARG A 309 29.47 26.83 53.55
CA ARG A 309 29.39 28.15 54.16
C ARG A 309 30.71 28.92 54.00
N GLU A 310 31.83 28.21 54.14
CA GLU A 310 33.13 28.87 53.95
C GLU A 310 33.34 29.32 52.51
N ILE A 311 32.75 28.61 51.55
CA ILE A 311 32.87 29.04 50.16
C ILE A 311 32.03 30.29 49.92
N LEU A 312 30.84 30.36 50.52
CA LEU A 312 29.98 31.52 50.34
C LEU A 312 30.52 32.76 51.06
N LYS A 313 31.49 32.61 51.96
CA LYS A 313 32.07 33.78 52.61
C LYS A 313 32.85 34.63 51.62
N GLU A 314 33.76 34.01 50.86
CA GLU A 314 34.58 34.76 49.94
C GLU A 314 33.76 35.24 48.75
N PRO A 315 34.09 36.40 48.19
CA PRO A 315 33.35 36.89 47.03
C PRO A 315 33.82 36.22 45.75
N VAL A 316 32.87 35.92 44.87
CA VAL A 316 33.15 35.34 43.56
C VAL A 316 32.43 36.16 42.52
N HIS A 317 32.97 36.15 41.30
CA HIS A 317 32.39 36.90 40.20
C HIS A 317 32.67 36.19 38.89
N GLY A 318 31.72 36.27 37.97
CA GLY A 318 31.88 35.75 36.64
C GLY A 318 32.16 36.85 35.63
N VAL A 319 32.63 36.44 34.45
CA VAL A 319 32.95 37.39 33.38
C VAL A 319 31.89 37.29 32.29
N TYR A 320 32.13 37.99 31.19
CA TYR A 320 31.22 38.00 30.05
C TYR A 320 31.83 37.23 28.89
N TYR A 321 31.00 36.94 27.89
CA TYR A 321 31.39 36.08 26.78
C TYR A 321 32.11 36.91 25.71
N ASP A 322 33.34 36.50 25.39
CA ASP A 322 34.08 37.11 24.30
C ASP A 322 34.03 36.18 23.10
N PRO A 323 33.32 36.54 22.02
CA PRO A 323 33.24 35.64 20.86
C PRO A 323 34.57 35.43 20.15
N SER A 324 35.57 36.28 20.38
CA SER A 324 36.83 36.17 19.66
C SER A 324 37.72 35.05 20.20
N LYS A 325 37.62 34.75 21.49
CA LYS A 325 38.43 33.71 22.11
C LYS A 325 37.59 32.46 22.34
N ASP A 326 38.28 31.31 22.36
CA ASP A 326 37.60 30.03 22.44
C ASP A 326 36.91 29.84 23.78
N LEU A 327 35.97 28.90 23.80
CA LEU A 327 35.26 28.51 25.01
C LEU A 327 35.90 27.27 25.61
N ILE A 328 36.08 27.26 26.92
CA ILE A 328 36.81 26.19 27.61
C ILE A 328 35.99 25.73 28.81
N ALA A 329 35.96 24.42 29.02
CA ALA A 329 35.29 23.82 30.17
C ALA A 329 36.15 22.69 30.72
N GLU A 330 36.30 22.67 32.05
CA GLU A 330 37.19 21.73 32.72
C GLU A 330 36.45 21.05 33.86
N ILE A 331 36.67 19.76 34.03
CA ILE A 331 35.90 18.92 34.95
C ILE A 331 36.84 18.29 35.97
N GLN A 332 36.34 18.11 37.19
CA GLN A 332 37.05 17.44 38.27
C GLN A 332 36.18 16.36 38.89
N LYS A 333 36.79 15.30 39.39
CA LYS A 333 36.03 14.27 40.09
C LYS A 333 36.00 14.65 41.56
N GLN A 334 34.96 15.36 42.00
CA GLN A 334 34.91 15.82 43.35
C GLN A 334 34.78 14.74 44.36
N GLY A 335 33.93 13.78 44.08
CA GLY A 335 33.69 12.76 45.06
C GLY A 335 33.05 11.60 44.38
N GLN A 336 32.84 10.51 45.11
CA GLN A 336 32.30 9.35 44.40
C GLN A 336 30.86 9.62 44.00
N GLY A 337 30.61 9.62 42.69
CA GLY A 337 29.33 10.02 42.17
C GLY A 337 29.15 11.52 41.99
N GLN A 338 30.15 12.32 42.36
CA GLN A 338 30.08 13.77 42.24
C GLN A 338 31.08 14.27 41.22
N TRP A 339 30.70 15.33 40.51
CA TRP A 339 31.56 15.99 39.54
C TRP A 339 31.29 17.48 39.57
N THR A 340 32.33 18.26 39.28
CA THR A 340 32.22 19.72 39.18
C THR A 340 32.89 20.18 37.90
N TYR A 341 32.49 21.37 37.43
CA TYR A 341 33.08 21.91 36.23
C TYR A 341 33.06 23.44 36.27
N GLN A 342 33.95 24.03 35.48
CA GLN A 342 34.04 25.47 35.30
C GLN A 342 34.16 25.76 33.81
N ILE A 343 33.49 26.81 33.37
CA ILE A 343 33.54 27.25 31.97
C ILE A 343 34.15 28.64 31.92
N TYR A 344 35.16 28.81 31.08
CA TYR A 344 35.90 30.06 31.02
C TYR A 344 36.49 30.22 29.61
N GLN A 345 37.14 31.35 29.40
CA GLN A 345 37.90 31.64 28.19
C GLN A 345 39.34 32.06 28.49
N GLU A 346 39.55 32.80 29.58
CA GLU A 346 40.85 33.09 30.17
C GLU A 346 40.95 32.40 31.53
N PRO A 347 42.12 31.89 31.89
CA PRO A 347 42.23 31.07 33.10
C PRO A 347 41.74 31.79 34.35
N PHE A 348 41.06 31.03 35.22
CA PHE A 348 40.53 31.48 36.50
C PHE A 348 39.41 32.50 36.37
N LYS A 349 39.19 33.03 35.16
CA LYS A 349 38.10 33.97 34.91
C LYS A 349 36.88 33.18 34.45
N ASN A 350 36.15 32.65 35.43
CA ASN A 350 35.05 31.75 35.15
C ASN A 350 33.87 32.48 34.53
N LEU A 351 33.33 31.94 33.45
CA LEU A 351 32.04 32.42 32.94
C LEU A 351 30.90 31.89 33.79
N LYS A 352 30.97 30.61 34.18
CA LYS A 352 30.02 29.99 35.09
C LYS A 352 30.58 28.63 35.50
N THR A 353 30.09 28.13 36.62
CA THR A 353 30.46 26.82 37.13
C THR A 353 29.21 25.95 37.27
N GLY A 354 29.40 24.73 37.74
CA GLY A 354 28.29 23.82 37.92
C GLY A 354 28.77 22.47 38.40
N LYS A 355 27.80 21.59 38.63
CA LYS A 355 28.09 20.26 39.14
C LYS A 355 27.16 19.25 38.48
N TYR A 356 27.63 17.99 38.45
CA TYR A 356 26.85 16.88 37.93
C TYR A 356 27.05 15.69 38.86
N ALA A 357 25.95 15.06 39.28
CA ALA A 357 26.04 13.97 40.26
C ALA A 357 25.01 12.87 40.06
N ARG A 358 24.24 12.89 38.97
CA ARG A 358 23.20 11.88 38.77
C ARG A 358 23.81 10.50 38.61
N MET A 359 23.32 9.54 39.39
CA MET A 359 23.75 8.15 39.31
C MET A 359 22.81 7.42 38.36
N ARG A 360 23.32 7.04 37.19
CA ARG A 360 22.54 6.33 36.18
C ARG A 360 22.91 4.85 36.22
N GLY A 361 21.95 4.02 36.63
CA GLY A 361 22.11 2.59 36.59
C GLY A 361 22.64 2.01 37.89
N ALA A 362 22.47 0.69 38.02
CA ALA A 362 23.04 -0.03 39.15
C ALA A 362 24.53 -0.28 38.99
N HIS A 363 25.03 -0.29 37.76
CA HIS A 363 26.44 -0.57 37.47
C HIS A 363 26.97 0.51 36.56
N THR A 364 28.06 1.15 36.98
CA THR A 364 28.63 2.26 36.23
C THR A 364 30.10 2.38 36.61
N ASN A 365 30.80 3.28 35.92
CA ASN A 365 32.19 3.58 36.23
C ASN A 365 32.43 5.08 36.05
N ASP A 366 33.65 5.51 36.36
CA ASP A 366 33.98 6.92 36.25
C ASP A 366 34.00 7.39 34.80
N VAL A 367 34.31 6.48 33.86
CA VAL A 367 34.35 6.87 32.45
C VAL A 367 32.94 7.18 31.94
N LYS A 368 31.97 6.33 32.30
CA LYS A 368 30.58 6.61 31.92
C LYS A 368 30.11 7.93 32.52
N GLN A 369 30.32 8.10 33.83
CA GLN A 369 29.87 9.33 34.49
C GLN A 369 30.55 10.56 33.90
N LEU A 370 31.84 10.45 33.58
CA LEU A 370 32.52 11.56 32.92
C LEU A 370 31.89 11.85 31.56
N THR A 371 31.50 10.80 30.83
CA THR A 371 30.84 11.01 29.55
C THR A 371 29.47 11.65 29.73
N GLU A 372 28.74 11.27 30.78
CA GLU A 372 27.43 11.86 31.03
C GLU A 372 27.56 13.33 31.41
N ALA A 373 28.61 13.68 32.16
CA ALA A 373 28.80 15.08 32.56
C ALA A 373 29.19 15.94 31.36
N VAL A 374 29.99 15.39 30.45
CA VAL A 374 30.38 16.12 29.24
C VAL A 374 29.14 16.51 28.45
N GLN A 375 28.17 15.61 28.33
CA GLN A 375 26.95 15.90 27.59
C GLN A 375 26.09 16.93 28.31
N LYS A 376 26.01 16.84 29.64
CA LYS A 376 25.25 17.83 30.40
C LYS A 376 25.84 19.22 30.23
N ILE A 377 27.15 19.31 30.11
CA ILE A 377 27.80 20.60 29.89
C ILE A 377 27.59 21.06 28.45
N THR A 378 27.66 20.12 27.50
CA THR A 378 27.51 20.47 26.09
C THR A 378 26.13 21.07 25.81
N THR A 379 25.08 20.44 26.35
CA THR A 379 23.73 20.98 26.16
C THR A 379 23.61 22.36 26.81
N GLU A 380 24.00 22.47 28.08
CA GLU A 380 23.95 23.74 28.79
C GLU A 380 24.71 24.84 28.07
N SER A 381 25.79 24.47 27.38
CA SER A 381 26.59 25.46 26.65
C SER A 381 25.84 25.99 25.44
N ILE A 382 25.35 25.09 24.58
CA ILE A 382 24.65 25.49 23.37
C ILE A 382 23.42 26.33 23.70
N VAL A 383 22.83 26.10 24.88
CA VAL A 383 21.75 26.96 25.34
C VAL A 383 22.25 28.40 25.50
N ILE A 384 23.32 28.58 26.28
CA ILE A 384 23.73 29.91 26.70
C ILE A 384 24.57 30.60 25.62
N TRP A 385 25.47 29.86 24.97
CA TRP A 385 26.36 30.47 23.98
C TRP A 385 26.17 29.93 22.57
N GLY A 386 25.57 28.76 22.40
CA GLY A 386 25.36 28.23 21.08
C GLY A 386 26.55 27.53 20.47
N LYS A 387 27.53 27.13 21.28
CA LYS A 387 28.68 26.39 20.79
C LYS A 387 29.07 25.34 21.83
N THR A 388 29.91 24.40 21.39
CA THR A 388 30.44 23.36 22.28
C THR A 388 31.81 23.77 22.79
N PRO A 389 32.02 23.88 24.09
CA PRO A 389 33.33 24.30 24.60
C PRO A 389 34.38 23.22 24.41
N LYS A 390 35.62 23.66 24.35
CA LYS A 390 36.74 22.71 24.39
C LYS A 390 36.87 22.17 25.81
N PHE A 391 37.20 20.89 25.93
CA PHE A 391 37.10 20.17 27.18
C PHE A 391 38.48 19.83 27.72
N LYS A 392 38.70 20.13 28.99
CA LYS A 392 39.87 19.68 29.74
C LYS A 392 39.39 18.59 30.70
N LEU A 393 39.80 17.35 30.44
CA LEU A 393 39.25 16.20 31.13
C LEU A 393 40.36 15.44 31.86
N PRO A 394 40.15 15.08 33.14
CA PRO A 394 41.14 14.32 33.91
C PRO A 394 41.17 12.83 33.58
N ILE A 395 41.23 12.52 32.28
CA ILE A 395 41.34 11.15 31.79
C ILE A 395 42.45 11.10 30.75
N GLN A 396 43.32 10.10 30.86
CA GLN A 396 44.39 9.95 29.88
C GLN A 396 43.81 9.76 28.49
N LYS A 397 44.47 10.36 27.49
CA LYS A 397 44.07 10.13 26.11
C LYS A 397 44.09 8.65 25.77
N GLU A 398 45.10 7.93 26.26
CA GLU A 398 45.16 6.49 26.06
C GLU A 398 44.05 5.77 26.80
N THR A 399 43.77 6.20 28.04
CA THR A 399 42.69 5.59 28.81
C THR A 399 41.36 5.66 28.06
N TRP A 400 41.06 6.85 27.52
CA TRP A 400 39.81 7.01 26.78
C TRP A 400 39.83 6.22 25.48
N GLU A 401 40.94 6.29 24.73
CA GLU A 401 41.07 5.54 23.49
C GLU A 401 40.83 4.05 23.73
N THR A 402 41.38 3.52 24.82
CA THR A 402 41.15 2.11 25.16
C THR A 402 39.67 1.83 25.39
N TRP A 403 38.96 2.78 25.98
CA TRP A 403 37.58 2.54 26.39
C TRP A 403 36.63 2.53 25.19
N TRP A 404 36.55 3.64 24.47
CA TRP A 404 35.51 3.78 23.45
C TRP A 404 35.76 2.87 22.25
N THR A 405 37.02 2.54 21.96
CA THR A 405 37.31 1.66 20.83
C THR A 405 36.78 0.25 21.06
N GLU A 406 36.77 -0.21 22.32
CA GLU A 406 36.38 -1.57 22.64
C GLU A 406 34.94 -1.69 23.12
N TYR A 407 34.38 -0.64 23.71
CA TYR A 407 33.01 -0.67 24.18
C TYR A 407 32.05 -0.93 23.03
N TRP A 408 30.97 -1.66 23.32
CA TRP A 408 30.04 -2.09 22.27
C TRP A 408 29.02 -1.03 21.91
N GLN A 409 28.71 -0.10 22.82
CA GLN A 409 27.86 1.03 22.46
C GLN A 409 28.66 2.04 21.64
N ALA A 410 27.94 2.95 20.99
CA ALA A 410 28.57 4.13 20.42
C ALA A 410 28.75 5.16 21.51
N THR A 411 29.92 5.81 21.51
CA THR A 411 30.19 6.84 22.49
C THR A 411 31.32 7.72 21.95
N TRP A 412 31.30 8.99 22.36
CA TRP A 412 32.21 9.97 21.77
C TRP A 412 32.26 11.20 22.66
N ILE A 413 33.38 11.90 22.61
CA ILE A 413 33.58 13.14 23.35
C ILE A 413 34.11 14.19 22.37
N PRO A 414 33.58 15.43 22.41
CA PRO A 414 34.06 16.45 21.48
C PRO A 414 35.53 16.81 21.69
N GLU A 415 36.04 17.76 20.92
CA GLU A 415 37.45 18.12 20.99
C GLU A 415 37.85 18.41 22.43
N TRP A 416 38.80 17.62 22.94
CA TRP A 416 39.22 17.72 24.32
C TRP A 416 40.73 17.49 24.41
N GLU A 417 41.25 17.68 25.61
CA GLU A 417 42.67 17.48 25.88
C GLU A 417 42.83 17.00 27.32
N PHE A 418 43.91 16.27 27.56
CA PHE A 418 44.16 15.68 28.88
C PHE A 418 44.75 16.75 29.81
N VAL A 419 44.22 16.81 31.02
CA VAL A 419 44.74 17.68 32.08
C VAL A 419 45.12 16.80 33.26
N ASN A 420 46.35 16.96 33.75
CA ASN A 420 46.90 16.08 34.78
C ASN A 420 46.51 16.62 36.17
N THR A 421 45.21 16.51 36.45
CA THR A 421 44.65 16.92 37.74
C THR A 421 44.09 15.70 38.47
N PRO A 422 44.82 15.15 39.45
CA PRO A 422 44.28 14.03 40.21
C PRO A 422 43.04 14.46 40.97
N PRO A 423 42.12 13.52 41.24
CA PRO A 423 42.19 12.10 40.87
C PRO A 423 41.86 11.83 39.40
N LEU A 424 42.73 11.11 38.72
CA LEU A 424 42.55 10.82 37.30
C LEU A 424 41.55 9.68 37.11
N VAL A 425 40.77 9.77 36.05
CA VAL A 425 39.81 8.75 35.69
C VAL A 425 40.53 7.69 34.84
N LYS A 426 40.48 6.44 35.29
CA LYS A 426 41.12 5.35 34.57
C LYS A 426 40.28 4.09 34.69
N LEU A 427 40.56 3.14 33.80
CA LEU A 427 39.93 1.82 33.85
C LEU A 427 40.71 0.95 34.82
N TRP A 428 40.02 0.43 35.84
CA TRP A 428 40.69 -0.29 36.91
C TRP A 428 41.07 -1.72 36.54
N TYR A 429 40.60 -2.24 35.41
CA TYR A 429 40.99 -3.55 34.95
C TYR A 429 40.59 -3.74 33.50
N GLN A 430 41.32 -4.60 32.80
CA GLN A 430 41.08 -4.91 31.40
C GLN A 430 40.87 -6.41 31.26
N LEU A 431 39.79 -6.80 30.60
CA LEU A 431 39.58 -8.21 30.27
C LEU A 431 40.42 -8.58 29.06
N GLU A 432 41.19 -9.65 29.17
CA GLU A 432 41.99 -10.12 28.05
C GLU A 432 41.09 -10.49 26.89
N LYS A 433 41.61 -10.33 25.67
CA LYS A 433 40.86 -10.65 24.47
C LYS A 433 41.02 -12.10 24.05
N GLU A 434 42.17 -12.71 24.35
CA GLU A 434 42.44 -14.11 24.04
C GLU A 434 42.75 -14.87 25.33
N PRO A 435 42.41 -16.17 25.39
CA PRO A 435 42.67 -16.93 26.62
C PRO A 435 44.16 -16.99 26.94
N ILE A 436 44.47 -16.92 28.24
CA ILE A 436 45.84 -16.85 28.71
C ILE A 436 46.47 -18.23 28.63
N VAL A 437 47.65 -18.32 28.00
CA VAL A 437 48.39 -19.56 27.97
C VAL A 437 49.02 -19.80 29.34
N GLY A 438 48.81 -21.00 29.88
CA GLY A 438 49.37 -21.32 31.18
C GLY A 438 48.57 -20.84 32.37
N ALA A 439 47.29 -20.54 32.19
CA ALA A 439 46.43 -20.09 33.27
C ALA A 439 45.35 -21.13 33.54
N GLU A 440 45.06 -21.36 34.81
CA GLU A 440 44.05 -22.32 35.20
C GLU A 440 42.70 -21.91 34.63
N THR A 441 41.91 -22.90 34.20
CA THR A 441 40.66 -22.67 33.51
C THR A 441 39.50 -23.12 34.40
N PHE A 442 38.66 -22.17 34.80
CA PHE A 442 37.56 -22.44 35.72
C PHE A 442 36.25 -22.49 34.95
N TYR A 443 35.52 -23.60 35.08
CA TYR A 443 34.18 -23.74 34.52
C TYR A 443 33.19 -23.53 35.66
N VAL A 444 32.58 -22.35 35.71
CA VAL A 444 31.72 -21.98 36.83
C VAL A 444 30.26 -22.06 36.41
N ASP A 445 29.40 -22.22 37.41
CA ASP A 445 27.96 -22.18 37.21
C ASP A 445 27.29 -22.03 38.57
N GLY A 446 26.03 -21.60 38.54
CA GLY A 446 25.23 -21.45 39.73
C GLY A 446 23.75 -21.44 39.42
N ALA A 447 22.95 -22.07 40.27
CA ALA A 447 21.51 -22.14 40.07
C ALA A 447 20.82 -22.02 41.43
N ALA A 448 19.50 -21.87 41.38
CA ALA A 448 18.70 -21.74 42.59
C ALA A 448 17.28 -22.22 42.31
N ASN A 449 16.47 -22.23 43.36
CA ASN A 449 15.07 -22.64 43.27
C ASN A 449 14.20 -21.42 43.49
N ARG A 450 13.20 -21.24 42.63
CA ARG A 450 12.33 -20.08 42.73
C ARG A 450 11.49 -20.08 44.00
N GLU A 451 11.33 -21.23 44.64
CA GLU A 451 10.50 -21.34 45.84
C GLU A 451 11.36 -21.38 47.11
N THR A 452 12.30 -22.32 47.19
CA THR A 452 13.13 -22.45 48.38
C THR A 452 14.05 -21.26 48.58
N LYS A 453 14.34 -20.49 47.53
CA LYS A 453 15.33 -19.42 47.58
C LYS A 453 16.67 -19.96 48.06
N LEU A 454 16.97 -21.21 47.72
CA LEU A 454 18.24 -21.84 48.03
C LEU A 454 18.94 -22.19 46.72
N GLY A 455 20.27 -22.28 46.78
CA GLY A 455 21.02 -22.61 45.58
C GLY A 455 22.46 -22.93 45.91
N LYS A 456 23.14 -23.47 44.91
CA LYS A 456 24.56 -23.77 44.98
C LYS A 456 25.30 -22.95 43.92
N ALA A 457 26.62 -22.87 44.08
CA ALA A 457 27.47 -22.16 43.14
C ALA A 457 28.90 -22.64 43.32
N GLY A 458 29.55 -22.95 42.21
CA GLY A 458 30.90 -23.47 42.29
C GLY A 458 31.57 -23.57 40.95
N TYR A 459 32.61 -24.42 40.89
CA TYR A 459 33.45 -24.47 39.72
C TYR A 459 34.17 -25.82 39.63
N VAL A 460 34.70 -26.09 38.44
CA VAL A 460 35.59 -27.22 38.18
C VAL A 460 36.70 -26.72 37.27
N THR A 461 37.93 -27.14 37.53
CA THR A 461 39.08 -26.65 36.78
C THR A 461 39.75 -27.77 36.00
N ASN A 462 40.64 -27.37 35.09
CA ASN A 462 41.41 -28.34 34.31
C ASN A 462 42.48 -29.03 35.16
N LYS A 463 42.81 -28.47 36.31
CA LYS A 463 43.77 -29.07 37.24
C LYS A 463 43.11 -29.92 38.31
N GLY A 464 41.79 -30.10 38.25
CA GLY A 464 41.07 -30.91 39.19
C GLY A 464 40.45 -30.16 40.34
N ARG A 465 40.79 -28.88 40.51
CA ARG A 465 40.23 -28.09 41.60
C ARG A 465 38.71 -27.97 41.46
N GLN A 466 38.03 -27.95 42.60
CA GLN A 466 36.58 -27.92 42.60
C GLN A 466 36.10 -27.31 43.90
N LYS A 467 34.93 -26.67 43.84
CA LYS A 467 34.25 -26.17 45.03
C LYS A 467 32.77 -26.03 44.70
N VAL A 468 31.91 -26.34 45.67
CA VAL A 468 30.49 -26.01 45.61
C VAL A 468 30.10 -25.43 46.96
N VAL A 469 29.32 -24.35 46.95
CA VAL A 469 28.99 -23.65 48.18
C VAL A 469 27.47 -23.51 48.32
N PRO A 470 26.89 -23.94 49.45
CA PRO A 470 25.45 -23.78 49.62
C PRO A 470 25.09 -22.32 49.86
N LEU A 471 23.97 -21.89 49.29
CA LEU A 471 23.52 -20.51 49.39
C LEU A 471 22.05 -20.44 49.78
N THR A 472 21.69 -19.39 50.48
CA THR A 472 20.35 -19.23 50.96
C THR A 472 19.86 -17.86 50.57
N ASN A 473 18.55 -17.68 50.45
CA ASN A 473 17.97 -16.40 50.06
C ASN A 473 18.52 -15.85 48.78
N THR A 474 18.51 -16.64 47.72
CA THR A 474 19.12 -16.21 46.50
C THR A 474 18.30 -16.35 45.25
N THR A 475 18.80 -15.78 44.14
CA THR A 475 18.13 -15.88 42.84
C THR A 475 19.10 -16.49 41.84
N ASN A 476 18.54 -16.92 40.71
CA ASN A 476 19.36 -17.49 39.64
C ASN A 476 20.48 -16.54 39.23
N GLN A 477 20.20 -15.24 39.22
CA GLN A 477 21.21 -14.26 38.84
C GLN A 477 22.29 -14.14 39.91
N LYS A 478 21.88 -14.03 41.18
CA LYS A 478 22.85 -13.87 42.26
C LYS A 478 23.77 -15.08 42.37
N THR A 479 23.29 -16.27 41.99
CA THR A 479 24.12 -17.46 42.06
C THR A 479 25.18 -17.46 40.97
N GLU A 480 24.80 -17.14 39.74
CA GLU A 480 25.75 -17.12 38.64
C GLU A 480 26.83 -16.08 38.85
N LEU A 481 26.50 -14.96 39.51
CA LEU A 481 27.52 -14.01 39.90
C LEU A 481 28.39 -14.58 41.01
N GLN A 482 27.78 -15.29 41.96
CA GLN A 482 28.53 -15.88 43.07
C GLN A 482 29.57 -16.87 42.57
N ALA A 483 29.23 -17.65 41.55
CA ALA A 483 30.15 -18.64 41.01
C ALA A 483 31.40 -17.97 40.44
N ILE A 484 31.24 -16.81 39.82
CA ILE A 484 32.39 -16.09 39.27
C ILE A 484 33.25 -15.52 40.39
N TYR A 485 32.60 -15.03 41.45
CA TYR A 485 33.35 -14.51 42.60
C TYR A 485 34.22 -15.59 43.22
N LEU A 486 33.73 -16.83 43.24
CA LEU A 486 34.50 -17.92 43.83
C LEU A 486 35.73 -18.26 42.99
N ALA A 487 35.57 -18.28 41.67
CA ALA A 487 36.70 -18.59 40.79
C ALA A 487 37.80 -17.55 40.92
N LEU A 488 37.42 -16.28 41.08
CA LEU A 488 38.43 -15.22 41.22
C LEU A 488 39.16 -15.34 42.56
N GLN A 489 38.43 -15.65 43.63
CA GLN A 489 39.07 -15.77 44.94
C GLN A 489 40.10 -16.88 44.96
N ASP A 490 39.82 -18.00 44.29
CA ASP A 490 40.60 -19.22 44.41
C ASP A 490 41.59 -19.42 43.27
N SER A 491 41.76 -18.43 42.40
CA SER A 491 42.67 -18.54 41.27
C SER A 491 43.88 -17.64 41.47
N GLY A 492 44.92 -17.91 40.69
CA GLY A 492 46.13 -17.12 40.75
C GLY A 492 45.98 -15.74 40.15
N LEU A 493 47.10 -15.11 39.79
CA LEU A 493 47.04 -13.78 39.18
C LEU A 493 46.48 -13.82 37.78
N GLU A 494 46.57 -14.97 37.10
CA GLU A 494 46.03 -15.15 35.76
C GLU A 494 45.03 -16.30 35.79
N VAL A 495 43.88 -16.11 35.14
CA VAL A 495 42.79 -17.07 35.26
C VAL A 495 41.89 -16.96 34.04
N ASN A 496 41.48 -18.11 33.52
CA ASN A 496 40.46 -18.20 32.47
C ASN A 496 39.18 -18.72 33.10
N ILE A 497 38.07 -18.04 32.85
CA ILE A 497 36.79 -18.34 33.49
C ILE A 497 35.73 -18.52 32.41
N VAL A 498 34.97 -19.61 32.50
CA VAL A 498 33.97 -19.97 31.50
C VAL A 498 32.62 -20.10 32.21
N THR A 499 31.70 -19.22 31.89
CA THR A 499 30.35 -19.22 32.45
C THR A 499 29.33 -19.32 31.32
N ASN A 500 28.08 -19.59 31.71
CA ASN A 500 26.96 -19.65 30.77
C ASN A 500 25.90 -18.59 31.06
N SER A 501 26.20 -17.62 31.91
CA SER A 501 25.25 -16.59 32.31
C SER A 501 25.47 -15.36 31.44
N GLN A 502 24.48 -15.04 30.61
CA GLN A 502 24.52 -13.77 29.89
C GLN A 502 24.40 -12.59 30.84
N TYR A 503 23.61 -12.75 31.91
CA TYR A 503 23.41 -11.65 32.86
C TYR A 503 24.72 -11.25 33.52
N ALA A 504 25.59 -12.17 33.79
CA ALA A 504 26.80 -11.79 34.47
C ALA A 504 27.79 -11.22 33.54
N LEU A 505 27.95 -11.82 32.40
CA LEU A 505 28.97 -11.38 31.51
C LEU A 505 28.72 -9.96 31.12
N GLY A 506 27.48 -9.60 30.92
CA GLY A 506 27.14 -8.26 30.57
C GLY A 506 27.49 -7.21 31.59
N ILE A 507 27.32 -7.49 32.85
CA ILE A 507 27.68 -6.56 33.87
C ILE A 507 29.17 -6.33 33.88
N ILE A 508 29.94 -7.37 33.66
CA ILE A 508 31.37 -7.23 33.75
C ILE A 508 32.09 -6.68 32.53
N GLN A 509 31.72 -7.08 31.34
CA GLN A 509 32.34 -6.52 30.15
C GLN A 509 32.17 -5.02 30.06
N ALA A 510 31.23 -4.45 30.80
CA ALA A 510 31.06 -3.00 30.89
C ALA A 510 32.06 -2.35 31.86
N GLN A 511 33.08 -3.10 32.29
CA GLN A 511 34.16 -2.70 33.19
C GLN A 511 33.72 -1.71 34.26
N PRO A 512 32.76 -2.04 35.11
CA PRO A 512 32.32 -1.09 36.14
C PRO A 512 33.29 -1.04 37.30
N ASP A 513 33.39 0.15 37.89
CA ASP A 513 34.17 0.33 39.11
C ASP A 513 33.32 0.61 40.33
N LYS A 514 32.02 0.80 40.16
CA LYS A 514 31.10 1.01 41.26
C LYS A 514 29.79 0.31 40.95
N SER A 515 29.06 -0.07 42.00
CA SER A 515 27.82 -0.80 41.83
C SER A 515 26.98 -0.69 43.08
N GLU A 516 25.66 -0.76 42.89
CA GLU A 516 24.73 -0.74 44.03
C GLU A 516 24.67 -2.08 44.75
N SER A 517 25.13 -3.15 44.11
CA SER A 517 25.13 -4.49 44.71
C SER A 517 26.49 -4.79 45.30
N GLU A 518 26.51 -5.22 46.57
CA GLU A 518 27.77 -5.51 47.24
C GLU A 518 28.49 -6.69 46.58
N LEU A 519 27.75 -7.64 46.01
CA LEU A 519 28.40 -8.77 45.35
C LEU A 519 29.17 -8.32 44.11
N VAL A 520 28.62 -7.38 43.35
CA VAL A 520 29.35 -6.85 42.20
C VAL A 520 30.60 -6.11 42.66
N ASN A 521 30.48 -5.33 43.75
CA ASN A 521 31.62 -4.58 44.25
C ASN A 521 32.75 -5.52 44.69
N GLN A 522 32.39 -6.68 45.24
CA GLN A 522 33.42 -7.65 45.63
C GLN A 522 34.05 -8.28 44.41
N ILE A 523 33.27 -8.52 43.35
CA ILE A 523 33.82 -9.06 42.12
C ILE A 523 34.80 -8.08 41.50
N ILE A 524 34.48 -6.78 41.57
CA ILE A 524 35.39 -5.75 41.06
C ILE A 524 36.72 -5.79 41.79
N GLU A 525 36.68 -5.89 43.11
CA GLU A 525 37.91 -5.83 43.90
C GLU A 525 38.82 -7.01 43.61
N GLN A 526 38.25 -8.19 43.32
CA GLN A 526 39.09 -9.33 42.96
C GLN A 526 39.63 -9.20 41.54
N LEU A 527 38.90 -8.51 40.65
CA LEU A 527 39.38 -8.31 39.29
C LEU A 527 40.56 -7.36 39.24
N ILE A 528 40.55 -6.33 40.11
CA ILE A 528 41.65 -5.36 40.13
C ILE A 528 42.94 -6.02 40.60
N LYS A 529 42.85 -6.99 41.50
CA LYS A 529 44.03 -7.67 42.01
C LYS A 529 44.68 -8.60 40.99
N LYS A 530 44.04 -8.82 39.84
CA LYS A 530 44.54 -9.76 38.85
C LYS A 530 45.39 -9.04 37.80
N GLU A 531 46.30 -9.80 37.21
CA GLU A 531 47.12 -9.31 36.11
C GLU A 531 46.45 -9.55 34.75
N LYS A 532 45.88 -10.74 34.56
CA LYS A 532 45.18 -11.09 33.33
C LYS A 532 43.95 -11.92 33.67
N VAL A 533 42.82 -11.58 33.08
CA VAL A 533 41.57 -12.31 33.28
C VAL A 533 40.87 -12.41 31.93
N TYR A 534 40.40 -13.60 31.58
CA TYR A 534 39.69 -13.83 30.33
C TYR A 534 38.35 -14.49 30.62
N LEU A 535 37.27 -13.81 30.26
CA LEU A 535 35.92 -14.36 30.36
C LEU A 535 35.46 -14.89 29.00
N ALA A 536 34.62 -15.91 29.06
CA ALA A 536 34.04 -16.49 27.85
C ALA A 536 32.68 -17.06 28.19
N TRP A 537 31.79 -17.09 27.20
CA TRP A 537 30.45 -17.59 27.36
C TRP A 537 30.23 -18.82 26.47
N VAL A 538 29.60 -19.84 27.03
CA VAL A 538 29.22 -21.03 26.27
C VAL A 538 27.76 -21.34 26.58
N PRO A 539 26.98 -21.80 25.61
CA PRO A 539 25.57 -22.08 25.89
C PRO A 539 25.42 -23.22 26.88
N ALA A 540 24.44 -23.08 27.77
CA ALA A 540 24.19 -24.09 28.78
C ALA A 540 23.43 -25.28 28.18
N HIS A 541 23.42 -26.38 28.95
CA HIS A 541 22.66 -27.58 28.62
C HIS A 541 23.09 -28.20 27.29
N LYS A 542 24.27 -27.86 26.79
CA LYS A 542 24.80 -28.43 25.57
C LYS A 542 25.92 -29.44 25.82
N GLY A 543 26.19 -29.74 27.08
CA GLY A 543 27.23 -30.70 27.42
C GLY A 543 28.64 -30.19 27.18
N ILE A 544 28.90 -28.93 27.48
CA ILE A 544 30.15 -28.27 27.12
C ILE A 544 31.15 -28.41 28.27
N GLY A 545 32.32 -28.96 27.95
CA GLY A 545 33.45 -29.06 28.86
C GLY A 545 33.11 -29.44 30.29
N GLY A 546 33.69 -28.72 31.25
CA GLY A 546 33.31 -28.83 32.63
C GLY A 546 32.09 -28.02 33.03
N ASN A 547 31.50 -27.29 32.08
CA ASN A 547 30.29 -26.53 32.34
C ASN A 547 29.05 -27.42 32.41
N GLU A 548 29.15 -28.67 31.98
CA GLU A 548 28.10 -29.66 32.24
C GLU A 548 28.43 -30.54 33.43
N GLN A 549 29.69 -30.64 33.83
CA GLN A 549 30.05 -31.32 35.06
C GLN A 549 29.84 -30.46 36.30
N VAL A 550 29.79 -29.13 36.14
CA VAL A 550 29.51 -28.24 37.25
C VAL A 550 28.09 -27.70 37.21
N ASP A 551 27.39 -27.82 36.08
CA ASP A 551 25.95 -27.57 36.07
C ASP A 551 25.19 -28.64 36.83
N LYS A 552 25.78 -29.82 36.98
CA LYS A 552 25.16 -30.94 37.68
C LYS A 552 25.50 -30.98 39.16
N LEU A 553 26.58 -30.32 39.58
CA LEU A 553 26.92 -30.26 41.00
C LEU A 553 26.17 -29.14 41.72
N VAL A 554 25.84 -28.07 41.01
CA VAL A 554 25.15 -26.94 41.60
C VAL A 554 23.66 -26.95 41.24
N SER A 555 23.12 -28.10 40.83
CA SER A 555 21.77 -28.16 40.31
C SER A 555 20.73 -27.80 41.37
N ALA A 556 20.78 -28.47 42.52
CA ALA A 556 19.80 -28.23 43.57
C ALA A 556 20.06 -26.91 44.27
N PRO B 4 -4.06 30.83 -6.42
CA PRO B 4 -5.39 30.60 -6.99
C PRO B 4 -5.74 29.11 -7.05
N ILE B 5 -4.89 28.29 -6.46
CA ILE B 5 -5.04 26.84 -6.48
C ILE B 5 -5.93 26.40 -5.33
N GLU B 6 -6.84 25.47 -5.61
CA GLU B 6 -7.69 24.91 -4.56
C GLU B 6 -6.87 24.00 -3.66
N THR B 7 -7.20 24.01 -2.38
CA THR B 7 -6.49 23.20 -1.40
C THR B 7 -7.13 21.82 -1.27
N VAL B 8 -6.29 20.82 -1.04
CA VAL B 8 -6.76 19.46 -0.79
C VAL B 8 -7.09 19.35 0.70
N PRO B 9 -8.34 19.09 1.06
CA PRO B 9 -8.70 19.02 2.48
C PRO B 9 -8.10 17.80 3.15
N VAL B 10 -7.41 18.03 4.27
CA VAL B 10 -6.75 16.97 5.02
C VAL B 10 -7.34 16.92 6.42
N LYS B 11 -7.26 15.74 7.04
CA LYS B 11 -7.71 15.56 8.41
C LYS B 11 -6.78 14.57 9.10
N LEU B 12 -6.58 14.77 10.40
CA LEU B 12 -5.80 13.83 11.19
C LEU B 12 -6.50 12.47 11.22
N LYS B 13 -5.73 11.45 11.58
CA LYS B 13 -6.33 10.15 11.85
C LYS B 13 -7.29 10.29 13.04
N PRO B 14 -8.39 9.56 13.04
CA PRO B 14 -9.45 9.79 14.04
C PRO B 14 -8.95 9.61 15.46
N GLY B 15 -9.36 10.53 16.34
CA GLY B 15 -9.07 10.41 17.76
C GLY B 15 -7.63 10.70 18.15
N MET B 16 -7.03 11.72 17.56
CA MET B 16 -5.70 12.16 17.96
C MET B 16 -5.58 13.67 17.83
N ASP B 17 -4.74 14.25 18.68
CA ASP B 17 -4.39 15.66 18.62
C ASP B 17 -3.03 15.81 17.92
N GLY B 18 -2.75 17.04 17.50
CA GLY B 18 -1.55 17.32 16.77
C GLY B 18 -0.30 17.13 17.61
N PRO B 19 0.86 17.34 16.96
CA PRO B 19 2.05 17.16 17.71
C PRO B 19 2.28 18.23 18.70
N LYS B 20 2.77 17.87 19.85
CA LYS B 20 3.13 18.87 20.81
C LYS B 20 4.52 18.51 21.31
N VAL B 21 5.55 18.73 20.50
CA VAL B 21 6.90 18.36 20.87
C VAL B 21 7.75 19.57 21.06
N LYS B 22 8.47 19.60 22.18
CA LYS B 22 9.31 20.76 22.50
C LYS B 22 10.49 20.90 21.59
N GLN B 23 10.93 22.13 21.40
CA GLN B 23 12.05 22.39 20.56
C GLN B 23 13.28 22.22 21.37
N TRP B 24 14.30 21.66 20.76
CA TRP B 24 15.54 21.41 21.46
C TRP B 24 16.55 22.52 21.16
N PRO B 25 17.52 22.74 22.06
CA PRO B 25 18.47 23.84 21.86
C PRO B 25 19.23 23.70 20.55
N LEU B 26 19.53 24.85 19.95
CA LEU B 26 20.17 24.90 18.64
C LEU B 26 21.42 25.77 18.69
N THR B 27 22.38 25.42 17.83
CA THR B 27 23.64 26.15 17.77
C THR B 27 23.44 27.50 17.08
N GLU B 28 24.49 28.34 17.17
CA GLU B 28 24.41 29.67 16.58
C GLU B 28 24.35 29.58 15.05
N GLU B 29 25.21 28.77 14.45
CA GLU B 29 25.26 28.68 12.99
C GLU B 29 23.98 28.12 12.40
N LYS B 30 23.15 27.46 13.22
CA LYS B 30 21.86 26.97 12.74
C LYS B 30 20.75 28.01 12.93
N ILE B 31 20.77 28.74 14.05
CA ILE B 31 19.72 29.73 14.29
C ILE B 31 19.82 30.88 13.30
N LYS B 32 21.04 31.37 13.04
CA LYS B 32 21.22 32.40 12.02
C LYS B 32 20.77 31.90 10.65
N ALA B 33 20.94 30.61 10.38
CA ALA B 33 20.49 30.07 9.09
C ALA B 33 18.98 29.99 9.01
N LEU B 34 18.33 29.69 10.14
CA LEU B 34 16.87 29.59 10.14
C LEU B 34 16.22 30.96 10.06
N VAL B 35 16.74 31.93 10.82
CA VAL B 35 16.18 33.27 10.81
C VAL B 35 16.17 33.84 9.39
N GLU B 36 17.26 33.64 8.66
CA GLU B 36 17.34 34.14 7.28
C GLU B 36 16.30 33.46 6.40
N ILE B 37 16.25 32.12 6.45
CA ILE B 37 15.33 31.38 5.59
C ILE B 37 13.88 31.67 5.97
N CYS B 38 13.60 31.81 7.26
CA CYS B 38 12.23 32.07 7.70
C CYS B 38 11.78 33.48 7.34
N THR B 39 12.66 34.47 7.52
CA THR B 39 12.32 35.83 7.12
C THR B 39 12.08 35.90 5.61
N GLU B 40 12.84 35.13 4.83
CA GLU B 40 12.65 35.09 3.39
C GLU B 40 11.37 34.35 3.03
N MET B 41 11.14 33.18 3.65
CA MET B 41 9.91 32.43 3.38
C MET B 41 8.68 33.22 3.78
N GLU B 42 8.77 33.96 4.90
CA GLU B 42 7.67 34.86 5.27
C GLU B 42 7.45 35.92 4.20
N LYS B 43 8.54 36.46 3.65
CA LYS B 43 8.43 37.49 2.62
C LYS B 43 7.87 36.92 1.32
N GLU B 44 8.09 35.63 1.06
CA GLU B 44 7.49 34.95 -0.08
C GLU B 44 6.16 34.31 0.27
N GLY B 45 5.58 34.62 1.42
CA GLY B 45 4.26 34.15 1.79
C GLY B 45 4.16 32.67 2.09
N LYS B 46 5.31 31.97 2.09
CA LYS B 46 5.28 30.54 2.37
C LYS B 46 4.95 30.26 3.83
N ILE B 47 5.31 31.18 4.73
CA ILE B 47 5.01 31.05 6.15
C ILE B 47 4.51 32.39 6.67
N SER B 48 3.94 32.36 7.88
CA SER B 48 3.45 33.55 8.54
C SER B 48 3.50 33.33 10.05
N LYS B 49 3.82 34.40 10.79
CA LYS B 49 4.00 34.29 12.22
C LYS B 49 2.68 33.98 12.92
N ILE B 50 2.77 33.32 14.08
CA ILE B 50 1.60 32.95 14.85
C ILE B 50 1.81 33.30 16.32
N GLY B 51 0.88 32.88 17.18
CA GLY B 51 0.92 33.21 18.58
C GLY B 51 0.72 32.01 19.49
N PRO B 52 0.70 32.25 20.80
CA PRO B 52 0.62 31.14 21.77
C PRO B 52 -0.74 30.48 21.85
N GLU B 53 -1.75 30.95 21.11
CA GLU B 53 -3.04 30.27 21.10
C GLU B 53 -2.97 28.93 20.39
N ASN B 54 -1.97 28.73 19.55
CA ASN B 54 -1.76 27.47 18.84
C ASN B 54 -1.01 26.50 19.75
N PRO B 55 -1.67 25.45 20.25
CA PRO B 55 -1.03 24.54 21.19
C PRO B 55 -0.10 23.51 20.57
N TYR B 56 0.15 23.59 19.26
CA TYR B 56 0.94 22.60 18.56
C TYR B 56 2.34 23.15 18.27
N ASN B 57 3.31 22.24 18.22
CA ASN B 57 4.68 22.62 17.90
C ASN B 57 5.42 21.39 17.40
N THR B 58 6.43 21.65 16.56
CA THR B 58 7.24 20.61 15.96
C THR B 58 8.69 21.11 15.95
N PRO B 59 9.65 20.27 16.36
CA PRO B 59 11.05 20.72 16.36
C PRO B 59 11.56 21.05 14.97
N VAL B 60 12.55 21.92 14.92
CA VAL B 60 13.14 22.41 13.67
C VAL B 60 14.64 22.59 13.87
N PHE B 61 15.41 22.26 12.83
CA PHE B 61 16.84 22.53 12.80
C PHE B 61 17.26 22.65 11.33
N ALA B 62 18.57 22.76 11.11
CA ALA B 62 19.11 22.98 9.77
C ALA B 62 20.29 22.04 9.53
N ILE B 63 20.55 21.78 8.24
CA ILE B 63 21.56 20.82 7.81
C ILE B 63 22.25 21.32 6.55
N LYS B 64 23.38 20.70 6.23
CA LYS B 64 24.05 20.84 4.95
C LYS B 64 24.22 19.46 4.35
N LYS B 65 23.64 19.25 3.16
CA LYS B 65 23.80 17.97 2.48
C LYS B 65 25.28 17.73 2.14
N LYS B 66 25.57 16.49 1.74
CA LYS B 66 26.94 16.12 1.40
C LYS B 66 27.50 17.04 0.32
N ASP B 67 28.62 17.70 0.64
CA ASP B 67 29.30 18.59 -0.29
C ASP B 67 28.37 19.73 -0.75
N SER B 68 27.71 20.35 0.22
CA SER B 68 26.77 21.44 -0.05
C SER B 68 27.06 22.58 0.91
N THR B 69 27.39 23.75 0.36
CA THR B 69 27.68 24.91 1.18
C THR B 69 26.42 25.48 1.81
N LYS B 70 25.30 25.43 1.10
CA LYS B 70 24.07 26.07 1.55
C LYS B 70 23.39 25.27 2.64
N TRP B 71 22.84 25.99 3.63
CA TRP B 71 22.03 25.38 4.67
C TRP B 71 20.64 25.03 4.13
N ARG B 72 19.97 24.11 4.82
CA ARG B 72 18.64 23.67 4.44
C ARG B 72 17.78 23.56 5.69
N LYS B 73 16.54 24.04 5.59
CA LYS B 73 15.64 24.01 6.73
C LYS B 73 14.98 22.63 6.82
N LEU B 74 15.03 22.04 8.01
CA LEU B 74 14.51 20.71 8.24
C LEU B 74 13.59 20.71 9.45
N VAL B 75 12.44 20.03 9.31
CA VAL B 75 11.41 19.99 10.34
C VAL B 75 11.18 18.54 10.73
N ASP B 76 11.12 18.28 12.04
CA ASP B 76 10.97 16.92 12.56
C ASP B 76 9.50 16.56 12.67
N PHE B 77 8.88 16.39 11.51
CA PHE B 77 7.45 16.07 11.41
C PHE B 77 7.14 14.62 11.71
N ARG B 78 8.06 13.86 12.32
CA ARG B 78 7.80 12.46 12.63
C ARG B 78 6.56 12.30 13.50
N GLU B 79 6.35 13.22 14.44
CA GLU B 79 5.18 13.14 15.29
C GLU B 79 3.91 13.55 14.54
N LEU B 80 4.04 14.44 13.56
CA LEU B 80 2.89 14.79 12.73
C LEU B 80 2.55 13.66 11.75
N ASN B 81 3.58 13.07 11.13
CA ASN B 81 3.35 12.01 10.15
C ASN B 81 2.69 10.80 10.78
N LYS B 82 3.07 10.48 12.02
CA LYS B 82 2.41 9.36 12.72
C LYS B 82 0.94 9.63 12.95
N ARG B 83 0.55 10.90 13.02
CA ARG B 83 -0.83 11.29 13.31
C ARG B 83 -1.61 11.67 12.06
N THR B 84 -1.08 11.35 10.87
CA THR B 84 -1.79 11.59 9.62
C THR B 84 -1.61 10.42 8.67
N GLN B 85 -1.34 9.21 9.19
CA GLN B 85 -0.87 8.10 8.38
C GLN B 85 -1.93 7.61 7.41
N ASP B 86 -3.21 7.77 7.74
CA ASP B 86 -4.27 7.23 6.87
C ASP B 86 -4.34 7.98 5.54
N PHE B 87 -3.90 9.24 5.50
CA PHE B 87 -4.08 10.05 4.31
C PHE B 87 -3.15 9.61 3.19
N TRP B 88 -1.85 9.55 3.46
CA TRP B 88 -0.85 9.27 2.44
C TRP B 88 -0.64 7.77 2.18
N GLU B 89 -1.49 6.91 2.73
CA GLU B 89 -1.42 5.48 2.48
C GLU B 89 -2.71 4.90 1.91
N VAL B 90 -3.86 5.43 2.30
CA VAL B 90 -5.15 4.88 1.88
C VAL B 90 -5.72 5.64 0.68
N GLN B 91 -5.68 6.97 0.73
CA GLN B 91 -6.34 7.78 -0.29
C GLN B 91 -5.41 8.13 -1.45
N LEU B 92 -4.23 8.67 -1.16
CA LEU B 92 -3.34 9.15 -2.21
C LEU B 92 -1.97 8.51 -2.12
N GLY B 93 -1.91 7.17 -2.14
CA GLY B 93 -0.65 6.48 -2.03
C GLY B 93 0.15 6.48 -3.33
N ILE B 94 1.43 6.21 -3.20
CA ILE B 94 2.37 6.18 -4.32
C ILE B 94 2.83 4.73 -4.51
N PRO B 95 2.72 4.16 -5.71
CA PRO B 95 3.21 2.80 -5.92
C PRO B 95 4.72 2.74 -5.83
N HIS B 96 5.23 1.54 -5.54
CA HIS B 96 6.66 1.34 -5.38
C HIS B 96 7.20 0.48 -6.52
N PRO B 97 7.95 1.05 -7.47
CA PRO B 97 8.49 0.25 -8.58
C PRO B 97 9.56 -0.72 -8.10
N ALA B 98 9.24 -2.02 -8.14
CA ALA B 98 10.16 -3.04 -7.67
C ALA B 98 11.40 -3.18 -8.53
N GLY B 99 11.44 -2.55 -9.70
CA GLY B 99 12.63 -2.57 -10.54
C GLY B 99 13.63 -1.49 -10.25
N LEU B 100 13.28 -0.54 -9.36
CA LEU B 100 14.20 0.55 -9.03
C LEU B 100 15.47 0.01 -8.38
N LYS B 101 15.34 -1.03 -7.55
CA LYS B 101 16.50 -1.63 -6.88
C LYS B 101 17.42 -2.37 -7.84
N LYS B 102 16.98 -2.63 -9.07
CA LYS B 102 17.73 -3.43 -10.02
C LYS B 102 18.55 -2.59 -11.00
N LYS B 103 18.39 -1.27 -10.99
CA LYS B 103 19.08 -0.42 -11.95
C LYS B 103 20.58 -0.36 -11.65
N LYS B 104 21.36 -0.13 -12.70
CA LYS B 104 22.81 0.02 -12.53
C LYS B 104 23.16 1.28 -11.77
N SER B 105 22.35 2.33 -11.89
CA SER B 105 22.62 3.59 -11.22
C SER B 105 21.29 4.26 -10.89
N VAL B 106 21.23 4.89 -9.72
CA VAL B 106 20.06 5.62 -9.27
C VAL B 106 20.51 6.94 -8.66
N THR B 107 19.89 8.04 -9.08
CA THR B 107 20.25 9.37 -8.63
C THR B 107 19.09 10.00 -7.87
N VAL B 108 19.42 10.80 -6.86
CA VAL B 108 18.45 11.42 -5.98
C VAL B 108 18.46 12.93 -6.20
N LEU B 109 17.27 13.52 -6.20
CA LEU B 109 17.11 14.96 -6.46
C LEU B 109 16.21 15.57 -5.41
N ASP B 110 16.69 16.62 -4.75
CA ASP B 110 15.88 17.36 -3.79
C ASP B 110 14.86 18.21 -4.54
N VAL B 111 13.60 17.81 -4.48
CA VAL B 111 12.52 18.51 -5.17
C VAL B 111 11.61 19.23 -4.17
N GLY B 112 12.13 19.55 -2.98
CA GLY B 112 11.33 20.18 -1.95
C GLY B 112 10.84 21.57 -2.30
N ASP B 113 11.53 22.27 -3.20
CA ASP B 113 11.15 23.64 -3.54
C ASP B 113 9.83 23.69 -4.31
N ALA B 114 9.42 22.60 -4.95
CA ALA B 114 8.20 22.63 -5.75
C ALA B 114 6.95 22.66 -4.88
N TYR B 115 7.02 22.12 -3.66
CA TYR B 115 5.86 22.08 -2.79
C TYR B 115 5.42 23.46 -2.35
N PHE B 116 6.32 24.45 -2.35
CA PHE B 116 5.95 25.80 -1.98
C PHE B 116 5.02 26.46 -2.99
N SER B 117 4.88 25.88 -4.19
CA SER B 117 3.99 26.42 -5.20
C SER B 117 2.51 26.14 -4.91
N VAL B 118 2.23 25.16 -4.08
CA VAL B 118 0.86 24.71 -3.80
C VAL B 118 0.47 25.18 -2.41
N PRO B 119 -0.68 25.83 -2.24
CA PRO B 119 -1.12 26.21 -0.90
C PRO B 119 -1.62 25.01 -0.13
N LEU B 120 -1.58 25.15 1.20
CA LEU B 120 -2.02 24.10 2.12
C LEU B 120 -3.45 24.36 2.57
N ASP B 121 -4.11 23.29 3.01
CA ASP B 121 -5.45 23.41 3.58
C ASP B 121 -5.42 24.35 4.78
N GLU B 122 -6.36 25.30 4.79
CA GLU B 122 -6.34 26.35 5.80
C GLU B 122 -6.52 25.78 7.20
N ASP B 123 -7.43 24.80 7.36
CA ASP B 123 -7.67 24.21 8.67
C ASP B 123 -6.53 23.33 9.14
N PHE B 124 -5.60 22.96 8.25
CA PHE B 124 -4.48 22.11 8.61
C PHE B 124 -3.21 22.89 8.93
N ARG B 125 -3.18 24.19 8.63
CA ARG B 125 -2.01 25.00 8.93
C ARG B 125 -1.77 25.13 10.44
N LYS B 126 -2.76 24.81 11.25
CA LYS B 126 -2.60 24.91 12.70
C LYS B 126 -1.59 23.90 13.23
N TYR B 127 -1.40 22.78 12.53
CA TYR B 127 -0.54 21.72 13.00
C TYR B 127 0.90 21.84 12.51
N THR B 128 1.16 22.69 11.52
CA THR B 128 2.52 22.88 11.00
C THR B 128 3.34 23.86 11.83
N ALA B 129 2.96 24.08 13.09
CA ALA B 129 3.58 25.13 13.89
C ALA B 129 4.95 24.70 14.40
N PHE B 130 5.89 25.65 14.40
CA PHE B 130 7.22 25.41 14.94
C PHE B 130 7.74 26.69 15.59
N THR B 131 8.89 26.57 16.25
CA THR B 131 9.44 27.65 17.03
C THR B 131 10.94 27.75 16.80
N ILE B 132 11.43 28.98 16.63
CA ILE B 132 12.87 29.24 16.50
C ILE B 132 13.38 29.69 17.86
N PRO B 133 14.31 28.96 18.48
CA PRO B 133 14.87 29.39 19.76
C PRO B 133 15.94 30.46 19.55
N SER B 134 16.33 31.09 20.65
CA SER B 134 17.33 32.14 20.65
C SER B 134 18.47 31.77 21.59
N ILE B 135 19.69 32.17 21.20
CA ILE B 135 20.86 31.89 22.02
C ILE B 135 20.70 32.55 23.37
N ASN B 136 20.93 31.79 24.44
CA ASN B 136 20.79 32.24 25.82
C ASN B 136 19.38 32.75 26.12
N ASN B 137 18.40 32.39 25.28
CA ASN B 137 17.03 32.85 25.44
C ASN B 137 16.96 34.37 25.56
N GLU B 138 17.68 35.05 24.67
CA GLU B 138 17.62 36.51 24.60
C GLU B 138 16.17 36.97 24.44
N THR B 139 15.49 36.44 23.44
CA THR B 139 14.09 36.70 23.18
C THR B 139 13.27 35.42 23.36
N PRO B 140 11.98 35.53 23.66
CA PRO B 140 11.12 34.34 23.61
C PRO B 140 11.03 33.75 22.22
N GLY B 141 10.33 32.64 22.08
CA GLY B 141 10.36 31.89 20.83
C GLY B 141 9.63 32.61 19.71
N ILE B 142 10.28 32.75 18.57
CA ILE B 142 9.67 33.31 17.37
C ILE B 142 8.97 32.17 16.63
N ARG B 143 7.65 32.22 16.59
CA ARG B 143 6.84 31.12 16.05
C ARG B 143 6.31 31.45 14.66
N TYR B 144 6.19 30.41 13.84
CA TYR B 144 5.66 30.52 12.49
C TYR B 144 4.74 29.34 12.23
N GLN B 145 4.05 29.38 11.08
CA GLN B 145 3.30 28.24 10.60
C GLN B 145 3.28 28.29 9.08
N TYR B 146 3.07 27.12 8.47
CA TYR B 146 3.24 26.95 7.03
C TYR B 146 1.97 27.33 6.29
N ASN B 147 2.14 28.10 5.20
CA ASN B 147 1.04 28.47 4.34
C ASN B 147 0.98 27.66 3.05
N VAL B 148 2.02 26.90 2.74
CA VAL B 148 2.07 26.08 1.53
C VAL B 148 2.30 24.63 1.94
N LEU B 149 2.68 23.79 0.99
CA LEU B 149 3.03 22.42 1.30
C LEU B 149 4.40 22.37 1.96
N PRO B 150 4.51 21.86 3.18
CA PRO B 150 5.80 21.91 3.89
C PRO B 150 6.75 20.83 3.41
N GLN B 151 8.04 21.14 3.51
CA GLN B 151 9.09 20.17 3.23
C GLN B 151 9.21 19.20 4.41
N GLY B 152 9.29 17.91 4.10
CA GLY B 152 9.47 16.90 5.12
C GLY B 152 8.18 16.34 5.69
N TRP B 153 7.03 16.78 5.21
CA TRP B 153 5.75 16.22 5.62
C TRP B 153 5.33 15.13 4.63
N LYS B 154 4.72 14.06 5.14
CA LYS B 154 4.34 12.94 4.29
C LYS B 154 3.07 13.18 3.51
N GLY B 155 2.36 14.28 3.76
CA GLY B 155 1.18 14.60 2.98
C GLY B 155 1.51 15.48 1.79
N SER B 156 2.70 16.09 1.80
CA SER B 156 3.08 16.97 0.69
C SER B 156 3.29 16.20 -0.61
N PRO B 157 4.10 15.14 -0.66
CA PRO B 157 4.26 14.43 -1.93
C PRO B 157 3.01 13.68 -2.38
N ALA B 158 2.00 13.54 -1.52
CA ALA B 158 0.76 12.92 -1.94
C ALA B 158 -0.16 13.93 -2.64
N ILE B 159 -0.24 15.15 -2.12
CA ILE B 159 -1.05 16.18 -2.75
C ILE B 159 -0.43 16.59 -4.09
N PHE B 160 0.88 16.76 -4.12
CA PHE B 160 1.62 17.17 -5.31
C PHE B 160 1.77 16.05 -6.33
N GLN B 161 1.31 14.85 -6.02
CA GLN B 161 1.55 13.70 -6.90
C GLN B 161 0.86 13.87 -8.24
N SER B 162 -0.40 14.30 -8.23
CA SER B 162 -1.12 14.54 -9.48
C SER B 162 -0.41 15.58 -10.34
N SER B 163 0.04 16.68 -9.70
CA SER B 163 0.81 17.68 -10.42
C SER B 163 2.16 17.13 -10.88
N MET B 164 2.76 16.25 -10.09
CA MET B 164 4.08 15.71 -10.42
C MET B 164 4.00 14.78 -11.62
N THR B 165 3.00 13.90 -11.65
CA THR B 165 2.87 12.96 -12.76
C THR B 165 2.73 13.68 -14.09
N LYS B 166 2.04 14.81 -14.10
CA LYS B 166 1.85 15.57 -15.34
C LYS B 166 3.13 16.26 -15.77
N ILE B 167 3.98 16.64 -14.82
CA ILE B 167 5.27 17.21 -15.17
C ILE B 167 6.18 16.13 -15.76
N LEU B 168 6.05 14.89 -15.29
CA LEU B 168 6.95 13.81 -15.68
C LEU B 168 6.52 13.08 -16.94
N GLU B 169 5.28 13.28 -17.40
CA GLU B 169 4.79 12.52 -18.55
C GLU B 169 5.59 12.80 -19.82
N PRO B 170 5.91 14.05 -20.19
CA PRO B 170 6.74 14.25 -21.38
C PRO B 170 8.10 13.60 -21.30
N PHE B 171 8.65 13.44 -20.09
CA PHE B 171 9.94 12.78 -19.93
C PHE B 171 9.80 11.27 -19.81
N LYS B 172 8.72 10.79 -19.18
CA LYS B 172 8.50 9.35 -19.10
C LYS B 172 8.15 8.75 -20.46
N LYS B 173 7.54 9.53 -21.33
CA LYS B 173 7.22 9.04 -22.67
C LYS B 173 8.47 8.99 -23.55
N GLN B 174 9.30 10.03 -23.49
CA GLN B 174 10.56 10.01 -24.25
C GLN B 174 11.47 8.89 -23.76
N ASN B 175 11.57 8.71 -22.44
CA ASN B 175 12.45 7.71 -21.83
C ASN B 175 11.59 6.76 -21.01
N PRO B 176 11.03 5.71 -21.62
CA PRO B 176 10.13 4.82 -20.90
C PRO B 176 10.86 3.79 -20.05
N ASP B 177 12.08 3.43 -20.45
CA ASP B 177 12.85 2.42 -19.71
C ASP B 177 13.38 2.94 -18.40
N ILE B 178 13.29 4.25 -18.14
CA ILE B 178 13.78 4.85 -16.91
C ILE B 178 12.68 4.76 -15.85
N VAL B 179 13.08 4.48 -14.61
CA VAL B 179 12.16 4.32 -13.50
C VAL B 179 12.31 5.52 -12.56
N ILE B 180 11.18 6.14 -12.22
CA ILE B 180 11.14 7.29 -11.32
C ILE B 180 10.26 6.95 -10.13
N TYR B 181 10.80 7.17 -8.93
CA TYR B 181 10.04 7.01 -7.69
C TYR B 181 10.23 8.26 -6.84
N GLN B 182 9.16 8.66 -6.14
CA GLN B 182 9.15 9.87 -5.34
C GLN B 182 8.89 9.50 -3.89
N TYR B 183 9.80 9.91 -3.00
CA TYR B 183 9.65 9.67 -1.57
C TYR B 183 10.06 10.92 -0.82
N MET B 184 9.14 11.48 -0.04
CA MET B 184 9.38 12.69 0.76
C MET B 184 9.79 13.81 -0.18
N ASP B 185 10.83 14.58 0.13
CA ASP B 185 11.29 15.68 -0.72
C ASP B 185 12.31 15.23 -1.75
N ASP B 186 12.40 13.94 -2.02
CA ASP B 186 13.44 13.38 -2.87
C ASP B 186 12.83 12.65 -4.07
N LEU B 187 13.58 12.63 -5.17
CA LEU B 187 13.17 11.99 -6.41
C LEU B 187 14.24 10.99 -6.82
N TYR B 188 13.86 9.72 -6.93
CA TYR B 188 14.80 8.65 -7.23
C TYR B 188 14.63 8.24 -8.69
N VAL B 189 15.69 8.40 -9.47
CA VAL B 189 15.68 8.14 -10.91
C VAL B 189 16.76 7.12 -11.22
N GLY B 190 16.34 5.96 -11.73
CA GLY B 190 17.26 4.87 -12.01
C GLY B 190 17.24 4.48 -13.48
N SER B 191 18.43 4.22 -14.03
CA SER B 191 18.57 3.83 -15.42
C SER B 191 19.75 2.90 -15.55
N ASP B 192 19.67 1.99 -16.54
CA ASP B 192 20.77 1.10 -16.87
C ASP B 192 21.77 1.73 -17.82
N LEU B 193 21.62 3.02 -18.12
CA LEU B 193 22.54 3.71 -19.02
C LEU B 193 23.95 3.67 -18.47
N GLU B 194 24.93 3.74 -19.37
CA GLU B 194 26.30 3.96 -18.96
C GLU B 194 26.39 5.25 -18.15
N ILE B 195 27.34 5.28 -17.21
CA ILE B 195 27.41 6.37 -16.22
C ILE B 195 27.41 7.74 -16.89
N GLY B 196 27.98 7.83 -18.09
CA GLY B 196 27.99 9.08 -18.83
C GLY B 196 26.60 9.56 -19.24
N GLN B 197 25.99 8.89 -20.20
CA GLN B 197 24.67 9.28 -20.68
C GLN B 197 23.60 9.19 -19.60
N HIS B 198 23.88 8.53 -18.48
CA HIS B 198 22.98 8.58 -17.34
C HIS B 198 22.96 9.99 -16.73
N ARG B 199 24.14 10.50 -16.34
CA ARG B 199 24.22 11.86 -15.81
C ARG B 199 23.70 12.88 -16.81
N THR B 200 23.78 12.57 -18.10
CA THR B 200 23.22 13.47 -19.11
C THR B 200 21.70 13.52 -19.01
N LYS B 201 21.04 12.37 -18.99
CA LYS B 201 19.59 12.33 -18.88
C LYS B 201 19.12 12.96 -17.56
N ILE B 202 19.96 12.94 -16.53
CA ILE B 202 19.63 13.65 -15.30
C ILE B 202 19.49 15.14 -15.57
N GLU B 203 20.47 15.72 -16.25
CA GLU B 203 20.42 17.15 -16.54
C GLU B 203 19.28 17.48 -17.50
N GLU B 204 18.90 16.53 -18.36
CA GLU B 204 17.70 16.72 -19.17
C GLU B 204 16.47 16.89 -18.29
N LEU B 205 16.36 16.07 -17.24
CA LEU B 205 15.24 16.19 -16.32
C LEU B 205 15.39 17.39 -15.39
N ARG B 206 16.62 17.75 -15.04
CA ARG B 206 16.83 18.95 -14.23
C ARG B 206 16.32 20.20 -14.95
N GLN B 207 16.62 20.31 -16.25
CA GLN B 207 16.08 21.43 -17.03
C GLN B 207 14.61 21.24 -17.31
N HIS B 208 14.14 19.99 -17.42
CA HIS B 208 12.72 19.72 -17.58
C HIS B 208 11.93 20.11 -16.33
N LEU B 209 12.58 20.12 -15.17
CA LEU B 209 11.93 20.55 -13.92
C LEU B 209 12.07 22.04 -13.67
N LEU B 210 13.13 22.66 -14.20
CA LEU B 210 13.31 24.10 -14.01
C LEU B 210 12.27 24.91 -14.77
N ARG B 211 11.77 24.39 -15.89
CA ARG B 211 10.78 25.10 -16.68
C ARG B 211 9.38 25.02 -16.09
N TRP B 212 9.18 24.25 -15.02
CA TRP B 212 7.90 24.21 -14.33
C TRP B 212 7.95 24.86 -12.95
N GLY B 213 9.12 25.34 -12.52
CA GLY B 213 9.22 26.08 -11.29
C GLY B 213 9.86 25.35 -10.13
N LEU B 214 11.03 24.75 -10.37
CA LEU B 214 11.77 24.08 -9.29
C LEU B 214 13.00 24.88 -8.90
N TRP B 229 17.32 20.88 -7.81
CA TRP B 229 18.74 20.72 -8.09
C TRP B 229 19.44 19.96 -6.97
N MET B 230 20.15 18.89 -7.34
CA MET B 230 20.92 18.06 -6.42
C MET B 230 21.78 17.12 -7.26
N GLY B 231 22.34 16.10 -6.62
CA GLY B 231 23.15 15.13 -7.34
C GLY B 231 23.89 14.13 -6.46
N TYR B 232 23.22 13.04 -6.09
CA TYR B 232 23.80 11.98 -5.28
C TYR B 232 23.58 10.65 -6.00
N GLU B 233 24.66 9.95 -6.31
CA GLU B 233 24.60 8.75 -7.15
C GLU B 233 24.66 7.48 -6.31
N LEU B 234 23.81 6.52 -6.66
CA LEU B 234 23.77 5.22 -6.01
C LEU B 234 23.92 4.12 -7.06
N HIS B 235 24.35 2.95 -6.61
CA HIS B 235 24.52 1.77 -7.48
C HIS B 235 23.94 0.57 -6.78
N PRO B 236 22.61 0.38 -6.84
CA PRO B 236 21.98 -0.71 -6.09
C PRO B 236 22.33 -2.10 -6.60
N ASP B 237 22.79 -2.25 -7.86
CA ASP B 237 23.17 -3.56 -8.33
C ASP B 237 24.44 -4.06 -7.66
N LYS B 238 25.26 -3.15 -7.13
CA LYS B 238 26.49 -3.50 -6.42
C LYS B 238 26.30 -3.56 -4.91
N TRP B 239 25.09 -3.89 -4.46
CA TRP B 239 24.79 -4.00 -3.04
C TRP B 239 24.94 -5.47 -2.62
N THR B 240 25.85 -5.72 -1.69
CA THR B 240 26.14 -7.07 -1.22
C THR B 240 25.58 -7.30 0.18
N VAL B 241 25.32 -8.56 0.49
CA VAL B 241 24.81 -8.95 1.79
C VAL B 241 25.94 -9.60 2.58
N GLN B 242 25.84 -9.51 3.91
CA GLN B 242 26.84 -10.06 4.81
C GLN B 242 26.35 -11.39 5.37
N PRO B 243 26.85 -12.52 4.90
CA PRO B 243 26.42 -13.82 5.45
C PRO B 243 27.12 -14.11 6.76
N ILE B 244 26.63 -15.16 7.43
CA ILE B 244 27.26 -15.67 8.64
C ILE B 244 28.33 -16.67 8.22
N VAL B 245 29.55 -16.44 8.68
CA VAL B 245 30.71 -17.24 8.25
C VAL B 245 31.35 -17.89 9.46
N LEU B 246 31.96 -19.06 9.23
CA LEU B 246 32.70 -19.82 10.21
C LEU B 246 34.18 -19.86 9.83
N PRO B 247 35.08 -19.72 10.80
CA PRO B 247 36.52 -19.66 10.47
C PRO B 247 37.01 -20.96 9.85
N GLU B 248 38.10 -20.85 9.09
CA GLU B 248 38.71 -21.98 8.41
C GLU B 248 40.08 -22.24 9.04
N LYS B 249 40.06 -22.74 10.28
CA LYS B 249 41.28 -23.05 11.00
C LYS B 249 41.71 -24.48 10.73
N ASP B 250 43.02 -24.69 10.60
CA ASP B 250 43.56 -26.03 10.49
C ASP B 250 43.92 -26.64 11.84
N SER B 251 44.10 -25.82 12.86
CA SER B 251 44.38 -26.27 14.22
C SER B 251 43.41 -25.57 15.16
N TRP B 252 42.55 -26.34 15.82
CA TRP B 252 41.50 -25.81 16.68
C TRP B 252 41.86 -26.05 18.14
N THR B 253 41.58 -25.04 18.98
CA THR B 253 41.77 -25.16 20.42
C THR B 253 40.41 -25.33 21.10
N VAL B 254 40.46 -25.61 22.41
CA VAL B 254 39.23 -25.72 23.19
C VAL B 254 38.41 -24.44 23.08
N ASN B 255 39.08 -23.29 23.21
CA ASN B 255 38.38 -22.02 23.17
C ASN B 255 37.78 -21.76 21.78
N ASP B 256 38.55 -22.05 20.73
CA ASP B 256 38.01 -21.90 19.37
C ASP B 256 36.75 -22.72 19.17
N ILE B 257 36.73 -23.94 19.70
CA ILE B 257 35.56 -24.80 19.55
C ILE B 257 34.41 -24.31 20.41
N GLN B 258 34.70 -23.67 21.54
CA GLN B 258 33.64 -23.15 22.40
C GLN B 258 32.98 -21.94 21.76
N LYS B 259 33.79 -20.99 21.25
CA LYS B 259 33.23 -19.88 20.50
C LYS B 259 32.47 -20.35 19.27
N LEU B 260 32.96 -21.42 18.64
CA LEU B 260 32.29 -21.95 17.45
C LEU B 260 30.90 -22.48 17.77
N VAL B 261 30.77 -23.21 18.89
CA VAL B 261 29.46 -23.78 19.24
C VAL B 261 28.49 -22.67 19.62
N GLY B 262 28.92 -21.71 20.44
CA GLY B 262 28.05 -20.62 20.81
C GLY B 262 27.52 -19.84 19.62
N LYS B 263 28.40 -19.53 18.67
CA LYS B 263 27.96 -18.88 17.44
C LYS B 263 27.04 -19.79 16.64
N LEU B 264 27.38 -21.09 16.56
CA LEU B 264 26.50 -22.04 15.88
C LEU B 264 25.22 -22.26 16.67
N ASN B 265 25.29 -22.24 18.00
CA ASN B 265 24.08 -22.29 18.80
C ASN B 265 23.20 -21.07 18.56
N TRP B 266 23.82 -19.90 18.44
CA TRP B 266 23.06 -18.68 18.24
C TRP B 266 22.43 -18.64 16.85
N ALA B 267 23.18 -19.04 15.83
CA ALA B 267 22.67 -19.02 14.46
C ALA B 267 21.57 -20.05 14.24
N SER B 268 21.45 -21.06 15.12
CA SER B 268 20.43 -22.09 14.95
C SER B 268 19.02 -21.51 14.98
N GLN B 269 18.84 -20.31 15.54
CA GLN B 269 17.54 -19.66 15.54
C GLN B 269 17.13 -19.15 14.16
N ILE B 270 18.07 -19.08 13.22
CA ILE B 270 17.80 -18.60 11.86
C ILE B 270 17.68 -19.79 10.92
N TYR B 271 18.74 -20.60 10.85
CA TYR B 271 18.77 -21.82 10.06
C TYR B 271 18.47 -22.99 10.98
N PRO B 272 17.25 -23.52 10.99
CA PRO B 272 16.91 -24.59 11.95
C PRO B 272 17.69 -25.89 11.72
N GLY B 273 18.33 -26.06 10.57
CA GLY B 273 19.06 -27.28 10.28
C GLY B 273 20.43 -27.39 10.90
N ILE B 274 20.80 -26.43 11.72
CA ILE B 274 22.14 -26.41 12.27
C ILE B 274 22.17 -27.26 13.50
N LYS B 275 23.17 -28.12 13.60
CA LYS B 275 23.25 -29.01 14.72
C LYS B 275 24.64 -28.94 15.29
N VAL B 276 24.77 -29.08 16.59
CA VAL B 276 26.07 -28.97 17.24
C VAL B 276 26.48 -30.15 18.07
N ARG B 277 25.84 -31.30 17.93
CA ARG B 277 26.13 -32.39 18.84
C ARG B 277 27.52 -32.89 18.83
N GLN B 278 28.08 -33.09 17.66
CA GLN B 278 29.41 -33.67 17.60
C GLN B 278 30.40 -32.75 18.19
N LEU B 279 30.24 -31.48 17.88
CA LEU B 279 31.18 -30.53 18.36
C LEU B 279 31.11 -30.47 19.85
N SER B 280 29.92 -30.54 20.40
CA SER B 280 29.81 -30.56 21.82
C SER B 280 30.56 -31.76 22.40
N LYS B 281 30.46 -32.90 21.74
CA LYS B 281 31.16 -34.08 22.25
C LYS B 281 32.66 -33.84 22.37
N LEU B 282 33.22 -33.00 21.49
CA LEU B 282 34.63 -32.64 21.63
C LEU B 282 34.90 -31.82 22.88
N LEU B 283 33.89 -31.16 23.42
CA LEU B 283 33.98 -30.46 24.69
C LEU B 283 33.36 -31.27 25.82
N ARG B 284 33.81 -32.52 25.98
CA ARG B 284 33.35 -33.33 27.10
C ARG B 284 34.16 -33.07 28.36
N GLY B 285 35.49 -33.07 28.24
CA GLY B 285 36.33 -32.94 29.40
C GLY B 285 36.55 -31.49 29.83
N THR B 286 36.89 -31.34 31.11
CA THR B 286 37.23 -30.05 31.69
C THR B 286 38.65 -29.68 31.29
N LYS B 287 38.80 -29.29 30.03
CA LYS B 287 40.11 -29.05 29.44
C LYS B 287 40.48 -27.58 29.49
N ALA B 288 41.79 -27.31 29.53
CA ALA B 288 42.28 -25.95 29.44
C ALA B 288 41.90 -25.33 28.11
N LEU B 289 41.59 -24.03 28.13
CA LEU B 289 41.09 -23.38 26.93
C LEU B 289 42.13 -23.38 25.82
N THR B 290 43.39 -23.13 26.16
CA THR B 290 44.45 -23.05 25.16
C THR B 290 44.90 -24.41 24.63
N GLU B 291 44.23 -25.49 25.02
CA GLU B 291 44.67 -26.83 24.64
C GLU B 291 44.14 -27.19 23.25
N VAL B 292 45.06 -27.61 22.38
CA VAL B 292 44.68 -28.00 21.02
C VAL B 292 43.89 -29.29 21.05
N ILE B 293 42.80 -29.33 20.28
CA ILE B 293 41.89 -30.47 20.24
C ILE B 293 41.74 -30.93 18.80
N PRO B 294 42.06 -32.17 18.46
CA PRO B 294 41.84 -32.66 17.11
C PRO B 294 40.35 -32.88 16.86
N LEU B 295 39.92 -32.53 15.65
CA LEU B 295 38.53 -32.69 15.26
C LEU B 295 38.27 -34.15 14.87
N THR B 296 37.27 -34.77 15.51
CA THR B 296 36.91 -36.13 15.17
C THR B 296 36.36 -36.19 13.74
N GLU B 297 36.20 -37.41 13.23
CA GLU B 297 35.70 -37.57 11.87
C GLU B 297 34.24 -37.15 11.77
N GLU B 298 33.45 -37.43 12.81
CA GLU B 298 32.06 -36.99 12.83
C GLU B 298 31.93 -35.49 13.05
N ALA B 299 32.95 -34.86 13.65
CA ALA B 299 32.91 -33.41 13.87
C ALA B 299 33.23 -32.65 12.59
N GLU B 300 34.27 -33.06 11.86
CA GLU B 300 34.65 -32.39 10.63
C GLU B 300 33.53 -32.41 9.58
N LEU B 301 32.56 -33.31 9.74
CA LEU B 301 31.43 -33.37 8.81
C LEU B 301 30.28 -32.49 9.26
N GLU B 302 30.02 -32.41 10.56
CA GLU B 302 29.03 -31.46 11.07
C GLU B 302 29.47 -30.02 10.88
N LEU B 303 30.78 -29.79 10.76
CA LEU B 303 31.29 -28.45 10.49
C LEU B 303 31.11 -28.08 9.02
N ALA B 304 31.25 -29.05 8.11
CA ALA B 304 31.12 -28.76 6.69
C ALA B 304 29.66 -28.64 6.27
N GLU B 305 28.76 -29.42 6.87
CA GLU B 305 27.35 -29.32 6.52
C GLU B 305 26.76 -28.00 7.00
N ASN B 306 27.15 -27.55 8.19
CA ASN B 306 26.66 -26.27 8.68
C ASN B 306 27.17 -25.11 7.84
N ARG B 307 28.40 -25.21 7.32
CA ARG B 307 28.90 -24.20 6.41
C ARG B 307 28.05 -24.14 5.14
N GLU B 308 27.56 -25.29 4.68
CA GLU B 308 26.72 -25.32 3.50
C GLU B 308 25.30 -24.81 3.78
N ILE B 309 24.80 -25.03 5.00
CA ILE B 309 23.49 -24.50 5.35
C ILE B 309 23.54 -22.97 5.45
N LEU B 310 24.68 -22.43 5.86
CA LEU B 310 24.85 -20.97 5.86
C LEU B 310 24.97 -20.41 4.45
N LYS B 311 25.23 -21.26 3.46
CA LYS B 311 25.18 -20.82 2.06
C LYS B 311 23.74 -20.72 1.57
N GLU B 312 22.89 -21.65 1.99
CA GLU B 312 21.50 -21.65 1.56
C GLU B 312 20.77 -20.43 2.09
N PRO B 313 19.73 -19.97 1.41
CA PRO B 313 18.89 -18.91 1.95
C PRO B 313 17.93 -19.46 3.00
N VAL B 314 17.49 -18.56 3.88
CA VAL B 314 16.53 -18.94 4.92
C VAL B 314 15.21 -19.30 4.26
N HIS B 315 14.53 -20.29 4.84
CA HIS B 315 13.25 -20.76 4.29
C HIS B 315 12.11 -19.95 4.87
N GLY B 316 11.24 -19.44 3.99
CA GLY B 316 10.05 -18.74 4.42
C GLY B 316 10.23 -17.27 4.70
N VAL B 317 11.20 -16.61 4.07
CA VAL B 317 11.48 -15.21 4.29
C VAL B 317 11.01 -14.43 3.07
N TYR B 318 10.03 -13.56 3.26
CA TYR B 318 9.55 -12.69 2.20
C TYR B 318 9.00 -11.41 2.80
N TYR B 319 8.99 -10.36 2.00
CA TYR B 319 8.60 -9.04 2.48
C TYR B 319 7.08 -8.91 2.55
N ASP B 320 6.59 -8.38 3.68
CA ASP B 320 5.19 -8.09 3.87
C ASP B 320 4.99 -6.58 3.82
N PRO B 321 4.18 -6.05 2.91
CA PRO B 321 4.01 -4.59 2.86
C PRO B 321 3.28 -4.03 4.07
N SER B 322 2.48 -4.83 4.76
CA SER B 322 1.68 -4.35 5.88
C SER B 322 2.43 -4.37 7.21
N LYS B 323 3.68 -4.83 7.23
CA LYS B 323 4.47 -4.89 8.45
C LYS B 323 5.55 -3.81 8.42
N ASP B 324 5.87 -3.28 9.60
CA ASP B 324 6.92 -2.28 9.70
C ASP B 324 8.28 -2.91 9.52
N LEU B 325 9.16 -2.19 8.84
CA LEU B 325 10.56 -2.59 8.75
C LEU B 325 11.27 -2.26 10.06
N ILE B 326 12.20 -3.13 10.44
CA ILE B 326 12.98 -2.96 11.66
C ILE B 326 14.44 -3.24 11.35
N ALA B 327 15.33 -2.39 11.86
CA ALA B 327 16.76 -2.51 11.61
C ALA B 327 17.51 -2.60 12.94
N GLU B 328 18.56 -3.43 12.95
CA GLU B 328 19.45 -3.56 14.10
C GLU B 328 20.87 -3.33 13.62
N ILE B 329 21.65 -2.63 14.44
CA ILE B 329 23.02 -2.26 14.09
C ILE B 329 23.95 -2.70 15.22
N GLN B 330 25.12 -3.23 14.84
CA GLN B 330 26.11 -3.70 15.80
C GLN B 330 27.44 -3.02 15.53
N LYS B 331 28.10 -2.61 16.62
CA LYS B 331 29.42 -2.00 16.53
C LYS B 331 30.48 -3.10 16.63
N GLN B 332 31.24 -3.29 15.56
CA GLN B 332 32.26 -4.32 15.49
C GLN B 332 33.67 -3.79 15.70
N GLY B 333 33.83 -2.48 15.91
CA GLY B 333 35.13 -1.90 16.11
C GLY B 333 35.96 -1.83 14.84
N GLN B 334 37.06 -1.07 14.88
CA GLN B 334 37.96 -0.91 13.75
C GLN B 334 37.21 -0.42 12.51
N GLY B 335 36.23 0.47 12.73
CA GLY B 335 35.46 1.03 11.64
C GLY B 335 34.45 0.10 11.01
N GLN B 336 34.13 -1.02 11.66
CA GLN B 336 33.22 -2.01 11.11
C GLN B 336 31.85 -1.90 11.78
N TRP B 337 30.80 -1.98 10.96
CA TRP B 337 29.43 -1.92 11.44
C TRP B 337 28.58 -2.88 10.63
N THR B 338 27.91 -3.81 11.31
CA THR B 338 27.00 -4.75 10.67
C THR B 338 25.57 -4.38 10.98
N TYR B 339 24.66 -4.72 10.06
CA TYR B 339 23.25 -4.38 10.24
C TYR B 339 22.38 -5.50 9.67
N GLN B 340 21.16 -5.58 10.20
CA GLN B 340 20.16 -6.53 9.74
C GLN B 340 18.81 -5.83 9.64
N ILE B 341 18.04 -6.15 8.62
CA ILE B 341 16.72 -5.57 8.39
C ILE B 341 15.70 -6.69 8.35
N TYR B 342 14.66 -6.58 9.18
CA TYR B 342 13.67 -7.64 9.28
C TYR B 342 12.32 -7.05 9.65
N GLN B 343 11.28 -7.86 9.50
CA GLN B 343 9.94 -7.57 9.98
C GLN B 343 9.49 -8.52 11.07
N GLU B 344 9.84 -9.80 10.95
CA GLU B 344 9.65 -10.80 11.99
C GLU B 344 11.01 -11.29 12.45
N PRO B 345 11.19 -11.50 13.76
CA PRO B 345 12.52 -11.88 14.27
C PRO B 345 13.07 -13.11 13.58
N PHE B 346 14.38 -13.10 13.33
CA PHE B 346 15.13 -14.17 12.70
C PHE B 346 14.71 -14.41 11.25
N LYS B 347 13.90 -13.53 10.68
CA LYS B 347 13.54 -13.58 9.26
C LYS B 347 14.11 -12.35 8.57
N ASN B 348 15.44 -12.31 8.46
CA ASN B 348 16.14 -11.13 7.98
C ASN B 348 15.93 -10.96 6.48
N LEU B 349 15.37 -9.81 6.09
CA LEU B 349 15.19 -9.52 4.67
C LEU B 349 16.52 -9.14 4.02
N LYS B 350 17.38 -8.43 4.75
CA LYS B 350 18.68 -8.04 4.22
C LYS B 350 19.65 -7.85 5.38
N THR B 351 20.90 -8.25 5.15
CA THR B 351 22.01 -8.05 6.08
C THR B 351 23.14 -7.37 5.33
N GLY B 352 24.11 -6.84 6.08
CA GLY B 352 25.21 -6.16 5.44
C GLY B 352 26.23 -5.67 6.44
N LYS B 353 27.23 -4.97 5.92
CA LYS B 353 28.33 -4.44 6.72
C LYS B 353 28.86 -3.17 6.06
N TYR B 354 29.20 -2.18 6.87
CA TYR B 354 29.76 -0.91 6.41
C TYR B 354 31.16 -0.74 6.99
N ALA B 355 32.05 -0.14 6.21
CA ALA B 355 33.42 0.06 6.64
C ALA B 355 33.96 1.39 6.12
N ARG B 356 34.86 1.98 6.90
CA ARG B 356 35.63 3.16 6.49
C ARG B 356 34.73 4.32 6.07
N MET B 357 33.67 4.55 6.84
CA MET B 357 32.83 5.71 6.61
C MET B 357 33.46 6.94 7.26
N ARG B 358 32.85 8.09 6.99
CA ARG B 358 33.37 9.35 7.54
C ARG B 358 33.34 9.31 9.06
N GLY B 359 34.44 9.70 9.67
CA GLY B 359 34.58 9.66 11.11
C GLY B 359 35.08 8.35 11.67
N ALA B 360 35.66 7.49 10.83
CA ALA B 360 36.12 6.19 11.29
C ALA B 360 37.32 6.35 12.22
N HIS B 361 37.40 5.48 13.23
CA HIS B 361 38.50 5.54 14.21
C HIS B 361 38.61 6.88 14.92
N THR B 362 37.56 7.70 14.89
CA THR B 362 37.61 8.96 15.63
C THR B 362 36.26 9.48 16.13
N ASN B 363 35.16 8.96 15.60
CA ASN B 363 33.84 9.47 15.98
C ASN B 363 32.77 8.42 15.79
N ASP B 364 32.34 7.77 16.87
CA ASP B 364 31.36 6.71 16.72
C ASP B 364 30.02 7.25 16.24
N VAL B 365 29.61 8.42 16.76
CA VAL B 365 28.29 8.94 16.44
C VAL B 365 28.20 9.36 14.97
N LYS B 366 29.27 9.97 14.44
CA LYS B 366 29.28 10.30 13.02
C LYS B 366 29.14 9.05 12.17
N GLN B 367 29.78 7.95 12.58
CA GLN B 367 29.65 6.69 11.86
C GLN B 367 28.24 6.13 11.98
N LEU B 368 27.68 6.14 13.18
CA LEU B 368 26.33 5.63 13.37
C LEU B 368 25.31 6.46 12.60
N THR B 369 25.52 7.78 12.56
CA THR B 369 24.63 8.64 11.78
C THR B 369 24.74 8.32 10.29
N GLU B 370 25.96 8.17 9.79
CA GLU B 370 26.14 7.82 8.38
C GLU B 370 25.53 6.46 8.07
N ALA B 371 25.62 5.52 9.00
CA ALA B 371 25.09 4.18 8.76
C ALA B 371 23.57 4.18 8.71
N VAL B 372 22.92 4.93 9.61
CA VAL B 372 21.46 5.01 9.58
C VAL B 372 20.98 5.59 8.25
N GLN B 373 21.68 6.61 7.75
CA GLN B 373 21.33 7.18 6.46
C GLN B 373 21.47 6.17 5.33
N LYS B 374 22.65 5.55 5.21
CA LYS B 374 22.87 4.56 4.17
C LYS B 374 21.85 3.44 4.25
N ILE B 375 21.51 2.99 5.46
CA ILE B 375 20.53 1.93 5.63
C ILE B 375 19.15 2.41 5.22
N THR B 376 18.76 3.61 5.68
CA THR B 376 17.44 4.14 5.34
C THR B 376 17.30 4.34 3.82
N THR B 377 18.35 4.87 3.19
CA THR B 377 18.32 5.03 1.73
C THR B 377 18.12 3.70 1.03
N GLU B 378 18.80 2.65 1.51
CA GLU B 378 18.61 1.33 0.91
C GLU B 378 17.20 0.82 1.15
N SER B 379 16.61 1.13 2.31
CA SER B 379 15.25 0.68 2.59
C SER B 379 14.23 1.37 1.68
N ILE B 380 14.49 2.61 1.30
CA ILE B 380 13.58 3.34 0.42
C ILE B 380 13.64 2.78 -1.00
N VAL B 381 14.83 2.41 -1.45
CA VAL B 381 14.99 1.90 -2.81
C VAL B 381 14.36 0.52 -2.95
N ILE B 382 14.45 -0.31 -1.91
CA ILE B 382 14.07 -1.71 -2.02
C ILE B 382 12.59 -1.93 -1.70
N TRP B 383 12.05 -1.23 -0.70
CA TRP B 383 10.66 -1.43 -0.31
C TRP B 383 9.82 -0.16 -0.27
N GLY B 384 10.43 1.02 -0.31
CA GLY B 384 9.65 2.24 -0.18
C GLY B 384 9.18 2.54 1.21
N LYS B 385 9.88 2.05 2.23
CA LYS B 385 9.55 2.31 3.62
C LYS B 385 10.82 2.66 4.38
N THR B 386 10.65 3.44 5.44
CA THR B 386 11.76 3.71 6.35
C THR B 386 11.65 2.81 7.57
N PRO B 387 12.69 2.09 7.93
CA PRO B 387 12.60 1.19 9.10
C PRO B 387 12.68 1.96 10.40
N LYS B 388 12.22 1.32 11.46
CA LYS B 388 12.47 1.79 12.82
C LYS B 388 13.76 1.16 13.31
N PHE B 389 14.63 1.97 13.88
CA PHE B 389 15.98 1.57 14.19
C PHE B 389 16.14 1.20 15.66
N LYS B 390 16.87 0.11 15.90
CA LYS B 390 17.31 -0.26 17.25
C LYS B 390 18.77 0.14 17.34
N LEU B 391 19.03 1.28 18.00
CA LEU B 391 20.35 1.90 17.96
C LEU B 391 21.19 1.45 19.15
N PRO B 392 22.40 0.95 18.91
CA PRO B 392 23.31 0.56 20.02
C PRO B 392 24.02 1.78 20.60
N ILE B 393 23.27 2.60 21.33
CA ILE B 393 23.82 3.82 21.92
C ILE B 393 22.89 4.26 23.03
N GLN B 394 23.46 4.91 24.05
CA GLN B 394 22.65 5.50 25.10
C GLN B 394 21.76 6.59 24.52
N LYS B 395 20.62 6.81 25.17
CA LYS B 395 19.66 7.79 24.67
C LYS B 395 20.24 9.20 24.70
N GLU B 396 20.89 9.56 25.81
CA GLU B 396 21.41 10.91 25.96
C GLU B 396 22.58 11.19 25.02
N THR B 397 23.38 10.16 24.72
CA THR B 397 24.52 10.35 23.82
C THR B 397 24.04 10.64 22.40
N TRP B 398 22.95 9.98 21.98
CA TRP B 398 22.46 10.14 20.62
C TRP B 398 21.78 11.49 20.43
N GLU B 399 20.87 11.84 21.35
CA GLU B 399 20.12 13.09 21.23
C GLU B 399 21.00 14.33 21.28
N THR B 400 22.26 14.21 21.68
CA THR B 400 23.15 15.36 21.77
C THR B 400 23.86 15.66 20.46
N TRP B 401 24.37 14.63 19.78
CA TRP B 401 25.30 14.83 18.67
C TRP B 401 24.74 14.47 17.30
N TRP B 402 23.55 13.88 17.20
CA TRP B 402 23.15 13.28 15.93
C TRP B 402 22.83 14.31 14.87
N THR B 403 22.40 15.52 15.27
CA THR B 403 22.04 16.53 14.28
C THR B 403 23.26 17.12 13.59
N GLU B 404 24.41 17.10 14.25
CA GLU B 404 25.62 17.66 13.67
C GLU B 404 26.12 16.90 12.45
N TYR B 405 25.75 15.63 12.32
CA TYR B 405 26.21 14.78 11.23
C TYR B 405 25.08 14.34 10.31
N TRP B 406 23.89 14.90 10.46
CA TRP B 406 22.78 14.52 9.60
C TRP B 406 22.85 15.28 8.28
N GLN B 407 22.59 14.55 7.18
CA GLN B 407 22.76 15.08 5.84
C GLN B 407 21.64 14.60 4.91
N ALA B 408 20.43 14.49 5.44
CA ALA B 408 19.31 13.97 4.67
C ALA B 408 18.04 14.72 5.02
N THR B 409 17.08 14.69 4.10
CA THR B 409 15.83 15.43 4.23
C THR B 409 14.73 14.64 4.93
N TRP B 410 14.93 13.35 5.17
CA TRP B 410 13.99 12.53 5.92
C TRP B 410 14.60 12.14 7.26
N ILE B 411 13.74 11.68 8.18
CA ILE B 411 14.20 11.23 9.49
C ILE B 411 13.46 9.96 9.87
N PRO B 412 14.15 8.83 10.01
CA PRO B 412 13.47 7.59 10.41
C PRO B 412 13.18 7.60 11.91
N GLU B 413 12.48 6.56 12.35
CA GLU B 413 12.17 6.36 13.76
C GLU B 413 13.20 5.42 14.38
N TRP B 414 13.36 5.54 15.69
CA TRP B 414 14.41 4.78 16.37
C TRP B 414 14.05 4.55 17.83
N GLU B 415 14.84 3.66 18.44
CA GLU B 415 14.81 3.40 19.87
C GLU B 415 16.22 2.98 20.28
N PHE B 416 16.43 2.87 21.59
CA PHE B 416 17.77 2.68 22.13
C PHE B 416 17.85 1.37 22.90
N VAL B 417 18.86 0.56 22.58
CA VAL B 417 19.06 -0.75 23.18
C VAL B 417 20.43 -0.78 23.84
N ASN B 418 20.67 -1.85 24.60
CA ASN B 418 21.98 -2.11 25.20
C ASN B 418 22.11 -3.62 25.36
N THR B 419 22.43 -4.29 24.25
CA THR B 419 22.64 -5.72 24.24
C THR B 419 24.15 -5.99 24.23
N PRO B 420 24.68 -6.43 25.37
CA PRO B 420 26.08 -6.69 25.30
C PRO B 420 26.44 -7.72 24.29
N PRO B 421 27.70 -7.69 23.84
CA PRO B 421 27.95 -8.69 22.84
C PRO B 421 27.86 -10.01 23.46
N LEU B 422 27.46 -10.95 22.65
CA LEU B 422 27.32 -12.27 23.15
C LEU B 422 28.33 -13.16 22.50
N VAL B 423 28.22 -13.29 21.18
CA VAL B 423 29.09 -14.22 20.46
C VAL B 423 29.27 -13.83 19.00
N LYS B 424 29.79 -12.64 18.78
CA LYS B 424 30.00 -12.14 17.40
C LYS B 424 29.38 -12.91 16.23
N LEU B 425 28.05 -12.85 16.10
CA LEU B 425 27.42 -13.60 15.07
C LEU B 425 27.55 -13.00 13.71
N TRP B 426 27.78 -11.70 13.61
CA TRP B 426 27.71 -11.11 12.28
C TRP B 426 29.07 -10.71 11.71
N TYR B 427 30.13 -10.70 12.51
CA TYR B 427 31.45 -10.33 12.03
C TYR B 427 32.49 -11.25 12.64
N GLN B 428 33.43 -11.71 11.82
CA GLN B 428 34.43 -12.67 12.25
C GLN B 428 35.28 -12.15 13.40
N MET C 1 -67.00 3.53 -31.26
CA MET C 1 -65.69 4.17 -31.15
C MET C 1 -65.13 4.00 -29.75
N VAL C 2 -63.84 3.70 -29.67
CA VAL C 2 -63.15 3.48 -28.41
C VAL C 2 -62.07 4.56 -28.26
N PRO C 3 -61.93 5.19 -27.09
CA PRO C 3 -60.94 6.26 -26.95
C PRO C 3 -59.51 5.75 -27.09
N ILE C 4 -58.64 6.64 -27.56
CA ILE C 4 -57.25 6.29 -27.81
C ILE C 4 -56.46 6.41 -26.51
N SER C 5 -55.68 5.37 -26.20
CA SER C 5 -54.83 5.43 -25.02
C SER C 5 -53.66 6.36 -25.27
N PRO C 6 -53.20 7.09 -24.25
CA PRO C 6 -52.06 8.00 -24.45
C PRO C 6 -50.73 7.30 -24.70
N ILE C 7 -50.67 5.98 -24.55
CA ILE C 7 -49.43 5.23 -24.73
C ILE C 7 -49.47 4.55 -26.09
N GLU C 8 -48.37 4.66 -26.84
CA GLU C 8 -48.29 4.07 -28.17
C GLU C 8 -48.35 2.55 -28.08
N THR C 9 -49.15 1.91 -28.90
CA THR C 9 -49.18 0.47 -28.88
C THR C 9 -47.94 -0.07 -29.54
N VAL C 10 -47.68 -1.36 -29.35
CA VAL C 10 -46.50 -1.98 -29.92
C VAL C 10 -46.89 -3.04 -30.92
N PRO C 11 -46.36 -2.96 -32.13
CA PRO C 11 -46.77 -3.92 -33.16
C PRO C 11 -46.32 -5.33 -32.89
N VAL C 12 -47.28 -6.24 -32.72
CA VAL C 12 -46.91 -7.61 -32.39
C VAL C 12 -47.45 -8.52 -33.48
N LYS C 13 -46.65 -9.52 -33.86
CA LYS C 13 -47.06 -10.56 -34.79
C LYS C 13 -46.88 -11.93 -34.14
N LEU C 14 -47.47 -12.93 -34.77
CA LEU C 14 -47.15 -14.32 -34.46
C LEU C 14 -45.99 -14.79 -35.35
N LYS C 15 -45.43 -15.93 -35.00
CA LYS C 15 -44.40 -16.51 -35.86
C LYS C 15 -45.02 -16.88 -37.20
N PRO C 16 -44.36 -16.58 -38.32
CA PRO C 16 -44.94 -16.85 -39.64
C PRO C 16 -45.30 -18.33 -39.81
N GLY C 17 -46.58 -18.58 -40.12
CA GLY C 17 -47.04 -19.94 -40.33
C GLY C 17 -47.52 -20.62 -39.06
N MET C 18 -48.13 -19.87 -38.16
CA MET C 18 -48.68 -20.44 -36.93
C MET C 18 -49.92 -19.66 -36.52
N ASP C 19 -50.92 -20.38 -36.02
CA ASP C 19 -52.18 -19.81 -35.59
C ASP C 19 -52.24 -19.70 -34.08
N GLY C 20 -53.19 -18.92 -33.58
CA GLY C 20 -53.36 -18.70 -32.16
C GLY C 20 -53.77 -19.96 -31.41
N PRO C 21 -53.80 -19.86 -30.08
CA PRO C 21 -54.13 -21.03 -29.28
C PRO C 21 -55.61 -21.36 -29.29
N LYS C 22 -55.91 -22.66 -29.18
CA LYS C 22 -57.29 -23.15 -29.11
C LYS C 22 -57.28 -24.29 -28.08
N VAL C 23 -57.28 -23.92 -26.80
CA VAL C 23 -57.17 -24.87 -25.71
C VAL C 23 -58.40 -24.73 -24.81
N LYS C 24 -58.96 -25.87 -24.42
CA LYS C 24 -60.10 -25.87 -23.51
C LYS C 24 -59.67 -25.45 -22.11
N GLN C 25 -60.64 -25.00 -21.32
CA GLN C 25 -60.38 -24.45 -20.00
C GLN C 25 -60.37 -25.54 -18.94
N TRP C 26 -59.41 -25.44 -18.02
CA TRP C 26 -59.34 -26.34 -16.88
C TRP C 26 -60.49 -26.09 -15.92
N PRO C 27 -60.83 -27.07 -15.09
CA PRO C 27 -61.80 -26.81 -14.01
C PRO C 27 -61.15 -26.01 -12.90
N LEU C 28 -61.86 -24.99 -12.43
CA LEU C 28 -61.36 -24.10 -11.39
C LEU C 28 -62.06 -24.39 -10.07
N THR C 29 -61.35 -24.09 -8.98
CA THR C 29 -61.95 -24.18 -7.65
C THR C 29 -63.10 -23.19 -7.53
N GLU C 30 -64.06 -23.53 -6.66
CA GLU C 30 -65.21 -22.65 -6.48
C GLU C 30 -64.84 -21.34 -5.79
N GLU C 31 -63.72 -21.31 -5.06
CA GLU C 31 -63.26 -20.07 -4.44
C GLU C 31 -62.58 -19.14 -5.42
N LYS C 32 -62.08 -19.67 -6.54
CA LYS C 32 -61.43 -18.87 -7.57
C LYS C 32 -62.42 -18.29 -8.57
N ILE C 33 -63.58 -18.92 -8.73
CA ILE C 33 -64.53 -18.47 -9.74
C ILE C 33 -65.23 -17.19 -9.29
N LYS C 34 -65.62 -17.12 -8.02
CA LYS C 34 -66.30 -15.92 -7.52
C LYS C 34 -65.35 -14.73 -7.52
N ALA C 35 -64.08 -14.95 -7.21
CA ALA C 35 -63.11 -13.86 -7.19
C ALA C 35 -62.76 -13.38 -8.61
N LEU C 36 -62.96 -14.22 -9.63
CA LEU C 36 -62.68 -13.83 -11.00
C LEU C 36 -63.86 -13.13 -11.67
N VAL C 37 -65.09 -13.54 -11.36
CA VAL C 37 -66.26 -12.89 -11.92
C VAL C 37 -66.33 -11.43 -11.49
N GLU C 38 -65.85 -11.13 -10.28
CA GLU C 38 -65.85 -9.75 -9.80
C GLU C 38 -64.78 -8.92 -10.50
N ILE C 39 -63.55 -9.45 -10.59
CA ILE C 39 -62.45 -8.70 -11.18
C ILE C 39 -62.68 -8.50 -12.68
N CYS C 40 -63.10 -9.56 -13.38
CA CYS C 40 -63.35 -9.44 -14.80
C CYS C 40 -64.50 -8.49 -15.09
N THR C 41 -65.49 -8.42 -14.20
CA THR C 41 -66.58 -7.46 -14.37
C THR C 41 -66.07 -6.03 -14.16
N GLU C 42 -65.20 -5.83 -13.17
CA GLU C 42 -64.65 -4.50 -12.93
C GLU C 42 -63.67 -4.11 -14.03
N MET C 43 -62.86 -5.05 -14.50
CA MET C 43 -61.95 -4.76 -15.61
C MET C 43 -62.72 -4.50 -16.90
N GLU C 44 -63.89 -5.11 -17.06
CA GLU C 44 -64.72 -4.85 -18.23
C GLU C 44 -65.31 -3.44 -18.19
N LYS C 45 -65.71 -2.99 -17.01
CA LYS C 45 -66.19 -1.62 -16.85
C LYS C 45 -65.06 -0.63 -17.10
N GLU C 46 -63.84 -0.97 -16.69
CA GLU C 46 -62.69 -0.10 -16.88
C GLU C 46 -62.12 -0.16 -18.29
N GLY C 47 -62.58 -1.09 -19.12
CA GLY C 47 -62.11 -1.19 -20.48
C GLY C 47 -60.88 -2.06 -20.69
N LYS C 48 -60.43 -2.78 -19.66
CA LYS C 48 -59.26 -3.62 -19.81
C LYS C 48 -59.55 -4.91 -20.57
N ILE C 49 -60.79 -5.41 -20.49
CA ILE C 49 -61.20 -6.59 -21.23
C ILE C 49 -62.58 -6.32 -21.82
N SER C 50 -62.79 -6.87 -23.00
CA SER C 50 -64.07 -6.72 -23.65
C SER C 50 -64.45 -8.14 -24.06
N LYS C 51 -65.74 -8.44 -24.07
CA LYS C 51 -66.15 -9.78 -24.39
C LYS C 51 -65.98 -10.08 -25.83
N ILE C 52 -65.95 -11.36 -26.13
CA ILE C 52 -65.79 -11.78 -27.50
C ILE C 52 -66.98 -11.67 -28.38
N GLY C 53 -66.75 -11.80 -29.67
CA GLY C 53 -67.84 -11.87 -30.62
C GLY C 53 -67.56 -13.31 -30.96
N PRO C 54 -68.58 -14.18 -30.96
CA PRO C 54 -68.35 -15.61 -31.16
C PRO C 54 -67.35 -15.95 -32.24
N GLU C 55 -67.25 -15.13 -33.27
CA GLU C 55 -66.34 -15.38 -34.37
C GLU C 55 -64.92 -15.68 -33.90
N ASN C 56 -64.57 -15.32 -32.68
CA ASN C 56 -63.23 -15.55 -32.15
C ASN C 56 -63.04 -17.04 -31.85
N PRO C 57 -62.23 -17.76 -32.62
CA PRO C 57 -62.09 -19.22 -32.43
C PRO C 57 -60.99 -19.64 -31.46
N TYR C 58 -60.36 -18.70 -30.76
CA TYR C 58 -59.24 -18.99 -29.89
C TYR C 58 -59.69 -19.10 -28.44
N ASN C 59 -58.82 -19.67 -27.60
CA ASN C 59 -59.10 -19.83 -26.18
C ASN C 59 -57.81 -20.17 -25.45
N THR C 60 -57.80 -19.90 -24.14
CA THR C 60 -56.63 -20.11 -23.30
C THR C 60 -57.07 -20.27 -21.87
N PRO C 61 -56.47 -21.24 -21.11
CA PRO C 61 -57.00 -21.38 -19.75
C PRO C 61 -56.83 -20.18 -18.85
N VAL C 62 -57.54 -20.17 -17.74
CA VAL C 62 -57.49 -19.07 -16.79
C VAL C 62 -57.53 -19.59 -15.37
N PHE C 63 -56.82 -18.95 -14.45
CA PHE C 63 -56.81 -19.34 -13.04
C PHE C 63 -56.39 -18.13 -12.22
N ALA C 64 -56.63 -18.15 -10.90
CA ALA C 64 -56.30 -16.99 -10.06
C ALA C 64 -56.17 -17.34 -8.59
N ILE C 65 -55.46 -16.51 -7.81
CA ILE C 65 -55.35 -16.74 -6.37
C ILE C 65 -55.41 -15.38 -5.68
N LYS C 66 -55.68 -15.41 -4.38
CA LYS C 66 -55.57 -14.20 -3.59
C LYS C 66 -54.15 -13.69 -3.65
N LYS C 67 -53.98 -12.40 -3.97
CA LYS C 67 -52.65 -11.80 -4.00
C LYS C 67 -51.92 -12.08 -2.70
N LYS C 68 -50.62 -12.34 -2.80
CA LYS C 68 -49.83 -12.74 -1.64
C LYS C 68 -49.94 -11.68 -0.54
N ASP C 69 -50.48 -12.07 0.61
CA ASP C 69 -50.65 -11.19 1.76
C ASP C 69 -51.45 -9.94 1.39
N SER C 70 -52.55 -10.14 0.66
CA SER C 70 -53.36 -9.02 0.19
C SER C 70 -54.83 -9.39 0.19
N THR C 71 -55.67 -8.37 0.40
CA THR C 71 -57.11 -8.55 0.32
C THR C 71 -57.54 -8.89 -1.10
N LYS C 72 -56.88 -8.30 -2.09
CA LYS C 72 -57.25 -8.49 -3.49
C LYS C 72 -56.73 -9.84 -4.01
N TRP C 73 -57.29 -10.27 -5.14
CA TRP C 73 -56.94 -11.53 -5.77
C TRP C 73 -56.27 -11.26 -7.11
N ARG C 74 -55.07 -11.80 -7.31
CA ARG C 74 -54.35 -11.71 -8.56
C ARG C 74 -54.95 -12.70 -9.57
N LYS C 75 -54.76 -12.39 -10.86
CA LYS C 75 -55.23 -13.22 -11.95
C LYS C 75 -54.10 -13.45 -12.94
N LEU C 76 -53.90 -14.70 -13.34
CA LEU C 76 -52.78 -15.07 -14.22
C LEU C 76 -53.26 -16.03 -15.28
N VAL C 77 -53.03 -15.66 -16.55
CA VAL C 77 -53.40 -16.50 -17.68
C VAL C 77 -52.32 -17.54 -17.94
N ASP C 78 -52.72 -18.68 -18.48
CA ASP C 78 -51.77 -19.73 -18.87
C ASP C 78 -51.58 -19.70 -20.38
N PHE C 79 -50.85 -18.69 -20.84
CA PHE C 79 -50.58 -18.51 -22.25
C PHE C 79 -49.43 -19.39 -22.72
N ARG C 80 -49.26 -20.56 -22.10
CA ARG C 80 -48.15 -21.45 -22.45
C ARG C 80 -48.27 -21.98 -23.88
N GLU C 81 -49.45 -21.88 -24.49
CA GLU C 81 -49.58 -22.20 -25.91
C GLU C 81 -49.46 -20.96 -26.79
N LEU C 82 -49.91 -19.80 -26.32
CA LEU C 82 -49.72 -18.58 -27.08
C LEU C 82 -48.26 -18.15 -27.09
N ASN C 83 -47.55 -18.38 -25.98
CA ASN C 83 -46.14 -17.99 -25.92
C ASN C 83 -45.29 -18.78 -26.92
N LYS C 84 -45.68 -20.02 -27.22
CA LYS C 84 -44.96 -20.79 -28.24
C LYS C 84 -45.18 -20.22 -29.63
N ARG C 85 -46.40 -19.74 -29.91
CA ARG C 85 -46.75 -19.24 -31.22
C ARG C 85 -46.50 -17.75 -31.38
N THR C 86 -46.33 -17.01 -30.29
CA THR C 86 -46.02 -15.60 -30.38
C THR C 86 -44.57 -15.40 -30.81
N GLN C 87 -44.33 -14.30 -31.51
CA GLN C 87 -42.99 -13.99 -32.00
C GLN C 87 -42.00 -13.87 -30.85
N ASP C 88 -40.73 -14.16 -31.15
CA ASP C 88 -39.68 -13.98 -30.16
C ASP C 88 -39.41 -12.50 -29.95
N PHE C 89 -39.20 -12.12 -28.70
CA PHE C 89 -38.86 -10.75 -28.34
C PHE C 89 -37.39 -10.68 -27.96
N TRP C 90 -36.88 -9.44 -27.88
CA TRP C 90 -35.55 -9.19 -27.35
C TRP C 90 -35.73 -8.43 -26.03
N GLU C 91 -35.50 -9.12 -24.92
CA GLU C 91 -35.65 -8.50 -23.62
C GLU C 91 -34.64 -7.38 -23.42
N VAL C 92 -35.12 -6.23 -22.91
CA VAL C 92 -34.25 -5.10 -22.66
C VAL C 92 -33.69 -5.08 -21.25
N GLN C 93 -34.07 -6.06 -20.42
CA GLN C 93 -33.55 -6.15 -19.05
C GLN C 93 -32.21 -6.86 -19.10
N LEU C 94 -31.13 -6.08 -19.17
CA LEU C 94 -29.80 -6.62 -19.32
C LEU C 94 -29.19 -7.10 -18.00
N GLY C 95 -29.83 -6.80 -16.87
CA GLY C 95 -29.30 -7.23 -15.59
C GLY C 95 -30.02 -6.52 -14.46
N ILE C 96 -29.63 -6.89 -13.25
CA ILE C 96 -30.23 -6.37 -12.03
C ILE C 96 -29.32 -5.31 -11.44
N PRO C 97 -29.82 -4.11 -11.14
CA PRO C 97 -28.99 -3.10 -10.47
C PRO C 97 -28.58 -3.55 -9.08
N HIS C 98 -27.58 -2.86 -8.54
CA HIS C 98 -27.05 -3.18 -7.22
C HIS C 98 -26.80 -1.88 -6.46
N PRO C 99 -27.11 -1.85 -5.16
CA PRO C 99 -26.91 -0.61 -4.39
C PRO C 99 -25.46 -0.21 -4.26
N ALA C 100 -24.51 -1.14 -4.40
CA ALA C 100 -23.10 -0.79 -4.36
C ALA C 100 -22.71 0.12 -5.51
N GLY C 101 -23.49 0.15 -6.58
CA GLY C 101 -23.28 1.07 -7.69
C GLY C 101 -23.99 2.38 -7.57
N LEU C 102 -24.81 2.56 -6.53
CA LEU C 102 -25.50 3.82 -6.31
C LEU C 102 -24.55 4.84 -5.71
N LYS C 103 -24.81 6.11 -6.01
CA LYS C 103 -24.08 7.22 -5.43
C LYS C 103 -24.90 7.83 -4.30
N LYS C 104 -24.21 8.26 -3.24
CA LYS C 104 -24.89 8.87 -2.11
C LYS C 104 -25.56 10.18 -2.52
N LYS C 105 -26.88 10.20 -2.50
CA LYS C 105 -27.65 11.39 -2.83
C LYS C 105 -28.24 11.99 -1.56
N LYS C 106 -28.48 13.30 -1.59
CA LYS C 106 -29.00 13.98 -0.41
C LYS C 106 -30.41 13.53 -0.08
N SER C 107 -31.26 13.39 -1.09
CA SER C 107 -32.66 13.03 -0.89
C SER C 107 -33.02 11.88 -1.82
N VAL C 108 -33.83 10.96 -1.30
CA VAL C 108 -34.17 9.71 -2.00
C VAL C 108 -35.67 9.49 -1.87
N THR C 109 -36.29 8.94 -2.92
CA THR C 109 -37.71 8.65 -2.90
C THR C 109 -38.00 7.40 -3.74
N VAL C 110 -38.73 6.46 -3.15
CA VAL C 110 -39.11 5.22 -3.81
C VAL C 110 -40.62 5.20 -3.97
N LEU C 111 -41.08 4.79 -5.15
CA LEU C 111 -42.50 4.70 -5.46
C LEU C 111 -42.71 3.62 -6.51
N ASP C 112 -43.86 2.96 -6.44
CA ASP C 112 -44.18 1.84 -7.31
C ASP C 112 -45.51 2.10 -8.02
N VAL C 113 -45.53 1.89 -9.33
CA VAL C 113 -46.74 2.05 -10.12
C VAL C 113 -47.58 0.79 -9.98
N GLY C 114 -48.84 0.96 -9.56
CA GLY C 114 -49.75 -0.16 -9.44
C GLY C 114 -50.52 -0.41 -10.72
N ASP C 115 -50.96 -1.67 -10.88
CA ASP C 115 -51.65 -2.12 -12.09
C ASP C 115 -50.90 -1.67 -13.34
N ALA C 116 -49.59 -1.92 -13.34
CA ALA C 116 -48.73 -1.37 -14.40
C ALA C 116 -49.05 -1.97 -15.75
N TYR C 117 -49.23 -3.29 -15.82
CA TYR C 117 -49.56 -3.93 -17.08
C TYR C 117 -50.91 -3.47 -17.59
N PHE C 118 -51.87 -3.26 -16.68
CA PHE C 118 -53.21 -2.84 -17.06
C PHE C 118 -53.27 -1.40 -17.54
N SER C 119 -52.22 -0.62 -17.35
CA SER C 119 -52.16 0.76 -17.83
C SER C 119 -51.58 0.86 -19.24
N VAL C 120 -51.10 -0.24 -19.81
CA VAL C 120 -50.45 -0.24 -21.12
C VAL C 120 -51.35 -0.92 -22.14
N PRO C 121 -51.51 -0.35 -23.33
CA PRO C 121 -52.35 -0.98 -24.35
C PRO C 121 -51.61 -2.08 -25.10
N LEU C 122 -52.38 -3.06 -25.56
CA LEU C 122 -51.90 -4.12 -26.43
C LEU C 122 -52.15 -3.76 -27.88
N ASP C 123 -51.46 -4.46 -28.78
CA ASP C 123 -51.65 -4.22 -30.20
C ASP C 123 -53.05 -4.62 -30.63
N GLU C 124 -53.65 -3.81 -31.51
CA GLU C 124 -55.00 -4.08 -31.99
C GLU C 124 -55.06 -5.41 -32.72
N ASP C 125 -54.14 -5.64 -33.65
CA ASP C 125 -54.19 -6.84 -34.49
C ASP C 125 -53.87 -8.11 -33.73
N PHE C 126 -53.23 -8.00 -32.56
CA PHE C 126 -52.91 -9.15 -31.74
C PHE C 126 -53.98 -9.49 -30.71
N ARG C 127 -54.97 -8.59 -30.52
CA ARG C 127 -55.98 -8.81 -29.51
C ARG C 127 -56.81 -10.06 -29.77
N LYS C 128 -56.99 -10.44 -31.04
CA LYS C 128 -57.85 -11.56 -31.37
C LYS C 128 -57.35 -12.86 -30.76
N TYR C 129 -56.02 -13.05 -30.73
CA TYR C 129 -55.44 -14.28 -30.22
C TYR C 129 -55.44 -14.35 -28.69
N THR C 130 -55.75 -13.25 -28.01
CA THR C 130 -55.77 -13.21 -26.55
C THR C 130 -57.18 -13.52 -26.03
N ALA C 131 -57.69 -14.68 -26.44
CA ALA C 131 -59.03 -15.11 -26.08
C ALA C 131 -58.96 -16.13 -24.94
N PHE C 132 -60.01 -16.16 -24.14
CA PHE C 132 -60.12 -17.09 -23.03
C PHE C 132 -61.56 -17.15 -22.56
N THR C 133 -61.97 -18.32 -22.07
CA THR C 133 -63.31 -18.54 -21.56
C THR C 133 -63.28 -18.67 -20.04
N ILE C 134 -64.41 -18.37 -19.42
CA ILE C 134 -64.54 -18.41 -17.97
C ILE C 134 -65.74 -19.27 -17.58
N PRO C 135 -65.52 -20.46 -17.02
CA PRO C 135 -66.65 -21.27 -16.56
C PRO C 135 -67.23 -20.72 -15.26
N SER C 136 -68.56 -20.75 -15.17
CA SER C 136 -69.26 -20.18 -14.03
C SER C 136 -69.17 -21.12 -12.82
N ILE C 137 -69.80 -20.69 -11.72
CA ILE C 137 -69.87 -21.53 -10.52
C ILE C 137 -70.87 -22.67 -10.69
N ASN C 138 -71.73 -22.61 -11.70
CA ASN C 138 -72.70 -23.65 -11.98
C ASN C 138 -72.42 -24.22 -13.37
N ASN C 139 -72.56 -25.53 -13.52
CA ASN C 139 -72.23 -26.18 -14.78
C ASN C 139 -73.24 -25.83 -15.88
N GLU C 140 -74.48 -25.50 -15.51
CA GLU C 140 -75.50 -25.21 -16.51
C GLU C 140 -75.40 -23.79 -17.06
N THR C 141 -74.86 -22.86 -16.27
CA THR C 141 -74.67 -21.50 -16.74
C THR C 141 -73.73 -21.51 -17.95
N PRO C 142 -74.07 -20.80 -19.05
CA PRO C 142 -73.28 -20.92 -20.28
C PRO C 142 -71.80 -20.60 -20.10
N GLY C 143 -71.48 -19.37 -19.73
CA GLY C 143 -70.10 -18.95 -19.62
C GLY C 143 -69.77 -17.83 -20.58
N ILE C 144 -68.83 -16.97 -20.21
CA ILE C 144 -68.49 -15.79 -20.99
C ILE C 144 -67.04 -15.88 -21.44
N ARG C 145 -66.79 -15.51 -22.69
CA ARG C 145 -65.45 -15.40 -23.22
C ARG C 145 -65.09 -13.93 -23.42
N TYR C 146 -63.84 -13.59 -23.15
CA TYR C 146 -63.34 -12.23 -23.32
C TYR C 146 -62.15 -12.23 -24.27
N GLN C 147 -61.69 -11.02 -24.58
CA GLN C 147 -60.40 -10.80 -25.22
C GLN C 147 -59.75 -9.59 -24.56
N TYR C 148 -58.42 -9.61 -24.51
CA TYR C 148 -57.70 -8.63 -23.72
C TYR C 148 -57.49 -7.33 -24.51
N ASN C 149 -57.44 -6.22 -23.77
CA ASN C 149 -57.12 -4.92 -24.32
C ASN C 149 -55.87 -4.30 -23.73
N VAL C 150 -55.26 -4.93 -22.73
CA VAL C 150 -54.03 -4.43 -22.12
C VAL C 150 -53.03 -5.58 -22.05
N LEU C 151 -51.89 -5.34 -21.39
CA LEU C 151 -50.87 -6.36 -21.27
C LEU C 151 -51.32 -7.44 -20.28
N PRO C 152 -51.51 -8.68 -20.71
CA PRO C 152 -51.94 -9.73 -19.78
C PRO C 152 -50.79 -10.21 -18.90
N GLN C 153 -51.11 -10.45 -17.63
CA GLN C 153 -50.11 -10.96 -16.70
C GLN C 153 -49.63 -12.34 -17.13
N GLY C 154 -48.32 -12.53 -17.16
CA GLY C 154 -47.73 -13.80 -17.51
C GLY C 154 -47.39 -13.97 -18.97
N TRP C 155 -47.80 -13.04 -19.83
CA TRP C 155 -47.41 -13.10 -21.24
C TRP C 155 -45.94 -12.74 -21.36
N LYS C 156 -45.21 -13.51 -22.16
CA LYS C 156 -43.76 -13.33 -22.27
C LYS C 156 -43.38 -11.98 -22.85
N GLY C 157 -44.32 -11.26 -23.46
CA GLY C 157 -44.02 -9.97 -24.06
C GLY C 157 -44.30 -8.80 -23.13
N SER C 158 -45.18 -9.00 -22.15
CA SER C 158 -45.56 -7.92 -21.24
C SER C 158 -44.38 -7.26 -20.53
N PRO C 159 -43.40 -8.00 -19.96
CA PRO C 159 -42.27 -7.30 -19.33
C PRO C 159 -41.43 -6.49 -20.31
N ALA C 160 -41.05 -7.09 -21.45
CA ALA C 160 -40.26 -6.36 -22.43
C ALA C 160 -41.03 -5.18 -23.01
N ILE C 161 -42.36 -5.31 -23.15
CA ILE C 161 -43.16 -4.21 -23.68
C ILE C 161 -43.22 -3.07 -22.68
N PHE C 162 -43.53 -3.38 -21.42
CA PHE C 162 -43.68 -2.33 -20.40
C PHE C 162 -42.36 -1.60 -20.17
N GLN C 163 -41.27 -2.36 -20.00
CA GLN C 163 -39.98 -1.74 -19.75
C GLN C 163 -39.61 -0.77 -20.86
N SER C 164 -39.79 -1.19 -22.12
CA SER C 164 -39.50 -0.30 -23.23
C SER C 164 -40.51 0.85 -23.30
N SER C 165 -41.78 0.57 -22.97
CA SER C 165 -42.77 1.64 -22.95
C SER C 165 -42.48 2.64 -21.84
N MET C 166 -42.04 2.15 -20.67
CA MET C 166 -41.77 3.03 -19.55
C MET C 166 -40.62 3.99 -19.85
N THR C 167 -39.58 3.50 -20.53
CA THR C 167 -38.40 4.33 -20.78
C THR C 167 -38.73 5.48 -21.73
N LYS C 168 -39.57 5.22 -22.75
CA LYS C 168 -39.97 6.27 -23.67
C LYS C 168 -40.79 7.36 -22.98
N ILE C 169 -41.45 7.04 -21.87
CA ILE C 169 -42.23 8.03 -21.14
C ILE C 169 -41.32 8.87 -20.26
N LEU C 170 -40.30 8.26 -19.65
CA LEU C 170 -39.42 8.97 -18.73
C LEU C 170 -38.38 9.83 -19.46
N GLU C 171 -38.05 9.50 -20.70
CA GLU C 171 -36.99 10.22 -21.42
C GLU C 171 -37.19 11.73 -21.49
N PRO C 172 -38.38 12.28 -21.68
CA PRO C 172 -38.51 13.75 -21.64
C PRO C 172 -38.14 14.35 -20.30
N PHE C 173 -38.53 13.72 -19.19
CA PHE C 173 -38.25 14.30 -17.88
C PHE C 173 -36.76 14.23 -17.54
N LYS C 174 -36.09 13.15 -17.96
CA LYS C 174 -34.67 13.03 -17.65
C LYS C 174 -33.82 14.02 -18.43
N LYS C 175 -34.31 14.47 -19.59
CA LYS C 175 -33.54 15.45 -20.36
C LYS C 175 -33.73 16.87 -19.82
N GLN C 176 -34.88 17.15 -19.21
CA GLN C 176 -35.09 18.46 -18.61
C GLN C 176 -34.40 18.58 -17.25
N ASN C 177 -34.43 17.50 -16.48
CA ASN C 177 -33.73 17.42 -15.21
C ASN C 177 -32.61 16.38 -15.30
N PRO C 178 -31.47 16.72 -15.93
CA PRO C 178 -30.44 15.71 -16.14
C PRO C 178 -29.68 15.36 -14.87
N ASP C 179 -29.57 16.29 -13.92
CA ASP C 179 -28.76 16.07 -12.73
C ASP C 179 -29.47 15.25 -11.65
N ILE C 180 -30.69 14.78 -11.91
CA ILE C 180 -31.38 13.88 -11.01
C ILE C 180 -31.14 12.45 -11.47
N VAL C 181 -31.09 11.53 -10.51
CA VAL C 181 -30.88 10.12 -10.79
C VAL C 181 -32.19 9.39 -10.65
N ILE C 182 -32.57 8.63 -11.69
CA ILE C 182 -33.80 7.86 -11.70
C ILE C 182 -33.45 6.45 -12.18
N TYR C 183 -33.19 5.55 -11.24
CA TYR C 183 -33.05 4.13 -11.58
C TYR C 183 -34.40 3.54 -11.91
N GLN C 184 -34.48 2.85 -13.04
CA GLN C 184 -35.74 2.32 -13.57
C GLN C 184 -35.63 0.81 -13.72
N TYR C 185 -36.35 0.08 -12.88
CA TYR C 185 -36.43 -1.37 -12.96
C TYR C 185 -37.91 -1.74 -12.92
N MET C 186 -38.42 -2.26 -14.04
CA MET C 186 -39.86 -2.45 -14.23
C MET C 186 -40.59 -1.12 -13.95
N ASP C 187 -41.51 -1.12 -13.00
CA ASP C 187 -42.20 0.11 -12.59
C ASP C 187 -41.63 0.72 -11.32
N ASP C 188 -40.70 0.04 -10.65
CA ASP C 188 -40.08 0.61 -9.46
C ASP C 188 -39.11 1.71 -9.86
N LEU C 189 -39.11 2.80 -9.07
CA LEU C 189 -38.33 3.99 -9.43
C LEU C 189 -37.59 4.51 -8.21
N TYR C 190 -36.26 4.49 -8.30
CA TYR C 190 -35.38 5.14 -7.34
C TYR C 190 -35.11 6.55 -7.82
N VAL C 191 -35.55 7.54 -7.05
CA VAL C 191 -35.45 8.96 -7.44
C VAL C 191 -34.55 9.66 -6.44
N GLY C 192 -33.43 10.20 -6.93
CA GLY C 192 -32.48 10.85 -6.06
C GLY C 192 -31.78 12.06 -6.67
N SER C 193 -31.59 13.10 -5.86
CA SER C 193 -30.91 14.30 -6.29
C SER C 193 -30.17 14.90 -5.12
N ASP C 194 -29.31 15.87 -5.41
CA ASP C 194 -28.57 16.60 -4.38
C ASP C 194 -29.28 17.87 -3.92
N LEU C 195 -30.50 18.10 -4.42
CA LEU C 195 -31.28 19.24 -3.96
C LEU C 195 -31.72 19.06 -2.52
N GLU C 196 -32.14 20.16 -1.91
CA GLU C 196 -32.66 20.10 -0.55
C GLU C 196 -34.00 19.38 -0.53
N ILE C 197 -34.38 18.88 0.65
CA ILE C 197 -35.57 18.07 0.79
C ILE C 197 -36.84 18.85 0.43
N GLY C 198 -36.78 20.17 0.46
CA GLY C 198 -37.90 20.98 0.04
C GLY C 198 -38.11 20.95 -1.46
N GLN C 199 -37.09 21.34 -2.21
CA GLN C 199 -37.14 21.26 -3.67
C GLN C 199 -37.18 19.83 -4.18
N HIS C 200 -36.88 18.85 -3.33
CA HIS C 200 -36.92 17.44 -3.76
C HIS C 200 -38.35 16.95 -3.88
N ARG C 201 -39.16 17.13 -2.82
CA ARG C 201 -40.57 16.77 -2.90
C ARG C 201 -41.30 17.57 -3.96
N THR C 202 -40.74 18.73 -4.35
CA THR C 202 -41.27 19.47 -5.49
C THR C 202 -41.10 18.67 -6.77
N LYS C 203 -39.86 18.30 -7.10
CA LYS C 203 -39.61 17.49 -8.29
C LYS C 203 -40.26 16.12 -8.19
N ILE C 204 -40.54 15.63 -6.98
CA ILE C 204 -41.32 14.41 -6.82
C ILE C 204 -42.70 14.59 -7.45
N GLU C 205 -43.43 15.61 -6.99
CA GLU C 205 -44.77 15.83 -7.52
C GLU C 205 -44.76 16.29 -8.97
N GLU C 206 -43.65 16.89 -9.43
CA GLU C 206 -43.50 17.20 -10.84
C GLU C 206 -43.55 15.93 -11.68
N LEU C 207 -42.82 14.90 -11.26
CA LEU C 207 -42.80 13.64 -12.00
C LEU C 207 -44.08 12.85 -11.83
N ARG C 208 -44.70 12.90 -10.65
CA ARG C 208 -45.96 12.19 -10.44
C ARG C 208 -47.08 12.74 -11.32
N GLN C 209 -46.95 13.98 -11.79
CA GLN C 209 -47.87 14.51 -12.79
C GLN C 209 -47.41 14.20 -14.20
N HIS C 210 -46.10 14.16 -14.45
CA HIS C 210 -45.60 13.77 -15.76
C HIS C 210 -45.93 12.32 -16.07
N LEU C 211 -45.91 11.46 -15.05
CA LEU C 211 -46.36 10.08 -15.22
C LEU C 211 -47.87 9.98 -15.31
N LEU C 212 -48.60 10.97 -14.79
CA LEU C 212 -50.05 10.93 -14.80
C LEU C 212 -50.62 11.25 -16.17
N ARG C 213 -49.92 12.05 -16.97
CA ARG C 213 -50.41 12.44 -18.29
C ARG C 213 -50.52 11.25 -19.23
N TRP C 214 -49.79 10.17 -18.97
CA TRP C 214 -49.80 8.99 -19.83
C TRP C 214 -50.62 7.85 -19.25
N GLY C 215 -51.26 8.05 -18.10
CA GLY C 215 -52.10 7.02 -17.51
C GLY C 215 -51.39 6.11 -16.53
N LEU C 216 -50.33 6.59 -15.87
CA LEU C 216 -49.59 5.80 -14.91
C LEU C 216 -49.84 6.36 -13.51
N THR C 217 -50.41 5.54 -12.64
CA THR C 217 -50.73 5.93 -11.28
C THR C 217 -49.53 5.73 -10.36
N THR C 218 -49.36 6.65 -9.41
CA THR C 218 -48.28 6.60 -8.42
C THR C 218 -48.89 6.76 -7.04
N PRO C 219 -49.45 5.68 -6.48
CA PRO C 219 -50.14 5.80 -5.19
C PRO C 219 -49.20 6.14 -4.06
N ASP C 220 -49.69 6.96 -3.12
CA ASP C 220 -48.91 7.29 -1.92
C ASP C 220 -48.80 6.12 -0.96
N LYS C 221 -49.61 5.07 -1.13
CA LYS C 221 -49.41 3.85 -0.34
C LYS C 221 -48.05 3.24 -0.63
N LYS C 222 -47.60 3.32 -1.89
CA LYS C 222 -46.29 2.82 -2.29
C LYS C 222 -45.23 3.91 -2.32
N HIS C 223 -45.55 5.11 -1.84
CA HIS C 223 -44.60 6.21 -1.81
C HIS C 223 -43.77 6.14 -0.53
N GLN C 224 -42.48 6.46 -0.66
CA GLN C 224 -41.54 6.39 0.46
C GLN C 224 -40.78 7.70 0.52
N LYS C 225 -41.03 8.49 1.57
CA LYS C 225 -40.41 9.79 1.75
C LYS C 225 -39.24 9.78 2.72
N GLU C 226 -39.25 8.89 3.71
CA GLU C 226 -38.24 8.89 4.74
C GLU C 226 -37.50 7.56 4.77
N PRO C 227 -36.21 7.57 5.06
CA PRO C 227 -35.47 6.30 5.21
C PRO C 227 -35.93 5.55 6.45
N PRO C 228 -35.72 4.23 6.51
CA PRO C 228 -35.08 3.41 5.48
C PRO C 228 -36.00 3.05 4.32
N PHE C 229 -35.48 3.14 3.10
CA PHE C 229 -36.24 2.84 1.90
C PHE C 229 -36.10 1.36 1.55
N LEU C 230 -37.21 0.76 1.14
CA LEU C 230 -37.25 -0.64 0.71
C LEU C 230 -37.11 -0.64 -0.81
N TRP C 231 -35.92 -0.99 -1.30
CA TRP C 231 -35.60 -0.89 -2.72
C TRP C 231 -34.88 -2.15 -3.15
N MET C 232 -35.57 -2.99 -3.93
CA MET C 232 -34.98 -4.18 -4.54
C MET C 232 -34.51 -5.19 -3.50
N GLY C 233 -35.27 -5.34 -2.43
CA GLY C 233 -34.92 -6.28 -1.39
C GLY C 233 -33.81 -5.83 -0.47
N TYR C 234 -33.45 -4.55 -0.49
CA TYR C 234 -32.46 -3.98 0.41
C TYR C 234 -33.11 -2.96 1.34
N GLU C 235 -32.32 -2.45 2.27
CA GLU C 235 -32.68 -1.30 3.09
C GLU C 235 -31.62 -0.23 2.87
N LEU C 236 -32.05 0.94 2.38
CA LEU C 236 -31.15 2.02 2.04
C LEU C 236 -31.27 3.13 3.08
N HIS C 237 -30.15 3.44 3.72
CA HIS C 237 -30.03 4.54 4.66
C HIS C 237 -29.12 5.61 4.08
N PRO C 238 -29.14 6.84 4.60
CA PRO C 238 -28.35 7.92 3.99
C PRO C 238 -26.87 7.62 3.87
N ASP C 239 -26.32 6.71 4.69
CA ASP C 239 -24.91 6.39 4.64
C ASP C 239 -24.59 4.93 4.38
N LYS C 240 -25.53 4.01 4.61
CA LYS C 240 -25.25 2.60 4.45
C LYS C 240 -26.48 1.87 3.94
N TRP C 241 -26.25 0.74 3.28
CA TRP C 241 -27.31 -0.15 2.82
C TRP C 241 -27.10 -1.54 3.40
N THR C 242 -28.17 -2.32 3.41
CA THR C 242 -28.09 -3.70 3.88
C THR C 242 -29.25 -4.49 3.29
N VAL C 243 -29.08 -5.81 3.25
CA VAL C 243 -30.13 -6.68 2.71
C VAL C 243 -31.27 -6.78 3.72
N GLN C 244 -32.47 -6.98 3.20
CA GLN C 244 -33.61 -7.23 4.07
C GLN C 244 -33.38 -8.53 4.85
N PRO C 245 -33.87 -8.60 6.10
CA PRO C 245 -33.52 -9.72 6.98
C PRO C 245 -33.75 -11.10 6.36
N ILE C 246 -32.66 -11.83 6.16
CA ILE C 246 -32.70 -13.17 5.58
C ILE C 246 -32.94 -14.17 6.71
N VAL C 247 -33.82 -15.13 6.46
CA VAL C 247 -34.17 -16.15 7.45
C VAL C 247 -33.99 -17.51 6.80
N LEU C 248 -33.03 -18.29 7.30
CA LEU C 248 -32.82 -19.64 6.81
C LEU C 248 -33.79 -20.61 7.48
N PRO C 249 -34.26 -21.62 6.74
CA PRO C 249 -35.12 -22.64 7.36
C PRO C 249 -34.36 -23.44 8.42
N GLU C 250 -35.13 -23.99 9.36
CA GLU C 250 -34.60 -24.83 10.42
C GLU C 250 -35.35 -26.16 10.41
N LYS C 251 -35.18 -26.90 9.31
CA LYS C 251 -35.77 -28.22 9.19
C LYS C 251 -34.97 -29.24 9.99
N ASP C 252 -35.67 -30.08 10.75
CA ASP C 252 -35.02 -31.22 11.38
C ASP C 252 -34.77 -32.34 10.39
N SER C 253 -35.61 -32.45 9.35
CA SER C 253 -35.41 -33.37 8.25
C SER C 253 -35.47 -32.57 6.95
N TRP C 254 -34.37 -32.59 6.20
CA TRP C 254 -34.22 -31.76 5.01
C TRP C 254 -34.58 -32.55 3.76
N THR C 255 -35.26 -31.89 2.83
CA THR C 255 -35.50 -32.41 1.49
C THR C 255 -34.62 -31.67 0.50
N VAL C 256 -34.54 -32.22 -0.71
CA VAL C 256 -33.71 -31.61 -1.75
C VAL C 256 -34.21 -30.22 -2.08
N ASN C 257 -35.52 -29.98 -1.97
CA ASN C 257 -36.05 -28.64 -2.15
C ASN C 257 -35.71 -27.74 -0.98
N ASP C 258 -35.60 -28.31 0.22
CA ASP C 258 -35.21 -27.51 1.38
C ASP C 258 -33.75 -27.08 1.30
N ILE C 259 -32.89 -27.92 0.71
CA ILE C 259 -31.49 -27.55 0.54
C ILE C 259 -31.34 -26.53 -0.58
N CYS C 260 -32.06 -26.72 -1.69
CA CYS C 260 -32.01 -25.77 -2.79
C CYS C 260 -32.49 -24.39 -2.37
N LYS C 261 -33.45 -24.32 -1.46
CA LYS C 261 -33.87 -23.02 -0.94
C LYS C 261 -32.82 -22.42 -0.02
N LEU C 262 -32.08 -23.26 0.71
CA LEU C 262 -31.06 -22.75 1.62
C LEU C 262 -29.83 -22.28 0.85
N VAL C 263 -29.48 -22.96 -0.24
CA VAL C 263 -28.31 -22.59 -1.02
C VAL C 263 -28.48 -21.22 -1.64
N GLY C 264 -29.65 -20.97 -2.25
CA GLY C 264 -29.89 -19.69 -2.88
C GLY C 264 -29.88 -18.53 -1.90
N LYS C 265 -30.42 -18.76 -0.70
CA LYS C 265 -30.39 -17.71 0.32
C LYS C 265 -28.97 -17.41 0.77
N LEU C 266 -28.13 -18.45 0.88
CA LEU C 266 -26.72 -18.23 1.21
C LEU C 266 -25.99 -17.58 0.04
N ASN C 267 -26.34 -17.97 -1.20
CA ASN C 267 -25.79 -17.29 -2.36
C ASN C 267 -26.24 -15.83 -2.40
N TRP C 268 -27.50 -15.57 -2.03
CA TRP C 268 -27.98 -14.21 -1.93
C TRP C 268 -27.31 -13.46 -0.78
N ALA C 269 -27.03 -14.16 0.32
CA ALA C 269 -26.39 -13.53 1.47
C ALA C 269 -24.90 -13.29 1.24
N SER C 270 -24.28 -14.04 0.33
CA SER C 270 -22.84 -13.93 0.10
C SER C 270 -22.42 -12.61 -0.55
N GLN C 271 -23.36 -11.73 -0.88
CA GLN C 271 -23.03 -10.46 -1.51
C GLN C 271 -22.67 -9.37 -0.51
N ILE C 272 -22.89 -9.59 0.78
CA ILE C 272 -22.59 -8.59 1.80
C ILE C 272 -22.10 -9.28 3.07
N TYR C 273 -22.52 -10.53 3.27
CA TYR C 273 -22.06 -11.33 4.39
C TYR C 273 -20.83 -12.11 3.94
N PRO C 274 -19.62 -11.68 4.33
CA PRO C 274 -18.41 -12.34 3.81
C PRO C 274 -18.20 -13.71 4.44
N GLY C 275 -17.40 -14.51 3.76
CA GLY C 275 -17.03 -15.82 4.27
C GLY C 275 -18.09 -16.89 4.20
N ILE C 276 -19.20 -16.64 3.50
CA ILE C 276 -20.24 -17.65 3.37
C ILE C 276 -19.75 -18.75 2.43
N LYS C 277 -19.85 -19.99 2.87
CA LYS C 277 -19.42 -21.14 2.09
C LYS C 277 -20.62 -22.05 1.84
N VAL C 278 -20.70 -22.61 0.63
CA VAL C 278 -21.81 -23.46 0.23
C VAL C 278 -21.22 -24.66 -0.51
N ARG C 279 -19.91 -24.88 -0.33
CA ARG C 279 -19.24 -25.96 -1.05
C ARG C 279 -19.74 -27.33 -0.59
N GLN C 280 -19.77 -27.57 0.71
CA GLN C 280 -20.16 -28.88 1.21
C GLN C 280 -21.66 -29.08 1.20
N LEU C 281 -22.45 -28.01 1.36
CA LEU C 281 -23.90 -28.13 1.26
C LEU C 281 -24.34 -28.39 -0.17
N SER C 282 -23.57 -27.94 -1.15
CA SER C 282 -23.88 -28.23 -2.55
C SER C 282 -23.49 -29.63 -2.96
N LYS C 283 -22.58 -30.27 -2.22
CA LYS C 283 -22.26 -31.67 -2.48
C LYS C 283 -23.43 -32.59 -2.18
N LEU C 284 -24.44 -32.11 -1.45
CA LEU C 284 -25.62 -32.91 -1.17
C LEU C 284 -26.49 -33.11 -2.41
N LEU C 285 -26.42 -32.19 -3.38
CA LEU C 285 -27.32 -32.20 -4.52
C LEU C 285 -26.77 -32.94 -5.72
N ARG C 286 -25.51 -33.37 -5.69
CA ARG C 286 -24.94 -34.03 -6.86
C ARG C 286 -25.49 -35.45 -7.02
N GLY C 287 -25.80 -35.81 -8.26
CA GLY C 287 -26.37 -37.12 -8.54
C GLY C 287 -27.73 -37.37 -7.95
N THR C 288 -28.47 -36.31 -7.64
CA THR C 288 -29.76 -36.43 -6.97
C THR C 288 -30.90 -36.25 -7.96
N LYS C 289 -31.91 -37.11 -7.85
CA LYS C 289 -33.05 -37.08 -8.76
C LYS C 289 -34.25 -36.35 -8.18
N ALA C 290 -34.82 -36.92 -7.11
CA ALA C 290 -36.05 -36.36 -6.57
C ALA C 290 -35.94 -35.09 -5.77
N LEU C 291 -36.78 -34.13 -6.09
CA LEU C 291 -36.77 -32.87 -5.37
C LEU C 291 -37.15 -33.01 -3.90
N THR C 292 -38.06 -33.90 -3.61
CA THR C 292 -38.51 -34.03 -2.24
C THR C 292 -37.82 -35.14 -1.48
N GLU C 293 -36.93 -35.87 -2.15
CA GLU C 293 -36.17 -36.90 -1.46
C GLU C 293 -35.54 -36.35 -0.19
N VAL C 294 -35.65 -37.10 0.90
CA VAL C 294 -35.07 -36.72 2.17
C VAL C 294 -33.60 -37.12 2.20
N ILE C 295 -32.75 -36.23 2.72
CA ILE C 295 -31.32 -36.47 2.75
C ILE C 295 -30.75 -36.07 4.11
N PRO C 296 -29.94 -36.91 4.74
CA PRO C 296 -29.32 -36.53 6.01
C PRO C 296 -28.12 -35.62 5.81
N LEU C 297 -27.96 -34.67 6.71
CA LEU C 297 -26.86 -33.71 6.61
C LEU C 297 -25.53 -34.38 6.91
N THR C 298 -24.51 -34.01 6.15
CA THR C 298 -23.18 -34.57 6.32
C THR C 298 -22.48 -33.88 7.49
N GLU C 299 -21.38 -34.49 7.96
CA GLU C 299 -20.61 -33.91 9.04
C GLU C 299 -19.96 -32.59 8.63
N GLU C 300 -19.50 -32.51 7.38
CA GLU C 300 -18.92 -31.27 6.88
C GLU C 300 -19.97 -30.24 6.45
N ALA C 301 -21.23 -30.65 6.31
CA ALA C 301 -22.29 -29.73 5.91
C ALA C 301 -22.96 -29.05 7.08
N GLU C 302 -23.05 -29.73 8.23
CA GLU C 302 -23.61 -29.09 9.42
C GLU C 302 -22.64 -28.07 10.00
N LEU C 303 -21.35 -28.35 9.94
CA LEU C 303 -20.35 -27.36 10.34
C LEU C 303 -20.45 -26.11 9.47
N GLU C 304 -20.69 -26.31 8.18
CA GLU C 304 -20.83 -25.15 7.31
C GLU C 304 -22.01 -24.37 7.80
N LEU C 305 -23.12 -25.05 7.96
CA LEU C 305 -24.34 -24.35 8.34
C LEU C 305 -24.11 -23.56 9.58
N ALA C 306 -23.49 -24.16 10.56
CA ALA C 306 -23.34 -23.49 11.83
C ALA C 306 -22.52 -22.25 11.62
N GLU C 307 -21.44 -22.34 10.86
CA GLU C 307 -20.60 -21.18 10.70
C GLU C 307 -21.38 -20.08 10.02
N ASN C 308 -22.10 -20.44 8.96
CA ASN C 308 -22.89 -19.47 8.25
C ASN C 308 -23.98 -18.93 9.12
N ARG C 309 -24.58 -19.80 9.91
CA ARG C 309 -25.67 -19.40 10.77
C ARG C 309 -25.11 -18.36 11.70
N GLU C 310 -23.89 -18.59 12.12
CA GLU C 310 -23.24 -17.63 12.99
C GLU C 310 -23.04 -16.31 12.29
N ILE C 311 -22.61 -16.34 11.03
CA ILE C 311 -22.31 -15.11 10.33
C ILE C 311 -23.56 -14.25 10.15
N LEU C 312 -24.72 -14.89 9.94
CA LEU C 312 -25.97 -14.16 9.73
C LEU C 312 -26.54 -13.56 11.02
N LYS C 313 -25.95 -13.87 12.18
CA LYS C 313 -26.50 -13.37 13.44
C LYS C 313 -26.37 -11.85 13.51
N GLU C 314 -25.14 -11.33 13.53
CA GLU C 314 -24.97 -9.90 13.59
C GLU C 314 -25.26 -9.26 12.23
N PRO C 315 -25.77 -8.03 12.22
CA PRO C 315 -26.05 -7.36 10.95
C PRO C 315 -24.79 -6.79 10.32
N VAL C 316 -24.80 -6.75 8.99
CA VAL C 316 -23.69 -6.23 8.20
C VAL C 316 -24.24 -5.17 7.25
N HIS C 317 -23.39 -4.22 6.87
CA HIS C 317 -23.80 -3.12 6.01
C HIS C 317 -22.73 -2.87 4.96
N GLY C 318 -23.18 -2.30 3.82
CA GLY C 318 -22.29 -1.90 2.75
C GLY C 318 -22.43 -0.41 2.47
N VAL C 319 -21.45 0.11 1.72
CA VAL C 319 -21.36 1.55 1.48
C VAL C 319 -21.84 1.89 0.08
N TYR C 320 -21.58 3.13 -0.35
CA TYR C 320 -21.96 3.61 -1.67
C TYR C 320 -20.71 4.05 -2.43
N TYR C 321 -20.83 4.08 -3.75
CA TYR C 321 -19.69 4.27 -4.64
C TYR C 321 -19.24 5.72 -4.66
N ASP C 322 -17.98 5.96 -4.33
CA ASP C 322 -17.38 7.27 -4.46
C ASP C 322 -16.51 7.27 -5.71
N PRO C 323 -16.93 7.93 -6.80
CA PRO C 323 -16.16 7.87 -8.04
C PRO C 323 -14.77 8.46 -7.94
N SER C 324 -14.50 9.32 -6.95
CA SER C 324 -13.19 9.95 -6.85
C SER C 324 -12.12 9.00 -6.36
N LYS C 325 -12.49 7.95 -5.64
CA LYS C 325 -11.53 7.00 -5.07
C LYS C 325 -11.57 5.69 -5.84
N ASP C 326 -10.43 5.00 -5.84
CA ASP C 326 -10.26 3.81 -6.66
C ASP C 326 -11.12 2.66 -6.14
N LEU C 327 -11.22 1.62 -6.96
CA LEU C 327 -11.91 0.38 -6.61
C LEU C 327 -10.88 -0.66 -6.22
N ILE C 328 -11.08 -1.28 -5.05
CA ILE C 328 -10.15 -2.27 -4.52
C ILE C 328 -10.87 -3.59 -4.38
N ALA C 329 -10.25 -4.65 -4.89
CA ALA C 329 -10.76 -6.01 -4.75
C ALA C 329 -9.69 -6.88 -4.11
N GLU C 330 -10.09 -7.68 -3.13
CA GLU C 330 -9.16 -8.51 -2.37
C GLU C 330 -9.71 -9.92 -2.27
N ILE C 331 -8.87 -10.91 -2.58
CA ILE C 331 -9.29 -12.30 -2.69
C ILE C 331 -8.53 -13.14 -1.67
N GLN C 332 -9.20 -14.16 -1.15
CA GLN C 332 -8.57 -15.14 -0.26
C GLN C 332 -8.99 -16.54 -0.68
N LYS C 333 -8.08 -17.49 -0.53
CA LYS C 333 -8.36 -18.90 -0.80
C LYS C 333 -8.90 -19.53 0.49
N GLN C 334 -10.22 -19.67 0.57
CA GLN C 334 -10.85 -20.30 1.73
C GLN C 334 -10.44 -21.75 1.86
N GLY C 335 -11.08 -22.61 1.06
CA GLY C 335 -10.75 -24.02 1.07
C GLY C 335 -10.22 -24.48 -0.28
N GLN C 336 -10.29 -25.78 -0.54
CA GLN C 336 -9.88 -26.31 -1.83
C GLN C 336 -10.98 -26.07 -2.85
N GLY C 337 -10.65 -25.35 -3.92
CA GLY C 337 -11.64 -24.96 -4.89
C GLY C 337 -12.62 -23.90 -4.42
N GLN C 338 -12.34 -23.24 -3.29
CA GLN C 338 -13.20 -22.19 -2.77
C GLN C 338 -12.43 -20.89 -2.66
N TRP C 339 -13.11 -19.79 -2.96
CA TRP C 339 -12.54 -18.45 -2.82
C TRP C 339 -13.63 -17.50 -2.36
N THR C 340 -13.21 -16.41 -1.72
CA THR C 340 -14.09 -15.30 -1.41
C THR C 340 -13.37 -13.99 -1.70
N TYR C 341 -14.16 -12.94 -1.91
CA TYR C 341 -13.61 -11.64 -2.28
C TYR C 341 -14.44 -10.52 -1.64
N GLN C 342 -13.79 -9.38 -1.46
CA GLN C 342 -14.42 -8.16 -0.99
C GLN C 342 -13.97 -7.01 -1.86
N ILE C 343 -14.92 -6.15 -2.23
CA ILE C 343 -14.66 -4.96 -3.03
C ILE C 343 -14.94 -3.73 -2.17
N TYR C 344 -14.00 -2.79 -2.15
CA TYR C 344 -14.15 -1.59 -1.35
C TYR C 344 -13.35 -0.46 -1.98
N GLN C 345 -13.42 0.71 -1.34
CA GLN C 345 -12.62 1.88 -1.71
C GLN C 345 -11.72 2.34 -0.57
N GLU C 346 -12.20 2.27 0.67
CA GLU C 346 -11.40 2.48 1.87
C GLU C 346 -11.58 1.27 2.78
N PRO C 347 -10.53 0.86 3.49
CA PRO C 347 -10.54 -0.46 4.13
C PRO C 347 -11.71 -0.68 5.08
N PHE C 348 -12.15 -1.93 5.16
CA PHE C 348 -13.19 -2.40 6.07
C PHE C 348 -14.56 -1.77 5.78
N LYS C 349 -14.64 -0.96 4.74
CA LYS C 349 -15.89 -0.36 4.28
C LYS C 349 -16.22 -0.97 2.92
N ASN C 350 -16.76 -2.18 2.95
CA ASN C 350 -16.98 -2.95 1.73
C ASN C 350 -18.18 -2.43 0.95
N LEU C 351 -18.04 -2.38 -0.38
CA LEU C 351 -19.18 -2.13 -1.24
C LEU C 351 -20.04 -3.38 -1.39
N LYS C 352 -19.40 -4.51 -1.70
CA LYS C 352 -20.09 -5.79 -1.75
C LYS C 352 -19.03 -6.89 -1.65
N THR C 353 -19.50 -8.11 -1.37
CA THR C 353 -18.61 -9.26 -1.27
C THR C 353 -19.13 -10.38 -2.18
N GLY C 354 -18.52 -11.56 -2.09
CA GLY C 354 -18.96 -12.67 -2.92
C GLY C 354 -18.07 -13.87 -2.74
N LYS C 355 -18.20 -14.81 -3.67
CA LYS C 355 -17.43 -16.05 -3.63
C LYS C 355 -17.34 -16.62 -5.03
N TYR C 356 -16.47 -17.63 -5.18
CA TYR C 356 -16.29 -18.33 -6.45
C TYR C 356 -15.84 -19.74 -6.13
N ALA C 357 -16.47 -20.73 -6.78
CA ALA C 357 -16.11 -22.12 -6.51
C ALA C 357 -16.22 -23.01 -7.74
N ARG C 358 -16.35 -22.46 -8.94
CA ARG C 358 -16.53 -23.28 -10.13
C ARG C 358 -15.23 -24.00 -10.48
N MET C 359 -15.29 -25.33 -10.52
CA MET C 359 -14.15 -26.15 -10.93
C MET C 359 -14.18 -26.28 -12.44
N ARG C 360 -13.29 -25.57 -13.11
CA ARG C 360 -13.21 -25.56 -14.57
C ARG C 360 -12.12 -26.51 -15.03
N GLY C 361 -12.51 -27.58 -15.70
CA GLY C 361 -11.59 -28.54 -16.26
C GLY C 361 -11.37 -29.73 -15.35
N ALA C 362 -10.68 -30.73 -15.90
CA ALA C 362 -10.35 -31.92 -15.13
C ALA C 362 -9.11 -31.70 -14.27
N HIS C 363 -8.15 -30.93 -14.77
CA HIS C 363 -6.89 -30.71 -14.07
C HIS C 363 -6.60 -29.21 -14.02
N THR C 364 -6.29 -28.71 -12.83
CA THR C 364 -6.08 -27.28 -12.63
C THR C 364 -5.15 -27.08 -11.45
N ASN C 365 -4.89 -25.81 -11.14
CA ASN C 365 -4.06 -25.46 -9.99
C ASN C 365 -4.61 -24.17 -9.38
N ASP C 366 -4.01 -23.76 -8.25
CA ASP C 366 -4.48 -22.57 -7.55
C ASP C 366 -4.29 -21.31 -8.39
N VAL C 367 -3.24 -21.27 -9.21
CA VAL C 367 -3.00 -20.08 -10.04
C VAL C 367 -4.10 -19.94 -11.09
N LYS C 368 -4.51 -21.05 -11.71
CA LYS C 368 -5.56 -20.99 -12.72
C LYS C 368 -6.87 -20.51 -12.12
N GLN C 369 -7.29 -21.11 -11.00
CA GLN C 369 -8.56 -20.73 -10.39
C GLN C 369 -8.55 -19.28 -9.92
N LEU C 370 -7.39 -18.76 -9.52
CA LEU C 370 -7.32 -17.37 -9.11
C LEU C 370 -7.47 -16.44 -10.31
N THR C 371 -6.86 -16.80 -11.44
CA THR C 371 -7.04 -16.01 -12.66
C THR C 371 -8.50 -16.00 -13.09
N GLU C 372 -9.17 -17.15 -13.01
CA GLU C 372 -10.59 -17.20 -13.33
C GLU C 372 -11.41 -16.40 -12.34
N ALA C 373 -10.94 -16.28 -11.09
CA ALA C 373 -11.64 -15.44 -10.12
C ALA C 373 -11.48 -13.97 -10.46
N VAL C 374 -10.26 -13.55 -10.82
CA VAL C 374 -10.02 -12.15 -11.13
C VAL C 374 -10.87 -11.70 -12.31
N GLN C 375 -10.93 -12.53 -13.37
CA GLN C 375 -11.73 -12.17 -14.53
C GLN C 375 -13.22 -12.19 -14.21
N LYS C 376 -13.65 -12.98 -13.22
CA LYS C 376 -15.03 -12.95 -12.81
C LYS C 376 -15.36 -11.64 -12.10
N ILE C 377 -14.50 -11.23 -11.17
CA ILE C 377 -14.71 -9.96 -10.47
C ILE C 377 -14.57 -8.79 -11.43
N THR C 378 -13.63 -8.90 -12.38
CA THR C 378 -13.45 -7.83 -13.36
C THR C 378 -14.73 -7.59 -14.15
N THR C 379 -15.38 -8.65 -14.60
CA THR C 379 -16.63 -8.51 -15.33
C THR C 379 -17.74 -7.98 -14.43
N GLU C 380 -17.79 -8.47 -13.19
CA GLU C 380 -18.82 -8.00 -12.25
C GLU C 380 -18.65 -6.53 -11.93
N SER C 381 -17.41 -6.05 -11.85
CA SER C 381 -17.17 -4.65 -11.50
C SER C 381 -17.46 -3.71 -12.67
N ILE C 382 -17.12 -4.13 -13.89
CA ILE C 382 -17.48 -3.32 -15.06
C ILE C 382 -18.99 -3.19 -15.18
N VAL C 383 -19.74 -4.18 -14.70
CA VAL C 383 -21.19 -4.13 -14.77
C VAL C 383 -21.72 -3.05 -13.84
N ILE C 384 -21.15 -2.91 -12.65
CA ILE C 384 -21.74 -2.12 -11.59
C ILE C 384 -21.15 -0.72 -11.54
N TRP C 385 -19.87 -0.58 -11.94
CA TRP C 385 -19.19 0.70 -11.83
C TRP C 385 -18.47 1.13 -13.11
N GLY C 386 -18.46 0.31 -14.15
CA GLY C 386 -17.88 0.73 -15.41
C GLY C 386 -16.37 0.86 -15.43
N LYS C 387 -15.67 0.17 -14.53
CA LYS C 387 -14.21 0.16 -14.55
C LYS C 387 -13.72 -1.06 -13.79
N THR C 388 -12.49 -1.48 -14.09
CA THR C 388 -11.89 -2.63 -13.45
C THR C 388 -11.20 -2.22 -12.16
N PRO C 389 -11.39 -2.92 -11.06
CA PRO C 389 -10.80 -2.52 -9.78
C PRO C 389 -9.31 -2.88 -9.73
N LYS C 390 -8.67 -2.37 -8.68
CA LYS C 390 -7.30 -2.78 -8.35
C LYS C 390 -7.37 -3.96 -7.40
N PHE C 391 -6.44 -4.89 -7.55
CA PHE C 391 -6.52 -6.19 -6.90
C PHE C 391 -5.45 -6.36 -5.83
N LYS C 392 -5.86 -6.91 -4.69
CA LYS C 392 -4.95 -7.40 -3.66
C LYS C 392 -5.05 -8.92 -3.68
N LEU C 393 -3.98 -9.58 -4.13
CA LEU C 393 -4.00 -11.00 -4.41
C LEU C 393 -3.04 -11.74 -3.50
N PRO C 394 -3.46 -12.88 -2.90
CA PRO C 394 -2.57 -13.68 -2.05
C PRO C 394 -1.60 -14.55 -2.84
N ILE C 395 -0.90 -13.93 -3.78
CA ILE C 395 0.10 -14.61 -4.60
C ILE C 395 1.32 -13.71 -4.70
N GLN C 396 2.50 -14.27 -4.49
CA GLN C 396 3.72 -13.49 -4.60
C GLN C 396 3.93 -13.02 -6.04
N LYS C 397 4.48 -11.81 -6.18
CA LYS C 397 4.78 -11.29 -7.51
C LYS C 397 5.71 -12.24 -8.26
N GLU C 398 6.68 -12.83 -7.55
CA GLU C 398 7.57 -13.79 -8.19
C GLU C 398 6.83 -15.05 -8.63
N THR C 399 5.80 -15.45 -7.89
CA THR C 399 5.03 -16.63 -8.26
C THR C 399 4.33 -16.42 -9.60
N TRP C 400 3.56 -15.33 -9.72
CA TRP C 400 2.86 -15.03 -10.96
C TRP C 400 3.83 -14.83 -12.12
N GLU C 401 4.96 -14.18 -11.86
CA GLU C 401 5.91 -13.89 -12.93
C GLU C 401 6.43 -15.18 -13.58
N THR C 402 6.81 -16.15 -12.76
CA THR C 402 7.29 -17.43 -13.28
C THR C 402 6.18 -18.20 -14.00
N TRP C 403 4.92 -17.93 -13.67
CA TRP C 403 3.82 -18.65 -14.30
C TRP C 403 3.61 -18.20 -15.75
N TRP C 404 3.28 -16.92 -15.95
CA TRP C 404 2.83 -16.48 -17.26
C TRP C 404 3.96 -16.53 -18.29
N THR C 405 5.21 -16.30 -17.88
CA THR C 405 6.31 -16.37 -18.82
C THR C 405 6.53 -17.79 -19.31
N GLU C 406 6.50 -18.77 -18.40
CA GLU C 406 6.72 -20.16 -18.78
C GLU C 406 5.48 -20.82 -19.35
N TYR C 407 4.31 -20.22 -19.16
CA TYR C 407 3.08 -20.79 -19.70
C TYR C 407 3.01 -20.56 -21.21
N TRP C 408 2.53 -21.57 -21.93
CA TRP C 408 2.37 -21.47 -23.38
C TRP C 408 1.14 -20.66 -23.77
N GLN C 409 0.14 -20.58 -22.91
CA GLN C 409 -1.05 -19.79 -23.17
C GLN C 409 -0.85 -18.35 -22.72
N ALA C 410 -1.39 -17.43 -23.50
CA ALA C 410 -1.39 -16.03 -23.09
C ALA C 410 -2.31 -15.86 -21.88
N THR C 411 -1.83 -15.13 -20.88
CA THR C 411 -2.64 -14.83 -19.70
C THR C 411 -2.11 -13.55 -19.08
N TRP C 412 -2.97 -12.88 -18.33
CA TRP C 412 -2.63 -11.57 -17.81
C TRP C 412 -3.65 -11.19 -16.74
N ILE C 413 -3.19 -10.38 -15.79
CA ILE C 413 -4.02 -9.87 -14.70
C ILE C 413 -3.89 -8.35 -14.69
N PRO C 414 -4.97 -7.61 -14.43
CA PRO C 414 -4.85 -6.15 -14.34
C PRO C 414 -3.95 -5.72 -13.20
N GLU C 415 -3.85 -4.40 -12.97
CA GLU C 415 -3.00 -3.89 -11.90
C GLU C 415 -3.36 -4.53 -10.57
N TRP C 416 -2.38 -5.16 -9.95
CA TRP C 416 -2.60 -5.90 -8.71
C TRP C 416 -1.36 -5.79 -7.83
N GLU C 417 -1.57 -5.89 -6.53
CA GLU C 417 -0.50 -5.83 -5.55
C GLU C 417 -0.61 -7.00 -4.58
N PHE C 418 0.54 -7.51 -4.16
CA PHE C 418 0.59 -8.69 -3.31
C PHE C 418 0.08 -8.36 -1.91
N VAL C 419 -0.68 -9.29 -1.33
CA VAL C 419 -1.16 -9.18 0.04
C VAL C 419 -0.86 -10.50 0.75
N ASN C 420 -0.18 -10.41 1.89
CA ASN C 420 0.22 -11.59 2.67
C ASN C 420 -0.98 -12.08 3.50
N THR C 421 -1.95 -12.67 2.79
CA THR C 421 -3.10 -13.31 3.41
C THR C 421 -2.97 -14.82 3.21
N PRO C 422 -2.33 -15.53 4.13
CA PRO C 422 -2.18 -16.97 3.97
C PRO C 422 -3.54 -17.64 4.00
N PRO C 423 -3.70 -18.78 3.29
CA PRO C 423 -2.65 -19.47 2.52
C PRO C 423 -2.30 -18.79 1.20
N LEU C 424 -1.01 -18.69 0.91
CA LEU C 424 -0.57 -18.05 -0.32
C LEU C 424 -0.65 -19.01 -1.49
N VAL C 425 -1.07 -18.50 -2.63
CA VAL C 425 -1.17 -19.30 -3.85
C VAL C 425 0.24 -19.54 -4.38
N LYS C 426 0.58 -20.81 -4.57
CA LYS C 426 1.92 -21.18 -5.02
C LYS C 426 1.84 -22.31 -6.04
N LEU C 427 2.85 -22.37 -6.90
CA LEU C 427 3.08 -23.56 -7.70
C LEU C 427 3.79 -24.60 -6.85
N TRP C 428 3.36 -25.85 -6.97
CA TRP C 428 3.81 -26.89 -6.05
C TRP C 428 4.95 -27.73 -6.59
N TYR C 429 5.32 -27.57 -7.87
CA TYR C 429 6.47 -28.24 -8.43
C TYR C 429 6.82 -27.59 -9.76
N GLN C 430 8.07 -27.78 -10.18
CA GLN C 430 8.59 -27.22 -11.42
C GLN C 430 9.35 -28.29 -12.17
N LEU C 431 8.97 -28.52 -13.43
CA LEU C 431 9.72 -29.44 -14.27
C LEU C 431 11.02 -28.78 -14.71
N GLU C 432 12.12 -29.51 -14.58
CA GLU C 432 13.41 -28.99 -15.02
C GLU C 432 13.39 -28.73 -16.52
N LYS C 433 14.17 -27.73 -16.94
CA LYS C 433 14.32 -27.41 -18.35
C LYS C 433 15.42 -28.22 -19.02
N GLU C 434 16.37 -28.74 -18.23
CA GLU C 434 17.45 -29.56 -18.72
C GLU C 434 17.53 -30.84 -17.89
N PRO C 435 17.89 -31.96 -18.50
CA PRO C 435 17.98 -33.22 -17.74
C PRO C 435 19.02 -33.12 -16.64
N ILE C 436 18.80 -33.90 -15.58
CA ILE C 436 19.63 -33.86 -14.39
C ILE C 436 20.80 -34.82 -14.56
N VAL C 437 22.02 -34.29 -14.47
CA VAL C 437 23.21 -35.14 -14.50
C VAL C 437 23.28 -35.94 -13.21
N GLY C 438 23.50 -37.25 -13.34
CA GLY C 438 23.57 -38.13 -12.19
C GLY C 438 22.24 -38.66 -11.70
N ALA C 439 21.16 -38.44 -12.45
CA ALA C 439 19.85 -38.95 -12.09
C ALA C 439 19.46 -40.11 -13.01
N GLU C 440 18.83 -41.12 -12.43
CA GLU C 440 18.42 -42.29 -13.20
C GLU C 440 17.37 -41.88 -14.24
N THR C 441 17.50 -42.44 -15.44
CA THR C 441 16.65 -42.09 -16.57
C THR C 441 15.64 -43.21 -16.82
N PHE C 442 14.36 -42.88 -16.72
CA PHE C 442 13.26 -43.85 -16.83
C PHE C 442 12.58 -43.69 -18.19
N TYR C 443 12.71 -44.69 -19.06
CA TYR C 443 12.00 -44.67 -20.34
C TYR C 443 10.68 -45.39 -20.14
N VAL C 444 9.57 -44.65 -20.07
CA VAL C 444 8.31 -45.27 -19.85
C VAL C 444 7.41 -45.41 -21.02
N ASP C 445 6.45 -46.31 -20.92
CA ASP C 445 5.47 -46.51 -21.95
C ASP C 445 4.30 -47.29 -21.43
N GLY C 446 3.19 -47.20 -22.12
CA GLY C 446 1.98 -47.93 -21.76
C GLY C 446 1.11 -48.19 -22.98
N ALA C 447 0.50 -49.37 -23.02
CA ALA C 447 -0.37 -49.74 -24.12
C ALA C 447 -1.59 -50.46 -23.56
N ALA C 448 -2.68 -50.43 -24.33
CA ALA C 448 -3.92 -51.06 -23.90
C ALA C 448 -4.67 -51.58 -25.11
N ASN C 449 -5.37 -52.69 -24.92
CA ASN C 449 -6.20 -53.29 -25.97
C ASN C 449 -7.60 -52.68 -25.91
N ARG C 450 -8.14 -52.33 -27.08
CA ARG C 450 -9.43 -51.65 -27.12
C ARG C 450 -10.55 -52.58 -26.68
N GLU C 451 -10.59 -53.80 -27.20
CA GLU C 451 -11.68 -54.72 -26.88
C GLU C 451 -11.54 -55.27 -25.46
N THR C 452 -10.36 -55.76 -25.12
CA THR C 452 -10.17 -56.42 -23.83
C THR C 452 -10.05 -55.46 -22.67
N LYS C 453 -9.84 -54.17 -22.92
CA LYS C 453 -9.64 -53.15 -21.90
C LYS C 453 -8.48 -53.50 -20.95
N LEU C 454 -7.57 -54.36 -21.40
CA LEU C 454 -6.40 -54.74 -20.62
C LEU C 454 -5.16 -54.03 -21.15
N GLY C 455 -4.18 -53.89 -20.27
CA GLY C 455 -2.96 -53.20 -20.68
C GLY C 455 -1.82 -53.47 -19.72
N LYS C 456 -0.65 -53.01 -20.14
CA LYS C 456 0.56 -53.06 -19.33
C LYS C 456 1.18 -51.67 -19.29
N ALA C 457 1.84 -51.37 -18.17
CA ALA C 457 2.54 -50.11 -18.01
C ALA C 457 3.83 -50.36 -17.25
N GLY C 458 4.91 -49.73 -17.70
CA GLY C 458 6.18 -49.93 -17.03
C GLY C 458 7.28 -49.09 -17.63
N TYR C 459 8.50 -49.37 -17.19
CA TYR C 459 9.66 -48.56 -17.52
C TYR C 459 10.88 -49.44 -17.70
N VAL C 460 11.89 -48.88 -18.36
CA VAL C 460 13.24 -49.42 -18.39
C VAL C 460 14.20 -48.28 -18.11
N THR C 461 15.23 -48.54 -17.32
CA THR C 461 16.19 -47.50 -16.96
C THR C 461 17.56 -47.80 -17.55
N ASN C 462 18.40 -46.76 -17.53
CA ASN C 462 19.78 -46.92 -17.95
C ASN C 462 20.54 -47.88 -17.04
N LYS C 463 20.16 -47.94 -15.76
CA LYS C 463 20.81 -48.80 -14.79
C LYS C 463 20.30 -50.24 -14.82
N GLY C 464 19.54 -50.61 -15.86
CA GLY C 464 19.02 -51.95 -15.99
C GLY C 464 17.71 -52.21 -15.27
N ARG C 465 17.27 -51.29 -14.41
CA ARG C 465 16.04 -51.47 -13.66
C ARG C 465 14.84 -51.51 -14.60
N GLN C 466 13.93 -52.46 -14.36
CA GLN C 466 12.75 -52.64 -15.19
C GLN C 466 11.56 -52.98 -14.32
N LYS C 467 10.36 -52.81 -14.90
CA LYS C 467 9.10 -53.17 -14.27
C LYS C 467 8.00 -53.09 -15.31
N VAL C 468 7.09 -54.05 -15.28
CA VAL C 468 5.85 -54.02 -16.06
C VAL C 468 4.72 -54.51 -15.17
N VAL C 469 3.59 -53.80 -15.21
CA VAL C 469 2.46 -54.05 -14.33
C VAL C 469 1.25 -54.37 -15.21
N PRO C 470 0.54 -55.47 -14.96
CA PRO C 470 -0.71 -55.72 -15.69
C PRO C 470 -1.82 -54.83 -15.18
N LEU C 471 -2.66 -54.37 -16.10
CA LEU C 471 -3.69 -53.39 -15.78
C LEU C 471 -5.05 -53.88 -16.26
N THR C 472 -6.08 -53.57 -15.47
CA THR C 472 -7.43 -54.04 -15.72
C THR C 472 -8.35 -52.85 -15.96
N ASN C 473 -9.17 -52.94 -17.00
CA ASN C 473 -10.13 -51.90 -17.35
C ASN C 473 -9.46 -50.53 -17.44
N THR C 474 -8.78 -50.27 -18.55
CA THR C 474 -8.00 -49.05 -18.70
C THR C 474 -7.98 -48.66 -20.17
N THR C 475 -7.34 -47.52 -20.45
CA THR C 475 -7.25 -46.98 -21.79
C THR C 475 -5.78 -46.71 -22.13
N ASN C 476 -5.54 -46.47 -23.42
CA ASN C 476 -4.19 -46.09 -23.84
C ASN C 476 -3.70 -44.85 -23.09
N GLN C 477 -4.61 -43.94 -22.76
CA GLN C 477 -4.22 -42.73 -22.03
C GLN C 477 -3.87 -43.07 -20.58
N LYS C 478 -4.72 -43.82 -19.90
CA LYS C 478 -4.51 -44.12 -18.49
C LYS C 478 -3.25 -44.95 -18.27
N THR C 479 -2.94 -45.87 -19.20
CA THR C 479 -1.70 -46.63 -19.09
C THR C 479 -0.48 -45.72 -19.16
N GLU C 480 -0.51 -44.74 -20.07
CA GLU C 480 0.62 -43.84 -20.22
C GLU C 480 0.80 -42.94 -19.00
N LEU C 481 -0.30 -42.57 -18.34
CA LEU C 481 -0.20 -41.91 -17.05
C LEU C 481 0.38 -42.86 -16.00
N GLN C 482 -0.05 -44.12 -16.03
CA GLN C 482 0.42 -45.10 -15.06
C GLN C 482 1.92 -45.34 -15.21
N ALA C 483 2.41 -45.41 -16.44
CA ALA C 483 3.84 -45.60 -16.67
C ALA C 483 4.65 -44.48 -16.03
N ILE C 484 4.19 -43.24 -16.14
CA ILE C 484 4.87 -42.13 -15.51
C ILE C 484 4.75 -42.22 -14.00
N TYR C 485 3.60 -42.66 -13.50
CA TYR C 485 3.41 -42.79 -12.06
C TYR C 485 4.35 -43.83 -11.46
N LEU C 486 4.53 -44.95 -12.15
CA LEU C 486 5.42 -46.00 -11.64
C LEU C 486 6.85 -45.50 -11.54
N ALA C 487 7.30 -44.73 -12.54
CA ALA C 487 8.65 -44.18 -12.49
C ALA C 487 8.82 -43.23 -11.31
N LEU C 488 7.76 -42.49 -10.96
CA LEU C 488 7.83 -41.58 -9.83
C LEU C 488 7.94 -42.34 -8.52
N GLN C 489 7.37 -43.54 -8.44
CA GLN C 489 7.41 -44.29 -7.19
C GLN C 489 8.78 -44.92 -6.96
N ASP C 490 9.37 -45.51 -7.99
CA ASP C 490 10.59 -46.30 -7.85
C ASP C 490 11.86 -45.49 -8.08
N SER C 491 11.76 -44.18 -8.24
CA SER C 491 12.91 -43.32 -8.44
C SER C 491 13.27 -42.60 -7.16
N GLY C 492 14.48 -42.05 -7.13
CA GLY C 492 14.94 -41.28 -5.99
C GLY C 492 14.33 -39.91 -5.93
N LEU C 493 15.12 -38.90 -5.55
CA LEU C 493 14.62 -37.53 -5.49
C LEU C 493 14.82 -36.78 -6.80
N GLU C 494 15.82 -37.16 -7.60
CA GLU C 494 16.08 -36.56 -8.90
C GLU C 494 15.89 -37.63 -9.96
N VAL C 495 15.01 -37.37 -10.93
CA VAL C 495 14.63 -38.37 -11.93
C VAL C 495 14.39 -37.70 -13.27
N ASN C 496 14.83 -38.36 -14.34
CA ASN C 496 14.47 -38.01 -15.70
C ASN C 496 13.53 -39.07 -16.24
N ILE C 497 12.47 -38.62 -16.93
CA ILE C 497 11.43 -39.52 -17.43
C ILE C 497 11.19 -39.22 -18.90
N VAL C 498 11.14 -40.27 -19.72
CA VAL C 498 10.99 -40.15 -21.16
C VAL C 498 9.76 -40.95 -21.56
N THR C 499 8.68 -40.25 -21.90
CA THR C 499 7.44 -40.91 -22.34
C THR C 499 7.12 -40.43 -23.74
N ASN C 500 6.38 -41.21 -24.50
CA ASN C 500 5.97 -40.74 -25.84
C ASN C 500 4.53 -40.31 -25.78
N SER C 501 3.96 -40.20 -24.58
CA SER C 501 2.54 -39.79 -24.49
C SER C 501 2.46 -38.29 -24.59
N GLN C 502 1.97 -37.78 -25.69
CA GLN C 502 1.70 -36.35 -25.70
C GLN C 502 0.59 -36.00 -24.72
N TYR C 503 -0.40 -36.89 -24.56
CA TYR C 503 -1.50 -36.65 -23.65
C TYR C 503 -1.00 -36.46 -22.21
N ALA C 504 -0.18 -37.39 -21.74
CA ALA C 504 0.29 -37.33 -20.36
C ALA C 504 1.20 -36.13 -20.13
N LEU C 505 2.16 -35.91 -21.05
CA LEU C 505 3.08 -34.79 -20.89
C LEU C 505 2.36 -33.46 -20.87
N GLY C 506 1.26 -33.33 -21.62
CA GLY C 506 0.50 -32.09 -21.62
C GLY C 506 -0.12 -31.79 -20.26
N ILE C 507 -0.71 -32.80 -19.63
CA ILE C 507 -1.37 -32.59 -18.34
C ILE C 507 -0.36 -32.14 -17.29
N ILE C 508 0.84 -32.71 -17.31
CA ILE C 508 1.81 -32.45 -16.26
C ILE C 508 2.48 -31.09 -16.46
N GLN C 509 2.79 -30.73 -17.70
CA GLN C 509 3.52 -29.49 -17.96
C GLN C 509 2.72 -28.24 -17.57
N ALA C 510 1.40 -28.37 -17.42
CA ALA C 510 0.57 -27.27 -16.93
C ALA C 510 0.67 -27.07 -15.43
N GLN C 511 1.47 -27.87 -14.75
CA GLN C 511 1.66 -27.80 -13.31
C GLN C 511 0.34 -27.82 -12.52
N PRO C 512 -0.51 -28.83 -12.74
CA PRO C 512 -1.77 -28.90 -11.98
C PRO C 512 -1.56 -29.46 -10.60
N ASP C 513 -2.40 -29.02 -9.66
CA ASP C 513 -2.40 -29.55 -8.31
C ASP C 513 -3.78 -30.02 -7.86
N LYS C 514 -4.78 -30.03 -8.75
CA LYS C 514 -6.08 -30.61 -8.48
C LYS C 514 -6.51 -31.40 -9.71
N SER C 515 -7.25 -32.48 -9.48
CA SER C 515 -7.68 -33.32 -10.58
C SER C 515 -8.99 -34.02 -10.24
N GLU C 516 -9.78 -34.28 -11.28
CA GLU C 516 -10.93 -35.16 -11.16
C GLU C 516 -10.54 -36.62 -11.25
N SER C 517 -9.38 -36.92 -11.86
CA SER C 517 -8.87 -38.28 -11.95
C SER C 517 -7.93 -38.54 -10.78
N GLU C 518 -8.13 -39.66 -10.09
CA GLU C 518 -7.34 -39.96 -8.90
C GLU C 518 -5.90 -40.29 -9.25
N LEU C 519 -5.69 -41.01 -10.35
CA LEU C 519 -4.33 -41.33 -10.80
C LEU C 519 -3.49 -40.08 -10.96
N VAL C 520 -4.09 -39.00 -11.48
CA VAL C 520 -3.38 -37.74 -11.64
C VAL C 520 -2.97 -37.19 -10.29
N ASN C 521 -3.89 -37.23 -9.31
CA ASN C 521 -3.58 -36.71 -7.98
C ASN C 521 -2.45 -37.50 -7.33
N GLN C 522 -2.41 -38.82 -7.54
CA GLN C 522 -1.28 -39.61 -7.07
C GLN C 522 0.02 -39.15 -7.72
N ILE C 523 -0.01 -38.92 -9.03
CA ILE C 523 1.17 -38.43 -9.74
C ILE C 523 1.61 -37.10 -9.16
N ILE C 524 0.66 -36.20 -8.90
CA ILE C 524 1.00 -34.90 -8.34
C ILE C 524 1.68 -35.04 -6.99
N GLU C 525 1.15 -35.92 -6.13
CA GLU C 525 1.76 -36.13 -4.83
C GLU C 525 3.18 -36.67 -4.95
N GLN C 526 3.40 -37.59 -5.89
CA GLN C 526 4.76 -38.05 -6.15
C GLN C 526 5.63 -36.94 -6.72
N LEU C 527 5.03 -36.03 -7.49
CA LEU C 527 5.79 -34.91 -8.04
C LEU C 527 6.27 -33.97 -6.93
N ILE C 528 5.38 -33.64 -5.99
CA ILE C 528 5.75 -32.74 -4.90
C ILE C 528 6.81 -33.36 -4.00
N LYS C 529 6.93 -34.69 -3.99
CA LYS C 529 7.94 -35.35 -3.16
C LYS C 529 9.34 -35.30 -3.77
N LYS C 530 9.47 -34.92 -5.04
CA LYS C 530 10.74 -34.99 -5.72
C LYS C 530 11.53 -33.68 -5.59
N GLU C 531 12.84 -33.79 -5.76
CA GLU C 531 13.73 -32.63 -5.80
C GLU C 531 13.83 -32.06 -7.20
N LYS C 532 14.13 -32.91 -8.19
CA LYS C 532 14.24 -32.50 -9.59
C LYS C 532 13.51 -33.52 -10.45
N VAL C 533 12.70 -33.04 -11.38
CA VAL C 533 12.00 -33.88 -12.35
C VAL C 533 12.15 -33.26 -13.72
N TYR C 534 12.54 -34.07 -14.70
CA TYR C 534 12.62 -33.63 -16.07
C TYR C 534 11.79 -34.59 -16.86
N LEU C 535 10.77 -34.08 -17.55
CA LEU C 535 9.89 -34.91 -18.34
C LEU C 535 10.04 -34.56 -19.81
N ALA C 536 10.31 -35.57 -20.63
CA ALA C 536 10.51 -35.32 -22.03
C ALA C 536 9.70 -36.22 -22.91
N TRP C 537 9.69 -35.93 -24.20
CA TRP C 537 8.86 -36.70 -25.12
C TRP C 537 9.69 -37.17 -26.31
N VAL C 538 9.30 -38.31 -26.82
CA VAL C 538 9.97 -38.81 -28.02
C VAL C 538 8.89 -39.55 -28.79
N PRO C 539 8.93 -39.58 -30.11
CA PRO C 539 7.90 -40.23 -30.86
C PRO C 539 8.06 -41.73 -30.76
N ALA C 540 7.01 -42.43 -31.09
CA ALA C 540 6.89 -43.87 -30.93
C ALA C 540 7.28 -44.59 -32.21
N HIS C 541 7.80 -45.81 -32.05
CA HIS C 541 8.08 -46.72 -33.17
C HIS C 541 9.17 -46.16 -34.09
N LYS C 542 10.16 -45.50 -33.50
CA LYS C 542 11.29 -44.98 -34.27
C LYS C 542 12.62 -45.54 -33.77
N GLY C 543 12.59 -46.62 -32.99
CA GLY C 543 13.80 -47.25 -32.49
C GLY C 543 14.62 -46.37 -31.57
N ILE C 544 13.95 -45.58 -30.72
CA ILE C 544 14.60 -44.56 -29.90
C ILE C 544 14.88 -45.13 -28.51
N GLY C 545 16.11 -44.96 -28.05
CA GLY C 545 16.49 -45.23 -26.67
C GLY C 545 16.00 -46.56 -26.15
N GLY C 546 15.65 -46.58 -24.87
CA GLY C 546 14.88 -47.67 -24.30
C GLY C 546 13.40 -47.58 -24.55
N ASN C 547 13.02 -46.64 -25.40
CA ASN C 547 11.57 -46.54 -25.70
C ASN C 547 11.18 -47.80 -26.45
N GLU C 548 12.05 -48.22 -27.35
CA GLU C 548 11.73 -49.43 -28.12
C GLU C 548 11.83 -50.68 -27.28
N GLN C 549 12.67 -50.68 -26.23
CA GLN C 549 12.73 -51.81 -25.31
C GLN C 549 11.54 -51.87 -24.38
N VAL C 550 10.91 -50.73 -24.10
CA VAL C 550 9.74 -50.69 -23.23
C VAL C 550 8.43 -50.60 -24.00
N ASP C 551 8.47 -50.28 -25.29
CA ASP C 551 7.29 -50.42 -26.14
C ASP C 551 7.04 -51.87 -26.51
N LYS C 552 8.10 -52.68 -26.58
CA LYS C 552 7.98 -54.08 -26.89
C LYS C 552 7.43 -54.88 -25.72
N LEU C 553 7.76 -54.48 -24.48
CA LEU C 553 7.28 -55.20 -23.31
C LEU C 553 5.80 -54.95 -23.06
N VAL C 554 5.32 -53.75 -23.35
CA VAL C 554 3.94 -53.38 -23.00
C VAL C 554 2.94 -53.61 -24.11
N SER C 555 3.39 -53.96 -25.32
CA SER C 555 2.46 -54.18 -26.42
C SER C 555 1.87 -55.58 -26.42
N ALA C 556 2.64 -56.58 -25.99
CA ALA C 556 2.19 -57.96 -25.99
C ALA C 556 1.03 -58.16 -25.02
N PRO D 4 -31.01 10.41 -51.32
CA PRO D 4 -31.90 10.39 -52.49
C PRO D 4 -31.62 9.21 -53.40
N ILE D 5 -30.85 8.25 -52.91
CA ILE D 5 -30.42 7.10 -53.70
C ILE D 5 -31.43 5.98 -53.52
N GLU D 6 -31.66 5.21 -54.59
CA GLU D 6 -32.54 4.06 -54.52
C GLU D 6 -31.92 2.98 -53.62
N THR D 7 -32.78 2.30 -52.88
CA THR D 7 -32.32 1.26 -51.97
C THR D 7 -32.10 -0.06 -52.71
N VAL D 8 -31.09 -0.80 -52.27
CA VAL D 8 -30.76 -2.10 -52.86
C VAL D 8 -31.42 -3.18 -52.01
N PRO D 9 -32.41 -3.91 -52.54
CA PRO D 9 -33.08 -4.96 -51.75
C PRO D 9 -32.13 -6.11 -51.48
N VAL D 10 -31.92 -6.41 -50.19
CA VAL D 10 -31.02 -7.47 -49.75
C VAL D 10 -31.81 -8.46 -48.91
N LYS D 11 -31.39 -9.73 -48.96
CA LYS D 11 -32.00 -10.78 -48.17
C LYS D 11 -30.90 -11.63 -47.54
N LEU D 12 -31.25 -12.31 -46.45
CA LEU D 12 -30.34 -13.25 -45.83
C LEU D 12 -30.20 -14.51 -46.68
N LYS D 13 -29.19 -15.32 -46.35
CA LYS D 13 -29.06 -16.60 -47.02
C LYS D 13 -30.24 -17.50 -46.66
N PRO D 14 -30.69 -18.33 -47.60
CA PRO D 14 -31.91 -19.11 -47.38
C PRO D 14 -31.77 -20.06 -46.20
N GLY D 15 -32.73 -19.99 -45.29
CA GLY D 15 -32.72 -20.85 -44.11
C GLY D 15 -31.92 -20.34 -42.94
N MET D 16 -31.75 -19.03 -42.82
CA MET D 16 -30.98 -18.45 -41.73
C MET D 16 -31.66 -17.17 -41.25
N ASP D 17 -31.89 -17.07 -39.95
CA ASP D 17 -32.49 -15.89 -39.36
C ASP D 17 -31.41 -14.89 -38.97
N GLY D 18 -31.82 -13.75 -38.41
CA GLY D 18 -30.90 -12.70 -38.08
C GLY D 18 -30.12 -12.97 -36.82
N PRO D 19 -29.15 -12.11 -36.54
CA PRO D 19 -28.30 -12.28 -35.35
C PRO D 19 -29.03 -11.92 -34.07
N LYS D 20 -28.85 -12.76 -33.06
CA LYS D 20 -29.46 -12.54 -31.74
C LYS D 20 -28.39 -12.71 -30.66
N VAL D 21 -27.37 -11.86 -30.71
CA VAL D 21 -26.26 -11.90 -29.77
C VAL D 21 -26.47 -10.83 -28.71
N LYS D 22 -26.31 -11.21 -27.44
CA LYS D 22 -26.47 -10.27 -26.35
C LYS D 22 -25.35 -9.25 -26.32
N GLN D 23 -25.62 -8.11 -25.68
CA GLN D 23 -24.64 -7.04 -25.54
C GLN D 23 -23.79 -7.31 -24.30
N TRP D 24 -22.47 -7.31 -24.48
CA TRP D 24 -21.57 -7.55 -23.37
C TRP D 24 -21.36 -6.28 -22.55
N PRO D 25 -20.94 -6.41 -21.29
CA PRO D 25 -20.75 -5.21 -20.46
C PRO D 25 -19.69 -4.29 -21.06
N LEU D 26 -19.88 -2.99 -20.82
CA LEU D 26 -18.98 -1.97 -21.32
C LEU D 26 -18.53 -1.08 -20.18
N THR D 27 -17.26 -0.67 -20.24
CA THR D 27 -16.73 0.27 -19.27
C THR D 27 -17.46 1.61 -19.40
N GLU D 28 -17.25 2.47 -18.40
CA GLU D 28 -17.97 3.75 -18.39
C GLU D 28 -17.47 4.67 -19.51
N GLU D 29 -16.16 4.70 -19.76
CA GLU D 29 -15.63 5.58 -20.79
C GLU D 29 -16.09 5.15 -22.18
N LYS D 30 -16.42 3.87 -22.37
CA LYS D 30 -16.94 3.42 -23.65
C LYS D 30 -18.43 3.75 -23.79
N ILE D 31 -19.14 3.88 -22.68
CA ILE D 31 -20.57 4.17 -22.75
C ILE D 31 -20.82 5.62 -23.09
N LYS D 32 -20.14 6.54 -22.40
CA LYS D 32 -20.28 7.97 -22.70
C LYS D 32 -19.89 8.26 -24.14
N ALA D 33 -18.89 7.56 -24.66
CA ALA D 33 -18.49 7.74 -26.05
C ALA D 33 -19.58 7.26 -27.01
N LEU D 34 -20.18 6.12 -26.71
CA LEU D 34 -21.24 5.60 -27.58
C LEU D 34 -22.52 6.40 -27.45
N VAL D 35 -22.79 6.97 -26.28
CA VAL D 35 -24.00 7.77 -26.09
C VAL D 35 -23.92 9.04 -26.94
N GLU D 36 -22.78 9.73 -26.91
CA GLU D 36 -22.62 10.94 -27.70
C GLU D 36 -22.63 10.65 -29.20
N ILE D 37 -22.13 9.47 -29.60
CA ILE D 37 -22.09 9.14 -31.02
C ILE D 37 -23.47 8.76 -31.52
N CYS D 38 -24.27 8.08 -30.69
CA CYS D 38 -25.58 7.62 -31.14
C CYS D 38 -26.62 8.73 -31.11
N THR D 39 -26.49 9.72 -30.22
CA THR D 39 -27.37 10.87 -30.26
C THR D 39 -27.10 11.72 -31.50
N GLU D 40 -25.82 11.90 -31.84
CA GLU D 40 -25.48 12.61 -33.07
C GLU D 40 -25.96 11.86 -34.29
N MET D 41 -25.76 10.54 -34.32
CA MET D 41 -26.22 9.73 -35.45
C MET D 41 -27.74 9.60 -35.50
N GLU D 42 -28.45 9.94 -34.41
CA GLU D 42 -29.90 9.94 -34.45
C GLU D 42 -30.45 11.25 -35.01
N LYS D 43 -29.82 12.37 -34.67
CA LYS D 43 -30.24 13.65 -35.24
C LYS D 43 -29.95 13.71 -36.74
N GLU D 44 -28.86 13.07 -37.18
CA GLU D 44 -28.55 12.96 -38.60
C GLU D 44 -29.40 11.91 -39.32
N GLY D 45 -30.34 11.28 -38.62
CA GLY D 45 -31.23 10.32 -39.24
C GLY D 45 -30.55 9.02 -39.61
N LYS D 46 -29.26 8.89 -39.27
CA LYS D 46 -28.53 7.68 -39.61
C LYS D 46 -29.05 6.47 -38.84
N ILE D 47 -29.54 6.68 -37.61
CA ILE D 47 -30.15 5.63 -36.82
C ILE D 47 -31.44 6.18 -36.19
N SER D 48 -32.28 5.26 -35.74
CA SER D 48 -33.53 5.62 -35.10
C SER D 48 -33.89 4.55 -34.07
N LYS D 49 -34.50 4.98 -32.97
CA LYS D 49 -34.77 4.08 -31.86
C LYS D 49 -35.80 3.03 -32.23
N ILE D 50 -35.65 1.84 -31.64
CA ILE D 50 -36.58 0.73 -31.80
C ILE D 50 -36.88 0.15 -30.43
N GLY D 51 -37.74 -0.88 -30.42
CA GLY D 51 -38.17 -1.48 -29.18
C GLY D 51 -37.94 -2.97 -29.12
N PRO D 52 -38.68 -3.65 -28.24
CA PRO D 52 -38.46 -5.09 -28.03
C PRO D 52 -39.15 -5.98 -29.05
N GLU D 53 -39.96 -5.42 -29.95
CA GLU D 53 -40.56 -6.23 -31.00
C GLU D 53 -39.51 -6.78 -31.96
N ASN D 54 -38.37 -6.09 -32.06
CA ASN D 54 -37.24 -6.54 -32.86
C ASN D 54 -36.49 -7.61 -32.09
N PRO D 55 -36.52 -8.87 -32.53
CA PRO D 55 -35.88 -9.95 -31.78
C PRO D 55 -34.39 -10.09 -32.00
N TYR D 56 -33.77 -9.20 -32.77
CA TYR D 56 -32.37 -9.32 -33.17
C TYR D 56 -31.52 -8.32 -32.40
N ASN D 57 -30.24 -8.67 -32.23
CA ASN D 57 -29.29 -7.76 -31.60
C ASN D 57 -27.89 -8.12 -32.04
N THR D 58 -27.00 -7.12 -31.99
CA THR D 58 -25.60 -7.28 -32.35
C THR D 58 -24.77 -6.47 -31.36
N PRO D 59 -23.68 -7.03 -30.83
CA PRO D 59 -22.87 -6.28 -29.86
C PRO D 59 -22.22 -5.05 -30.47
N VAL D 60 -21.86 -4.11 -29.60
CA VAL D 60 -21.27 -2.84 -30.02
C VAL D 60 -20.38 -2.33 -28.90
N PHE D 61 -19.28 -1.67 -29.29
CA PHE D 61 -18.38 -1.01 -28.35
C PHE D 61 -17.63 0.08 -29.10
N ALA D 62 -16.61 0.65 -28.46
CA ALA D 62 -15.92 1.80 -29.02
C ALA D 62 -14.41 1.62 -28.88
N ILE D 63 -13.67 2.25 -29.81
CA ILE D 63 -12.22 2.18 -29.84
C ILE D 63 -11.67 3.56 -30.23
N LYS D 64 -10.37 3.73 -30.03
CA LYS D 64 -9.61 4.84 -30.59
C LYS D 64 -8.56 4.25 -31.52
N LYS D 65 -8.58 4.68 -32.79
CA LYS D 65 -7.63 4.17 -33.75
C LYS D 65 -6.21 4.66 -33.41
N LYS D 66 -5.24 4.21 -34.21
CA LYS D 66 -3.84 4.46 -33.89
C LYS D 66 -3.54 5.95 -33.82
N ASP D 67 -2.97 6.38 -32.68
CA ASP D 67 -2.58 7.77 -32.46
C ASP D 67 -3.77 8.72 -32.59
N SER D 68 -4.93 8.30 -32.10
CA SER D 68 -6.15 9.08 -32.21
C SER D 68 -6.76 9.28 -30.83
N THR D 69 -7.30 10.48 -30.61
CA THR D 69 -8.00 10.81 -29.37
C THR D 69 -9.51 10.71 -29.51
N LYS D 70 -10.05 10.98 -30.69
CA LYS D 70 -11.48 10.85 -30.91
C LYS D 70 -11.88 9.38 -30.95
N TRP D 71 -13.01 9.07 -30.32
CA TRP D 71 -13.51 7.71 -30.30
C TRP D 71 -14.12 7.33 -31.66
N ARG D 72 -14.30 6.03 -31.86
CA ARG D 72 -14.82 5.49 -33.10
C ARG D 72 -15.75 4.32 -32.78
N LYS D 73 -17.01 4.44 -33.19
CA LYS D 73 -18.00 3.41 -32.90
C LYS D 73 -17.73 2.17 -33.74
N LEU D 74 -17.95 0.99 -33.16
CA LEU D 74 -17.64 -0.28 -33.80
C LEU D 74 -18.66 -1.33 -33.40
N VAL D 75 -19.17 -2.06 -34.39
CA VAL D 75 -20.23 -3.05 -34.19
C VAL D 75 -19.70 -4.41 -34.60
N ASP D 76 -20.02 -5.45 -33.82
CA ASP D 76 -19.51 -6.80 -34.06
C ASP D 76 -20.49 -7.55 -34.97
N PHE D 77 -20.49 -7.15 -36.24
CA PHE D 77 -21.38 -7.70 -37.26
C PHE D 77 -20.95 -9.07 -37.76
N ARG D 78 -20.02 -9.74 -37.07
CA ARG D 78 -19.53 -11.04 -37.56
C ARG D 78 -20.65 -12.05 -37.71
N GLU D 79 -21.69 -11.96 -36.87
CA GLU D 79 -22.81 -12.89 -36.98
C GLU D 79 -23.75 -12.49 -38.10
N LEU D 80 -23.93 -11.19 -38.33
CA LEU D 80 -24.76 -10.74 -39.44
C LEU D 80 -24.09 -11.03 -40.78
N ASN D 81 -22.76 -10.87 -40.84
CA ASN D 81 -22.03 -11.11 -42.08
C ASN D 81 -22.13 -12.57 -42.50
N LYS D 82 -22.11 -13.49 -41.54
CA LYS D 82 -22.16 -14.91 -41.86
C LYS D 82 -23.49 -15.33 -42.46
N ARG D 83 -24.54 -14.53 -42.29
CA ARG D 83 -25.87 -14.86 -42.79
C ARG D 83 -26.26 -14.03 -44.01
N THR D 84 -25.32 -13.26 -44.55
CA THR D 84 -25.53 -12.46 -45.76
C THR D 84 -24.38 -12.70 -46.74
N GLN D 85 -23.81 -13.90 -46.70
CA GLN D 85 -22.54 -14.15 -47.38
C GLN D 85 -22.70 -14.17 -48.90
N ASP D 86 -23.78 -14.76 -49.40
CA ASP D 86 -23.97 -14.88 -50.85
C ASP D 86 -24.12 -13.53 -51.53
N PHE D 87 -24.39 -12.46 -50.76
CA PHE D 87 -24.66 -11.16 -51.36
C PHE D 87 -23.40 -10.54 -51.93
N TRP D 88 -22.31 -10.54 -51.16
CA TRP D 88 -21.11 -9.77 -51.51
C TRP D 88 -20.04 -10.60 -52.20
N GLU D 89 -20.26 -11.89 -52.43
CA GLU D 89 -19.31 -12.72 -53.17
C GLU D 89 -19.80 -13.15 -54.54
N VAL D 90 -21.09 -13.40 -54.69
CA VAL D 90 -21.63 -13.87 -55.96
C VAL D 90 -22.09 -12.73 -56.85
N GLN D 91 -22.76 -11.72 -56.27
CA GLN D 91 -23.31 -10.62 -57.06
C GLN D 91 -22.28 -9.50 -57.23
N LEU D 92 -21.94 -8.82 -56.13
CA LEU D 92 -21.07 -7.66 -56.21
C LEU D 92 -19.70 -7.95 -55.59
N GLY D 93 -19.07 -9.03 -56.02
CA GLY D 93 -17.75 -9.36 -55.50
C GLY D 93 -16.69 -8.41 -56.03
N ILE D 94 -15.66 -8.20 -55.23
CA ILE D 94 -14.57 -7.29 -55.55
C ILE D 94 -13.38 -8.12 -56.02
N PRO D 95 -12.81 -7.85 -57.19
CA PRO D 95 -11.61 -8.57 -57.61
C PRO D 95 -10.41 -8.17 -56.75
N HIS D 96 -9.49 -9.13 -56.57
CA HIS D 96 -8.35 -8.91 -55.71
C HIS D 96 -7.08 -8.75 -56.54
N PRO D 97 -6.35 -7.66 -56.36
CA PRO D 97 -5.11 -7.44 -57.14
C PRO D 97 -3.93 -8.15 -56.52
N ALA D 98 -3.33 -9.08 -57.27
CA ALA D 98 -2.18 -9.82 -56.78
C ALA D 98 -0.90 -8.99 -56.75
N GLY D 99 -0.95 -7.73 -57.17
CA GLY D 99 0.22 -6.88 -57.20
C GLY D 99 0.32 -5.94 -56.01
N LEU D 100 -0.76 -5.86 -55.23
CA LEU D 100 -0.75 -4.99 -54.05
C LEU D 100 0.26 -5.50 -53.02
N LYS D 101 0.39 -6.81 -52.90
CA LYS D 101 1.39 -7.39 -52.00
C LYS D 101 2.81 -7.14 -52.47
N LYS D 102 2.99 -6.73 -53.73
CA LYS D 102 4.30 -6.53 -54.31
C LYS D 102 4.64 -5.05 -54.49
N LYS D 103 4.07 -4.20 -53.64
CA LYS D 103 4.28 -2.76 -53.71
C LYS D 103 5.20 -2.30 -52.59
N LYS D 104 6.02 -1.29 -52.89
CA LYS D 104 7.02 -0.83 -51.92
C LYS D 104 6.37 -0.30 -50.65
N SER D 105 5.24 0.40 -50.78
CA SER D 105 4.54 0.97 -49.64
C SER D 105 3.04 0.91 -49.88
N VAL D 106 2.29 0.67 -48.80
CA VAL D 106 0.83 0.57 -48.85
C VAL D 106 0.27 1.30 -47.63
N THR D 107 -0.63 2.25 -47.87
CA THR D 107 -1.22 3.05 -46.81
C THR D 107 -2.71 2.74 -46.69
N VAL D 108 -3.18 2.61 -45.44
CA VAL D 108 -4.57 2.28 -45.14
C VAL D 108 -5.30 3.56 -44.75
N LEU D 109 -6.54 3.70 -45.24
CA LEU D 109 -7.35 4.88 -44.97
C LEU D 109 -8.77 4.46 -44.64
N ASP D 110 -9.32 5.05 -43.57
CA ASP D 110 -10.67 4.72 -43.11
C ASP D 110 -11.68 5.50 -43.94
N VAL D 111 -12.46 4.78 -44.75
CA VAL D 111 -13.42 5.41 -45.67
C VAL D 111 -14.84 5.07 -45.25
N GLY D 112 -15.08 4.96 -43.95
CA GLY D 112 -16.37 4.52 -43.46
C GLY D 112 -17.45 5.58 -43.49
N ASP D 113 -17.07 6.86 -43.42
CA ASP D 113 -18.07 7.92 -43.30
C ASP D 113 -18.88 8.07 -44.59
N ALA D 114 -18.33 7.65 -45.73
CA ALA D 114 -19.07 7.75 -46.98
C ALA D 114 -20.22 6.77 -47.01
N TYR D 115 -20.13 5.67 -46.25
CA TYR D 115 -21.23 4.72 -46.17
C TYR D 115 -22.46 5.33 -45.53
N PHE D 116 -22.30 6.39 -44.75
CA PHE D 116 -23.44 7.06 -44.14
C PHE D 116 -24.22 7.93 -45.13
N SER D 117 -23.74 8.08 -46.35
CA SER D 117 -24.41 8.91 -47.35
C SER D 117 -25.31 8.11 -48.27
N VAL D 118 -25.50 6.82 -48.01
CA VAL D 118 -26.33 5.94 -48.83
C VAL D 118 -27.35 5.28 -47.93
N PRO D 119 -28.63 5.27 -48.27
CA PRO D 119 -29.63 4.64 -47.42
C PRO D 119 -29.62 3.13 -47.55
N LEU D 120 -30.20 2.47 -46.54
CA LEU D 120 -30.28 1.03 -46.48
C LEU D 120 -31.68 0.56 -46.88
N ASP D 121 -31.74 -0.67 -47.39
CA ASP D 121 -33.04 -1.28 -47.70
C ASP D 121 -33.90 -1.36 -46.45
N GLU D 122 -35.16 -0.95 -46.59
CA GLU D 122 -36.03 -0.86 -45.43
C GLU D 122 -36.31 -2.23 -44.80
N ASP D 123 -36.40 -3.28 -45.63
CA ASP D 123 -36.65 -4.62 -45.11
C ASP D 123 -35.48 -5.17 -44.33
N PHE D 124 -34.28 -4.59 -44.49
CA PHE D 124 -33.08 -5.11 -43.86
C PHE D 124 -32.64 -4.33 -42.63
N ARG D 125 -33.27 -3.20 -42.33
CA ARG D 125 -32.92 -2.43 -41.14
C ARG D 125 -33.23 -3.19 -39.86
N LYS D 126 -34.10 -4.20 -39.92
CA LYS D 126 -34.49 -4.95 -38.72
C LYS D 126 -33.32 -5.75 -38.17
N TYR D 127 -32.38 -6.17 -39.02
CA TYR D 127 -31.27 -7.01 -38.60
C TYR D 127 -30.08 -6.23 -38.06
N THR D 128 -29.99 -4.92 -38.32
CA THR D 128 -28.93 -4.09 -37.78
C THR D 128 -29.25 -3.57 -36.38
N ALA D 129 -30.03 -4.32 -35.60
CA ALA D 129 -30.41 -3.88 -34.26
C ALA D 129 -29.28 -4.12 -33.27
N PHE D 130 -29.06 -3.14 -32.40
CA PHE D 130 -28.06 -3.25 -31.34
C PHE D 130 -28.58 -2.55 -30.09
N THR D 131 -28.03 -2.92 -28.95
CA THR D 131 -28.49 -2.44 -27.66
C THR D 131 -27.32 -1.82 -26.90
N ILE D 132 -27.59 -0.71 -26.22
CA ILE D 132 -26.60 0.02 -25.43
C ILE D 132 -26.95 -0.18 -23.96
N PRO D 133 -26.03 -0.68 -23.14
CA PRO D 133 -26.32 -0.88 -21.72
C PRO D 133 -26.01 0.39 -20.91
N SER D 134 -26.48 0.37 -19.66
CA SER D 134 -26.23 1.45 -18.71
C SER D 134 -25.49 0.89 -17.50
N ILE D 135 -24.67 1.74 -16.88
CA ILE D 135 -23.88 1.31 -15.73
C ILE D 135 -24.80 0.91 -14.60
N ASN D 136 -24.52 -0.26 -13.99
CA ASN D 136 -25.30 -0.80 -12.89
C ASN D 136 -26.76 -1.04 -13.28
N ASN D 137 -26.99 -1.27 -14.58
CA ASN D 137 -28.34 -1.52 -15.11
C ASN D 137 -29.33 -0.48 -14.59
N GLU D 138 -28.93 0.78 -14.66
CA GLU D 138 -29.80 1.88 -14.20
C GLU D 138 -31.06 1.94 -15.05
N THR D 139 -30.90 2.02 -16.37
CA THR D 139 -32.01 2.05 -17.31
C THR D 139 -31.98 0.80 -18.19
N PRO D 140 -33.14 0.35 -18.67
CA PRO D 140 -33.15 -0.78 -19.62
C PRO D 140 -32.43 -0.41 -20.91
N GLY D 141 -32.20 -1.43 -21.73
CA GLY D 141 -31.45 -1.26 -22.96
C GLY D 141 -32.08 -0.29 -23.94
N ILE D 142 -31.30 0.70 -24.37
CA ILE D 142 -31.75 1.66 -25.38
C ILE D 142 -31.40 1.07 -26.74
N ARG D 143 -32.43 0.64 -27.47
CA ARG D 143 -32.23 -0.10 -28.72
C ARG D 143 -32.41 0.81 -29.93
N TYR D 144 -31.50 0.67 -30.90
CA TYR D 144 -31.52 1.41 -32.14
C TYR D 144 -31.46 0.44 -33.31
N GLN D 145 -31.58 1.00 -34.53
CA GLN D 145 -31.28 0.26 -35.75
C GLN D 145 -30.78 1.26 -36.78
N TYR D 146 -30.09 0.74 -37.80
CA TYR D 146 -29.44 1.58 -38.79
C TYR D 146 -30.39 1.97 -39.91
N ASN D 147 -30.22 3.20 -40.41
CA ASN D 147 -30.98 3.68 -41.55
C ASN D 147 -30.14 3.85 -42.82
N VAL D 148 -28.82 4.01 -42.67
CA VAL D 148 -27.93 4.13 -43.81
C VAL D 148 -27.09 2.85 -43.91
N LEU D 149 -25.98 2.91 -44.62
CA LEU D 149 -25.15 1.76 -44.73
C LEU D 149 -24.36 1.67 -43.45
N PRO D 150 -24.46 0.54 -42.77
CA PRO D 150 -23.74 0.34 -41.54
C PRO D 150 -22.27 0.13 -41.77
N GLN D 151 -21.44 0.45 -40.79
CA GLN D 151 -20.02 0.21 -40.91
C GLN D 151 -19.73 -1.15 -40.31
N GLY D 152 -18.69 -1.83 -40.76
CA GLY D 152 -18.43 -3.16 -40.25
C GLY D 152 -19.32 -4.25 -40.80
N TRP D 153 -20.25 -3.93 -41.69
CA TRP D 153 -21.08 -4.92 -42.36
C TRP D 153 -20.48 -5.23 -43.72
N LYS D 154 -20.39 -6.51 -44.05
CA LYS D 154 -19.74 -6.96 -45.28
C LYS D 154 -20.61 -6.76 -46.52
N GLY D 155 -21.71 -6.04 -46.41
CA GLY D 155 -22.54 -5.74 -47.56
C GLY D 155 -22.44 -4.29 -47.99
N SER D 156 -21.91 -3.44 -47.11
CA SER D 156 -21.80 -2.02 -47.42
C SER D 156 -20.79 -1.76 -48.53
N PRO D 157 -19.56 -2.28 -48.50
CA PRO D 157 -18.62 -2.02 -49.60
C PRO D 157 -19.05 -2.63 -50.92
N ALA D 158 -20.06 -3.50 -50.93
CA ALA D 158 -20.56 -4.06 -52.19
C ALA D 158 -21.58 -3.13 -52.83
N ILE D 159 -22.46 -2.54 -52.04
CA ILE D 159 -23.43 -1.58 -52.57
C ILE D 159 -22.71 -0.32 -53.03
N PHE D 160 -21.85 0.24 -52.18
CA PHE D 160 -21.11 1.45 -52.51
C PHE D 160 -20.04 1.21 -53.57
N GLN D 161 -19.75 -0.05 -53.92
CA GLN D 161 -18.72 -0.33 -54.91
C GLN D 161 -19.04 0.33 -56.25
N SER D 162 -20.30 0.29 -56.66
CA SER D 162 -20.70 0.99 -57.88
C SER D 162 -20.47 2.49 -57.75
N SER D 163 -20.77 3.04 -56.58
CA SER D 163 -20.50 4.45 -56.33
C SER D 163 -19.04 4.71 -55.98
N MET D 164 -18.29 3.68 -55.60
CA MET D 164 -16.88 3.85 -55.26
C MET D 164 -16.01 3.86 -56.52
N THR D 165 -16.26 2.91 -57.43
CA THR D 165 -15.52 2.88 -58.68
C THR D 165 -15.67 4.17 -59.46
N LYS D 166 -16.82 4.83 -59.32
CA LYS D 166 -17.04 6.12 -60.00
C LYS D 166 -16.19 7.22 -59.36
N ILE D 167 -16.11 7.24 -58.03
CA ILE D 167 -15.29 8.24 -57.36
C ILE D 167 -13.81 7.98 -57.61
N LEU D 168 -13.42 6.72 -57.80
CA LEU D 168 -12.01 6.35 -57.95
C LEU D 168 -11.52 6.39 -59.38
N GLU D 169 -12.44 6.43 -60.37
CA GLU D 169 -12.01 6.41 -61.77
C GLU D 169 -11.19 7.63 -62.17
N PRO D 170 -11.50 8.87 -61.74
CA PRO D 170 -10.65 10.00 -62.13
C PRO D 170 -9.23 9.90 -61.59
N PHE D 171 -9.03 9.31 -60.42
CA PHE D 171 -7.69 9.14 -59.87
C PHE D 171 -7.00 7.88 -60.38
N LYS D 172 -7.77 6.88 -60.81
CA LYS D 172 -7.16 5.66 -61.34
C LYS D 172 -6.50 5.91 -62.69
N LYS D 173 -7.08 6.79 -63.51
CA LYS D 173 -6.51 7.05 -64.83
C LYS D 173 -5.27 7.93 -64.72
N GLN D 174 -5.26 8.89 -63.80
CA GLN D 174 -4.09 9.74 -63.62
C GLN D 174 -2.93 8.97 -63.00
N ASN D 175 -3.23 7.93 -62.23
CA ASN D 175 -2.21 7.10 -61.56
C ASN D 175 -2.53 5.65 -61.88
N PRO D 176 -2.15 5.16 -63.06
CA PRO D 176 -2.52 3.79 -63.45
C PRO D 176 -1.66 2.71 -62.82
N ASP D 177 -0.44 3.03 -62.41
CA ASP D 177 0.43 2.05 -61.76
C ASP D 177 0.18 1.95 -60.26
N ILE D 178 -0.74 2.73 -59.72
CA ILE D 178 -1.10 2.68 -58.30
C ILE D 178 -2.28 1.74 -58.13
N VAL D 179 -2.13 0.74 -57.27
CA VAL D 179 -3.16 -0.27 -57.04
C VAL D 179 -3.95 0.12 -55.79
N ILE D 180 -5.27 0.05 -55.88
CA ILE D 180 -6.17 0.38 -54.78
C ILE D 180 -7.10 -0.80 -54.56
N TYR D 181 -7.23 -1.22 -53.30
CA TYR D 181 -8.12 -2.31 -52.91
C TYR D 181 -9.03 -1.84 -51.79
N GLN D 182 -10.28 -2.31 -51.80
CA GLN D 182 -11.27 -1.94 -50.80
C GLN D 182 -11.68 -3.19 -50.03
N TYR D 183 -11.46 -3.17 -48.72
CA TYR D 183 -11.93 -4.23 -47.83
C TYR D 183 -12.56 -3.59 -46.60
N MET D 184 -13.85 -3.83 -46.41
CA MET D 184 -14.62 -3.30 -45.28
C MET D 184 -14.54 -1.77 -45.34
N ASP D 185 -14.22 -1.08 -44.25
CA ASP D 185 -14.19 0.37 -44.21
C ASP D 185 -12.82 0.94 -44.52
N ASP D 186 -11.90 0.13 -45.02
CA ASP D 186 -10.53 0.55 -45.28
C ASP D 186 -10.28 0.68 -46.77
N LEU D 187 -9.28 1.50 -47.12
CA LEU D 187 -8.82 1.66 -48.49
C LEU D 187 -7.31 1.49 -48.51
N TYR D 188 -6.85 0.39 -49.11
CA TYR D 188 -5.43 0.08 -49.19
C TYR D 188 -4.88 0.65 -50.49
N VAL D 189 -3.98 1.63 -50.38
CA VAL D 189 -3.43 2.33 -51.53
C VAL D 189 -1.94 2.03 -51.57
N GLY D 190 -1.51 1.32 -52.61
CA GLY D 190 -0.12 0.90 -52.73
C GLY D 190 0.52 1.41 -54.01
N SER D 191 1.79 1.81 -53.91
CA SER D 191 2.54 2.31 -55.05
C SER D 191 4.01 2.03 -54.84
N ASP D 192 4.74 1.87 -55.95
CA ASP D 192 6.18 1.70 -55.93
C ASP D 192 6.94 3.02 -55.85
N LEU D 193 6.25 4.11 -55.50
CA LEU D 193 6.88 5.41 -55.44
C LEU D 193 7.73 5.55 -54.18
N GLU D 194 8.67 6.49 -54.23
CA GLU D 194 9.48 6.80 -53.06
C GLU D 194 8.60 7.35 -51.95
N ILE D 195 9.05 7.17 -50.71
CA ILE D 195 8.21 7.45 -49.54
C ILE D 195 7.75 8.90 -49.53
N GLY D 196 8.52 9.81 -50.12
CA GLY D 196 8.14 11.21 -50.18
C GLY D 196 6.93 11.46 -51.05
N GLN D 197 7.03 11.15 -52.34
CA GLN D 197 5.91 11.32 -53.25
C GLN D 197 4.79 10.33 -52.99
N HIS D 198 5.07 9.24 -52.27
CA HIS D 198 4.00 8.33 -51.89
C HIS D 198 3.07 8.95 -50.86
N ARG D 199 3.63 9.65 -49.88
CA ARG D 199 2.83 10.38 -48.90
C ARG D 199 2.20 11.64 -49.49
N THR D 200 2.73 12.15 -50.59
CA THR D 200 2.08 13.24 -51.31
C THR D 200 0.89 12.73 -52.12
N LYS D 201 1.05 11.58 -52.79
CA LYS D 201 -0.03 11.01 -53.59
C LYS D 201 -1.20 10.59 -52.72
N ILE D 202 -0.94 10.17 -51.47
CA ILE D 202 -2.03 9.84 -50.56
C ILE D 202 -2.85 11.07 -50.22
N GLU D 203 -2.18 12.21 -50.03
CA GLU D 203 -2.90 13.45 -49.78
C GLU D 203 -3.71 13.89 -51.01
N GLU D 204 -3.25 13.52 -52.21
CA GLU D 204 -4.04 13.79 -53.40
C GLU D 204 -5.35 13.01 -53.37
N LEU D 205 -5.33 11.79 -52.82
CA LEU D 205 -6.53 10.98 -52.74
C LEU D 205 -7.41 11.34 -51.54
N ARG D 206 -6.81 11.90 -50.48
CA ARG D 206 -7.62 12.38 -49.36
C ARG D 206 -8.43 13.61 -49.76
N GLN D 207 -7.96 14.38 -50.74
CA GLN D 207 -8.72 15.50 -51.28
C GLN D 207 -9.64 15.08 -52.42
N HIS D 208 -9.23 14.09 -53.20
CA HIS D 208 -10.08 13.58 -54.29
C HIS D 208 -11.36 12.96 -53.75
N LEU D 209 -11.34 12.50 -52.50
CA LEU D 209 -12.53 11.95 -51.88
C LEU D 209 -13.32 12.98 -51.09
N LEU D 210 -12.68 14.08 -50.66
CA LEU D 210 -13.38 15.09 -49.88
C LEU D 210 -14.38 15.86 -50.73
N ARG D 211 -14.10 16.00 -52.04
CA ARG D 211 -15.03 16.71 -52.91
C ARG D 211 -16.31 15.93 -53.18
N TRP D 212 -16.35 14.64 -52.82
CA TRP D 212 -17.54 13.82 -52.98
C TRP D 212 -18.34 13.66 -51.71
N GLY D 213 -17.88 14.24 -50.60
CA GLY D 213 -18.58 14.14 -49.33
C GLY D 213 -18.12 13.04 -48.41
N LEU D 214 -16.84 12.68 -48.44
CA LEU D 214 -16.30 11.63 -47.59
C LEU D 214 -15.05 12.17 -46.90
N THR D 215 -15.03 12.10 -45.57
CA THR D 215 -13.91 12.61 -44.78
C THR D 215 -13.16 11.47 -44.11
N THR D 216 -11.84 11.57 -44.10
CA THR D 216 -10.99 10.55 -43.50
C THR D 216 -10.49 11.04 -42.15
N PRO D 217 -10.83 10.37 -41.04
CA PRO D 217 -10.38 10.77 -39.70
C PRO D 217 -8.93 10.42 -39.43
N GLY D 231 -3.69 7.70 -41.05
CA GLY D 231 -3.40 6.54 -41.86
C GLY D 231 -2.19 5.74 -41.39
N TYR D 232 -2.23 4.43 -41.62
CA TYR D 232 -1.15 3.52 -41.27
C TYR D 232 -0.39 3.13 -42.52
N GLU D 233 0.93 3.03 -42.41
CA GLU D 233 1.81 2.79 -43.55
C GLU D 233 2.46 1.42 -43.40
N LEU D 234 2.28 0.58 -44.42
CA LEU D 234 2.91 -0.74 -44.48
C LEU D 234 3.94 -0.76 -45.60
N HIS D 235 4.69 -1.87 -45.65
CA HIS D 235 5.69 -2.08 -46.70
C HIS D 235 5.76 -3.56 -46.99
N PRO D 236 4.88 -4.06 -47.87
CA PRO D 236 4.81 -5.52 -48.08
C PRO D 236 6.00 -6.11 -48.82
N ASP D 237 6.80 -5.29 -49.50
CA ASP D 237 7.92 -5.85 -50.26
C ASP D 237 9.02 -6.40 -49.35
N LYS D 238 9.06 -5.97 -48.09
CA LYS D 238 10.02 -6.50 -47.12
C LYS D 238 9.39 -7.55 -46.21
N TRP D 239 8.34 -8.22 -46.66
CA TRP D 239 7.73 -9.31 -45.92
C TRP D 239 8.44 -10.61 -46.27
N THR D 240 8.88 -11.34 -45.25
CA THR D 240 9.60 -12.59 -45.42
C THR D 240 8.89 -13.70 -44.65
N VAL D 241 9.31 -14.94 -44.92
CA VAL D 241 8.75 -16.11 -44.25
C VAL D 241 9.72 -16.58 -43.18
N GLN D 242 9.20 -17.39 -42.25
CA GLN D 242 9.99 -17.88 -41.14
C GLN D 242 10.33 -19.35 -41.37
N PRO D 243 11.59 -19.68 -41.61
CA PRO D 243 11.94 -21.08 -41.91
C PRO D 243 12.07 -21.92 -40.63
N ILE D 244 12.08 -23.23 -40.84
CA ILE D 244 12.43 -24.17 -39.78
C ILE D 244 13.94 -24.29 -39.73
N VAL D 245 14.53 -23.96 -38.58
CA VAL D 245 15.98 -23.99 -38.40
C VAL D 245 16.30 -24.97 -37.28
N LEU D 246 17.32 -25.79 -37.52
CA LEU D 246 17.83 -26.82 -36.62
C LEU D 246 19.01 -26.29 -35.81
N PRO D 247 19.11 -26.70 -34.54
CA PRO D 247 20.27 -26.28 -33.73
C PRO D 247 21.58 -26.80 -34.32
N GLU D 248 22.68 -26.23 -33.83
CA GLU D 248 24.02 -26.49 -34.37
C GLU D 248 24.96 -26.79 -33.20
N LYS D 249 24.76 -27.95 -32.58
CA LYS D 249 25.49 -28.30 -31.37
C LYS D 249 26.84 -28.92 -31.69
N ASP D 250 27.86 -28.56 -30.90
CA ASP D 250 29.19 -29.13 -31.07
C ASP D 250 29.27 -30.53 -30.45
N SER D 251 28.71 -30.70 -29.26
CA SER D 251 28.65 -31.99 -28.59
C SER D 251 27.21 -32.31 -28.24
N TRP D 252 26.73 -33.47 -28.68
CA TRP D 252 25.32 -33.84 -28.55
C TRP D 252 25.13 -34.84 -27.43
N THR D 253 24.16 -34.56 -26.56
CA THR D 253 23.75 -35.52 -25.54
C THR D 253 22.61 -36.37 -26.08
N VAL D 254 22.32 -37.47 -25.37
CA VAL D 254 21.17 -38.31 -25.71
C VAL D 254 19.90 -37.49 -25.71
N ASN D 255 19.75 -36.60 -24.72
CA ASN D 255 18.61 -35.70 -24.67
C ASN D 255 18.53 -34.84 -25.93
N ASP D 256 19.66 -34.30 -26.37
CA ASP D 256 19.66 -33.41 -27.53
C ASP D 256 19.22 -34.15 -28.79
N ILE D 257 19.80 -35.33 -29.04
CA ILE D 257 19.43 -36.10 -30.23
C ILE D 257 17.97 -36.50 -30.18
N GLN D 258 17.44 -36.76 -28.98
CA GLN D 258 16.02 -37.09 -28.86
C GLN D 258 15.14 -35.92 -29.30
N LYS D 259 15.41 -34.73 -28.77
CA LYS D 259 14.68 -33.54 -29.20
C LYS D 259 14.83 -33.31 -30.69
N LEU D 260 16.03 -33.59 -31.23
CA LEU D 260 16.26 -33.40 -32.66
C LEU D 260 15.43 -34.36 -33.48
N VAL D 261 15.45 -35.65 -33.14
CA VAL D 261 14.63 -36.62 -33.85
C VAL D 261 13.15 -36.27 -33.72
N GLY D 262 12.74 -35.80 -32.55
CA GLY D 262 11.35 -35.38 -32.37
C GLY D 262 10.99 -34.20 -33.25
N LYS D 263 11.81 -33.15 -33.19
CA LYS D 263 11.58 -31.98 -34.05
C LYS D 263 11.62 -32.36 -35.52
N LEU D 264 12.60 -33.19 -35.91
CA LEU D 264 12.73 -33.59 -37.31
C LEU D 264 11.59 -34.51 -37.73
N ASN D 265 11.13 -35.38 -36.83
CA ASN D 265 10.00 -36.25 -37.16
C ASN D 265 8.72 -35.45 -37.34
N TRP D 266 8.56 -34.36 -36.58
CA TRP D 266 7.37 -33.54 -36.74
C TRP D 266 7.37 -32.83 -38.09
N ALA D 267 8.52 -32.32 -38.51
CA ALA D 267 8.62 -31.57 -39.76
C ALA D 267 8.45 -32.45 -40.98
N SER D 268 8.63 -33.78 -40.84
CA SER D 268 8.42 -34.67 -41.97
C SER D 268 6.98 -34.64 -42.47
N GLN D 269 6.04 -34.17 -41.63
CA GLN D 269 4.68 -33.95 -42.07
C GLN D 269 4.59 -32.82 -43.09
N ILE D 270 5.61 -31.97 -43.17
CA ILE D 270 5.67 -30.87 -44.12
C ILE D 270 6.63 -31.20 -45.28
N TYR D 271 7.90 -31.46 -44.97
CA TYR D 271 8.89 -31.87 -45.95
C TYR D 271 8.99 -33.39 -45.91
N PRO D 272 8.42 -34.11 -46.88
CA PRO D 272 8.39 -35.58 -46.78
C PRO D 272 9.75 -36.24 -46.91
N GLY D 273 10.76 -35.54 -47.41
CA GLY D 273 12.08 -36.12 -47.60
C GLY D 273 12.92 -36.24 -46.35
N ILE D 274 12.37 -35.91 -45.19
CA ILE D 274 13.14 -35.95 -43.95
C ILE D 274 13.37 -37.39 -43.53
N LYS D 275 14.59 -37.69 -43.08
CA LYS D 275 14.96 -39.01 -42.60
C LYS D 275 15.46 -38.93 -41.16
N VAL D 276 15.06 -39.89 -40.34
CA VAL D 276 15.47 -40.00 -38.95
C VAL D 276 16.13 -41.35 -38.66
N ARG D 277 16.39 -42.14 -39.70
CA ARG D 277 16.89 -43.50 -39.51
C ARG D 277 18.27 -43.49 -38.84
N GLN D 278 19.25 -42.88 -39.50
CA GLN D 278 20.61 -42.87 -38.97
C GLN D 278 20.73 -42.10 -37.67
N LEU D 279 19.83 -41.15 -37.40
CA LEU D 279 19.88 -40.43 -36.14
C LEU D 279 19.31 -41.26 -35.00
N SER D 280 18.28 -42.06 -35.30
CA SER D 280 17.71 -42.93 -34.27
C SER D 280 18.63 -44.10 -33.95
N LYS D 281 19.45 -44.54 -34.92
CA LYS D 281 20.44 -45.57 -34.65
C LYS D 281 21.39 -45.17 -33.54
N LEU D 282 21.70 -43.88 -33.43
CA LEU D 282 22.54 -43.39 -32.34
C LEU D 282 21.86 -43.49 -30.98
N LEU D 283 20.59 -43.85 -30.95
CA LEU D 283 19.82 -43.98 -29.72
C LEU D 283 19.26 -45.39 -29.57
N ARG D 284 20.05 -46.41 -29.94
CA ARG D 284 19.56 -47.76 -29.83
C ARG D 284 19.64 -48.33 -28.42
N GLY D 285 20.53 -47.79 -27.58
CA GLY D 285 20.67 -48.28 -26.24
C GLY D 285 19.81 -47.51 -25.23
N THR D 286 19.56 -48.16 -24.09
CA THR D 286 18.80 -47.55 -23.00
C THR D 286 19.75 -46.64 -22.20
N LYS D 287 20.08 -45.50 -22.81
CA LYS D 287 21.11 -44.62 -22.31
C LYS D 287 20.53 -43.54 -21.41
N ALA D 288 21.37 -43.01 -20.52
CA ALA D 288 21.00 -41.84 -19.75
C ALA D 288 20.91 -40.63 -20.66
N LEU D 289 20.21 -39.59 -20.18
CA LEU D 289 19.93 -38.44 -21.02
C LEU D 289 21.13 -37.52 -21.20
N THR D 290 22.00 -37.42 -20.19
CA THR D 290 23.15 -36.52 -20.25
C THR D 290 24.39 -37.18 -20.84
N GLU D 291 24.26 -38.36 -21.43
CA GLU D 291 25.40 -39.05 -22.02
C GLU D 291 25.72 -38.47 -23.39
N VAL D 292 26.99 -38.10 -23.60
CA VAL D 292 27.40 -37.51 -24.87
C VAL D 292 27.48 -38.60 -25.92
N ILE D 293 26.90 -38.34 -27.08
CA ILE D 293 26.87 -39.28 -28.19
C ILE D 293 27.65 -38.69 -29.36
N PRO D 294 28.73 -39.31 -29.81
CA PRO D 294 29.36 -38.87 -31.07
C PRO D 294 28.50 -39.25 -32.26
N LEU D 295 28.56 -38.41 -33.29
CA LEU D 295 27.75 -38.61 -34.48
C LEU D 295 28.51 -39.48 -35.48
N THR D 296 27.89 -40.58 -35.91
CA THR D 296 28.46 -41.41 -36.95
C THR D 296 28.47 -40.65 -38.27
N GLU D 297 29.31 -41.13 -39.20
CA GLU D 297 29.41 -40.46 -40.49
C GLU D 297 28.10 -40.54 -41.26
N GLU D 298 27.34 -41.62 -41.07
CA GLU D 298 26.05 -41.74 -41.75
C GLU D 298 24.99 -40.83 -41.14
N ALA D 299 25.13 -40.51 -39.85
CA ALA D 299 24.22 -39.56 -39.23
C ALA D 299 24.53 -38.13 -39.68
N GLU D 300 25.82 -37.77 -39.72
CA GLU D 300 26.20 -36.42 -40.14
C GLU D 300 25.80 -36.15 -41.59
N LEU D 301 25.86 -37.18 -42.45
CA LEU D 301 25.41 -37.01 -43.82
C LEU D 301 23.89 -36.99 -43.92
N GLU D 302 23.20 -37.64 -42.99
CA GLU D 302 21.73 -37.57 -42.97
C GLU D 302 21.26 -36.21 -42.48
N LEU D 303 21.94 -35.65 -41.48
CA LEU D 303 21.59 -34.32 -41.00
C LEU D 303 21.88 -33.26 -42.06
N ALA D 304 22.97 -33.44 -42.81
CA ALA D 304 23.30 -32.50 -43.87
C ALA D 304 22.20 -32.45 -44.93
N GLU D 305 21.73 -33.62 -45.35
CA GLU D 305 20.64 -33.66 -46.32
C GLU D 305 19.35 -33.10 -45.73
N ASN D 306 19.13 -33.29 -44.43
CA ASN D 306 17.94 -32.72 -43.80
C ASN D 306 17.96 -31.20 -43.82
N ARG D 307 19.14 -30.60 -43.58
CA ARG D 307 19.23 -29.15 -43.62
C ARG D 307 19.15 -28.62 -45.04
N GLU D 308 19.59 -29.40 -46.03
CA GLU D 308 19.44 -28.99 -47.43
C GLU D 308 18.00 -29.15 -47.91
N ILE D 309 17.17 -29.89 -47.20
CA ILE D 309 15.75 -29.97 -47.53
C ILE D 309 14.96 -28.81 -46.93
N LEU D 310 15.36 -28.35 -45.74
CA LEU D 310 14.68 -27.21 -45.12
C LEU D 310 15.00 -25.90 -45.82
N LYS D 311 16.12 -25.82 -46.55
CA LYS D 311 16.43 -24.61 -47.31
C LYS D 311 15.46 -24.43 -48.47
N GLU D 312 15.04 -25.53 -49.09
CA GLU D 312 14.11 -25.47 -50.20
C GLU D 312 12.73 -25.01 -49.72
N PRO D 313 11.94 -24.40 -50.60
CA PRO D 313 10.57 -24.02 -50.22
C PRO D 313 9.65 -25.23 -50.12
N VAL D 314 8.42 -25.02 -49.69
CA VAL D 314 7.45 -26.11 -49.57
C VAL D 314 6.86 -26.40 -50.94
N HIS D 315 6.86 -27.67 -51.32
CA HIS D 315 6.38 -28.07 -52.64
C HIS D 315 4.87 -28.18 -52.65
N GLY D 316 4.24 -27.57 -53.65
CA GLY D 316 2.81 -27.72 -53.85
C GLY D 316 1.94 -26.90 -52.93
N VAL D 317 2.34 -25.66 -52.64
CA VAL D 317 1.55 -24.74 -51.82
C VAL D 317 0.95 -23.70 -52.75
N TYR D 318 -0.35 -23.80 -52.99
CA TYR D 318 -1.07 -22.87 -53.85
C TYR D 318 -2.32 -22.38 -53.16
N TYR D 319 -2.56 -21.08 -53.24
CA TYR D 319 -3.73 -20.48 -52.61
C TYR D 319 -5.00 -20.83 -53.37
N ASP D 320 -6.05 -21.14 -52.62
CA ASP D 320 -7.34 -21.49 -53.19
C ASP D 320 -8.39 -20.48 -52.72
N PRO D 321 -8.91 -19.63 -53.61
CA PRO D 321 -9.92 -18.64 -53.18
C PRO D 321 -11.25 -19.26 -52.76
N SER D 322 -11.46 -20.55 -52.99
CA SER D 322 -12.70 -21.20 -52.59
C SER D 322 -12.69 -21.68 -51.15
N LYS D 323 -11.53 -21.71 -50.50
CA LYS D 323 -11.39 -22.21 -49.14
C LYS D 323 -11.14 -21.05 -48.17
N ASP D 324 -11.33 -21.34 -46.89
CA ASP D 324 -11.10 -20.37 -45.83
C ASP D 324 -9.64 -20.38 -45.40
N LEU D 325 -9.20 -19.26 -44.84
CA LEU D 325 -7.87 -19.15 -44.27
C LEU D 325 -7.92 -19.47 -42.79
N ILE D 326 -6.95 -20.25 -42.32
CA ILE D 326 -6.82 -20.61 -40.91
C ILE D 326 -5.46 -20.14 -40.43
N ALA D 327 -5.44 -19.52 -39.24
CA ALA D 327 -4.22 -18.98 -38.66
C ALA D 327 -4.04 -19.51 -37.26
N GLU D 328 -2.85 -20.03 -36.96
CA GLU D 328 -2.48 -20.45 -35.62
C GLU D 328 -1.41 -19.52 -35.07
N ILE D 329 -1.36 -19.43 -33.74
CA ILE D 329 -0.43 -18.55 -33.04
C ILE D 329 0.15 -19.32 -31.86
N GLN D 330 1.45 -19.13 -31.61
CA GLN D 330 2.13 -19.75 -30.49
C GLN D 330 2.92 -18.70 -29.74
N LYS D 331 2.99 -18.86 -28.42
CA LYS D 331 3.70 -17.92 -27.56
C LYS D 331 5.09 -18.48 -27.29
N GLN D 332 6.10 -17.84 -27.85
CA GLN D 332 7.49 -18.27 -27.72
C GLN D 332 8.19 -17.62 -26.53
N GLY D 333 7.46 -16.91 -25.67
CA GLY D 333 8.07 -16.24 -24.54
C GLY D 333 8.93 -15.06 -24.97
N GLN D 334 9.45 -14.30 -24.00
CA GLN D 334 10.31 -13.14 -24.26
C GLN D 334 9.65 -12.10 -25.15
N GLY D 335 8.31 -12.11 -25.22
CA GLY D 335 7.59 -11.24 -26.13
C GLY D 335 7.53 -11.72 -27.56
N GLN D 336 8.07 -12.89 -27.87
CA GLN D 336 8.08 -13.41 -29.23
C GLN D 336 6.82 -14.22 -29.49
N TRP D 337 6.33 -14.13 -30.74
CA TRP D 337 5.11 -14.83 -31.15
C TRP D 337 5.31 -15.34 -32.58
N THR D 338 5.04 -16.62 -32.79
CA THR D 338 5.11 -17.22 -34.11
C THR D 338 3.71 -17.51 -34.63
N TYR D 339 3.58 -17.57 -35.95
CA TYR D 339 2.28 -17.80 -36.56
C TYR D 339 2.45 -18.40 -37.95
N GLN D 340 1.42 -19.14 -38.36
CA GLN D 340 1.35 -19.71 -39.70
C GLN D 340 -0.07 -19.54 -40.23
N ILE D 341 -0.19 -19.40 -41.55
CA ILE D 341 -1.48 -19.29 -42.22
C ILE D 341 -1.56 -20.40 -43.25
N TYR D 342 -2.70 -21.10 -43.28
CA TYR D 342 -2.85 -22.24 -44.18
C TYR D 342 -4.33 -22.46 -44.45
N GLN D 343 -4.60 -23.31 -45.45
CA GLN D 343 -5.94 -23.82 -45.74
C GLN D 343 -6.04 -25.31 -45.50
N GLU D 344 -5.00 -26.06 -45.84
CA GLU D 344 -4.83 -27.46 -45.55
C GLU D 344 -3.65 -27.65 -44.60
N PRO D 345 -3.70 -28.61 -43.69
CA PRO D 345 -2.62 -28.77 -42.71
C PRO D 345 -1.29 -29.03 -43.39
N PHE D 346 -0.24 -28.43 -42.82
CA PHE D 346 1.15 -28.57 -43.23
C PHE D 346 1.40 -27.98 -44.63
N LYS D 347 0.38 -27.41 -45.26
CA LYS D 347 0.55 -26.70 -46.54
C LYS D 347 0.53 -25.20 -46.26
N ASN D 348 1.58 -24.75 -45.62
CA ASN D 348 1.67 -23.36 -45.17
C ASN D 348 1.83 -22.42 -46.36
N LEU D 349 0.94 -21.44 -46.47
CA LEU D 349 1.10 -20.39 -47.48
C LEU D 349 2.10 -19.35 -47.02
N LYS D 350 2.05 -18.96 -45.75
CA LYS D 350 3.00 -18.02 -45.19
C LYS D 350 3.16 -18.32 -43.70
N THR D 351 4.42 -18.40 -43.25
CA THR D 351 4.76 -18.49 -41.85
C THR D 351 5.39 -17.17 -41.40
N GLY D 352 5.35 -16.91 -40.10
CA GLY D 352 5.87 -15.63 -39.66
C GLY D 352 6.13 -15.58 -38.17
N LYS D 353 6.65 -14.43 -37.74
CA LYS D 353 6.94 -14.14 -36.36
C LYS D 353 6.66 -12.67 -36.10
N TYR D 354 6.02 -12.38 -34.96
CA TYR D 354 5.72 -11.02 -34.53
C TYR D 354 6.35 -10.82 -33.17
N ALA D 355 6.86 -9.62 -32.90
CA ALA D 355 7.72 -9.46 -31.74
C ALA D 355 7.69 -8.05 -31.17
N ARG D 356 7.59 -7.97 -29.84
CA ARG D 356 8.04 -6.86 -29.02
C ARG D 356 7.49 -5.52 -29.50
N MET D 357 6.21 -5.31 -29.17
CA MET D 357 5.59 -4.03 -29.43
C MET D 357 5.24 -3.35 -28.10
N ARG D 358 4.15 -2.59 -28.07
CA ARG D 358 3.92 -1.67 -26.95
C ARG D 358 3.74 -2.41 -25.64
N GLY D 359 2.92 -3.46 -25.63
CA GLY D 359 2.75 -4.28 -24.45
C GLY D 359 3.97 -5.11 -24.18
N ALA D 360 5.12 -4.47 -23.96
CA ALA D 360 6.41 -5.15 -23.93
C ALA D 360 6.55 -5.93 -22.63
N HIS D 361 6.21 -7.20 -22.73
CA HIS D 361 6.37 -8.10 -21.61
C HIS D 361 5.53 -7.74 -20.44
N THR D 362 4.61 -6.82 -20.64
CA THR D 362 3.76 -6.37 -19.55
C THR D 362 2.45 -7.08 -19.73
N ASN D 363 1.91 -6.99 -20.94
CA ASN D 363 0.63 -7.63 -21.22
C ASN D 363 0.79 -8.68 -22.29
N ASP D 364 0.34 -9.89 -22.00
CA ASP D 364 0.40 -10.97 -22.97
C ASP D 364 -0.75 -10.81 -23.91
N VAL D 365 -1.91 -10.48 -23.35
CA VAL D 365 -3.12 -10.35 -24.15
C VAL D 365 -2.98 -9.22 -25.16
N LYS D 366 -2.44 -8.07 -24.73
CA LYS D 366 -2.21 -6.96 -25.66
C LYS D 366 -1.30 -7.36 -26.80
N GLN D 367 -0.20 -8.08 -26.51
CA GLN D 367 0.65 -8.61 -27.56
C GLN D 367 -0.13 -9.49 -28.52
N LEU D 368 -0.94 -10.40 -27.97
CA LEU D 368 -1.72 -11.30 -28.83
C LEU D 368 -2.69 -10.54 -29.71
N THR D 369 -3.38 -9.54 -29.13
CA THR D 369 -4.30 -8.73 -29.92
C THR D 369 -3.58 -8.03 -31.07
N GLU D 370 -2.49 -7.32 -30.76
CA GLU D 370 -1.72 -6.65 -31.80
C GLU D 370 -1.15 -7.67 -32.80
N ALA D 371 -0.87 -8.89 -32.35
CA ALA D 371 -0.44 -9.93 -33.27
C ALA D 371 -1.58 -10.34 -34.20
N VAL D 372 -2.80 -10.41 -33.67
CA VAL D 372 -3.95 -10.76 -34.50
C VAL D 372 -4.23 -9.67 -35.51
N GLN D 373 -4.07 -8.40 -35.11
CA GLN D 373 -4.33 -7.30 -36.03
C GLN D 373 -3.30 -7.27 -37.16
N LYS D 374 -2.02 -7.43 -36.83
CA LYS D 374 -0.97 -7.40 -37.84
C LYS D 374 -1.12 -8.56 -38.82
N ILE D 375 -1.58 -9.71 -38.35
CA ILE D 375 -1.76 -10.87 -39.23
C ILE D 375 -2.94 -10.65 -40.16
N THR D 376 -4.06 -10.14 -39.64
CA THR D 376 -5.22 -9.90 -40.48
C THR D 376 -4.93 -8.83 -41.53
N THR D 377 -4.20 -7.77 -41.15
CA THR D 377 -3.78 -6.77 -42.11
C THR D 377 -2.98 -7.40 -43.24
N GLU D 378 -2.07 -8.32 -42.90
CA GLU D 378 -1.29 -9.00 -43.93
C GLU D 378 -2.17 -9.87 -44.81
N SER D 379 -3.15 -10.56 -44.22
CA SER D 379 -4.01 -11.45 -45.01
C SER D 379 -4.85 -10.65 -46.01
N ILE D 380 -5.31 -9.46 -45.62
CA ILE D 380 -6.10 -8.64 -46.53
C ILE D 380 -5.25 -8.20 -47.72
N VAL D 381 -4.01 -7.77 -47.46
CA VAL D 381 -3.16 -7.27 -48.53
C VAL D 381 -2.79 -8.38 -49.51
N ILE D 382 -2.61 -9.59 -49.01
CA ILE D 382 -2.09 -10.68 -49.85
C ILE D 382 -3.20 -11.44 -50.54
N TRP D 383 -4.30 -11.77 -49.85
CA TRP D 383 -5.38 -12.55 -50.44
C TRP D 383 -6.73 -11.87 -50.43
N GLY D 384 -6.95 -10.88 -49.58
CA GLY D 384 -8.25 -10.25 -49.50
C GLY D 384 -9.26 -10.99 -48.66
N LYS D 385 -8.80 -11.77 -47.68
CA LYS D 385 -9.66 -12.46 -46.74
C LYS D 385 -9.18 -12.19 -45.33
N THR D 386 -10.00 -12.55 -44.35
CA THR D 386 -9.62 -12.51 -42.94
C THR D 386 -9.62 -13.94 -42.40
N PRO D 387 -8.49 -14.45 -41.92
CA PRO D 387 -8.44 -15.84 -41.49
C PRO D 387 -9.18 -16.05 -40.18
N LYS D 388 -9.53 -17.31 -39.94
CA LYS D 388 -10.10 -17.72 -38.67
C LYS D 388 -8.97 -18.16 -37.74
N PHE D 389 -8.85 -17.51 -36.59
CA PHE D 389 -7.71 -17.68 -35.72
C PHE D 389 -7.90 -18.80 -34.72
N LYS D 390 -6.84 -19.56 -34.49
CA LYS D 390 -6.75 -20.52 -33.38
C LYS D 390 -5.91 -19.85 -32.30
N LEU D 391 -6.58 -19.33 -31.26
CA LEU D 391 -5.93 -18.44 -30.30
C LEU D 391 -5.42 -19.23 -29.10
N PRO D 392 -4.14 -19.11 -28.75
CA PRO D 392 -3.58 -19.80 -27.57
C PRO D 392 -3.88 -19.06 -26.27
N ILE D 393 -5.17 -18.98 -25.92
CA ILE D 393 -5.61 -18.28 -24.72
C ILE D 393 -6.92 -18.89 -24.27
N GLN D 394 -7.11 -18.94 -22.96
CA GLN D 394 -8.40 -19.36 -22.41
C GLN D 394 -9.49 -18.40 -22.88
N LYS D 395 -10.71 -18.95 -23.04
CA LYS D 395 -11.79 -18.19 -23.66
C LYS D 395 -12.18 -16.97 -22.84
N GLU D 396 -12.30 -17.14 -21.51
CA GLU D 396 -12.72 -16.02 -20.67
C GLU D 396 -11.64 -14.97 -20.54
N THR D 397 -10.36 -15.37 -20.62
CA THR D 397 -9.29 -14.38 -20.56
C THR D 397 -9.29 -13.47 -21.78
N TRP D 398 -9.64 -14.02 -22.95
CA TRP D 398 -9.65 -13.22 -24.17
C TRP D 398 -10.85 -12.31 -24.25
N GLU D 399 -12.03 -12.81 -23.86
CA GLU D 399 -13.26 -12.02 -24.02
C GLU D 399 -13.35 -10.86 -23.04
N THR D 400 -12.65 -10.95 -21.90
CA THR D 400 -12.73 -9.88 -20.91
C THR D 400 -11.95 -8.65 -21.35
N TRP D 401 -10.81 -8.84 -22.02
CA TRP D 401 -9.85 -7.77 -22.22
C TRP D 401 -9.68 -7.34 -23.68
N TRP D 402 -10.09 -8.15 -24.65
CA TRP D 402 -9.64 -7.94 -26.03
C TRP D 402 -10.12 -6.60 -26.59
N THR D 403 -11.28 -6.11 -26.15
CA THR D 403 -11.78 -4.83 -26.63
C THR D 403 -10.92 -3.66 -26.16
N GLU D 404 -10.12 -3.85 -25.11
CA GLU D 404 -9.31 -2.77 -24.58
C GLU D 404 -8.15 -2.39 -25.49
N TYR D 405 -7.69 -3.32 -26.34
CA TYR D 405 -6.51 -3.11 -27.17
C TYR D 405 -6.80 -3.26 -28.65
N TRP D 406 -8.07 -3.18 -29.06
CA TRP D 406 -8.44 -3.36 -30.45
C TRP D 406 -8.42 -2.00 -31.15
N GLN D 407 -7.77 -1.95 -32.31
CA GLN D 407 -7.59 -0.69 -33.03
C GLN D 407 -7.82 -0.85 -34.53
N ALA D 408 -8.74 -1.72 -34.92
CA ALA D 408 -9.07 -1.92 -36.33
C ALA D 408 -10.58 -1.83 -36.51
N THR D 409 -11.01 -1.62 -37.75
CA THR D 409 -12.42 -1.51 -38.08
C THR D 409 -13.08 -2.84 -38.36
N TRP D 410 -12.30 -3.90 -38.59
CA TRP D 410 -12.82 -5.24 -38.80
C TRP D 410 -12.52 -6.12 -37.60
N ILE D 411 -13.22 -7.25 -37.52
CA ILE D 411 -13.03 -8.23 -36.47
C ILE D 411 -13.03 -9.62 -37.10
N PRO D 412 -11.96 -10.39 -36.99
CA PRO D 412 -11.92 -11.72 -37.60
C PRO D 412 -12.62 -12.74 -36.71
N GLU D 413 -12.88 -13.90 -37.31
CA GLU D 413 -13.41 -15.03 -36.56
C GLU D 413 -12.28 -15.73 -35.82
N TRP D 414 -12.58 -16.25 -34.63
CA TRP D 414 -11.56 -16.90 -33.83
C TRP D 414 -12.15 -18.06 -33.05
N GLU D 415 -11.28 -19.00 -32.72
CA GLU D 415 -11.59 -20.13 -31.84
C GLU D 415 -10.39 -20.36 -30.93
N PHE D 416 -10.65 -20.93 -29.76
CA PHE D 416 -9.65 -21.00 -28.70
C PHE D 416 -9.09 -22.43 -28.61
N VAL D 417 -7.77 -22.54 -28.79
CA VAL D 417 -7.07 -23.80 -28.64
C VAL D 417 -6.42 -23.80 -27.26
N ASN D 418 -6.98 -24.59 -26.34
CA ASN D 418 -6.44 -24.74 -25.01
C ASN D 418 -5.42 -25.88 -24.91
N THR D 419 -5.16 -26.58 -26.00
CA THR D 419 -4.22 -27.69 -26.01
C THR D 419 -2.80 -27.17 -26.17
N PRO D 420 -1.85 -27.67 -25.37
CA PRO D 420 -0.46 -27.28 -25.56
C PRO D 420 0.03 -27.68 -26.93
N PRO D 421 0.97 -26.93 -27.51
CA PRO D 421 1.46 -27.25 -28.85
C PRO D 421 2.71 -28.10 -28.84
N LEU D 422 2.78 -29.04 -29.79
CA LEU D 422 4.04 -29.69 -30.12
C LEU D 422 4.94 -28.78 -30.95
N VAL D 423 4.43 -27.65 -31.42
CA VAL D 423 5.12 -26.86 -32.41
C VAL D 423 6.12 -25.91 -31.76
N LYS D 424 7.15 -26.49 -31.16
CA LYS D 424 8.25 -25.70 -30.64
C LYS D 424 9.06 -25.61 -31.89
N LEU D 425 8.48 -26.09 -32.97
CA LEU D 425 9.19 -26.11 -34.22
C LEU D 425 9.55 -24.79 -34.80
N TRP D 426 8.69 -23.81 -34.73
CA TRP D 426 8.93 -22.57 -35.41
C TRP D 426 9.93 -21.60 -34.84
N TYR D 427 10.33 -21.79 -33.61
CA TYR D 427 11.38 -20.95 -33.02
C TYR D 427 12.15 -21.79 -32.02
N GLN D 428 13.41 -22.08 -32.34
CA GLN D 428 14.27 -22.87 -31.46
C GLN D 428 15.41 -22.02 -30.93
#